data_2IS1
#
_entry.id   2IS1
#
_cell.length_a   152.451
_cell.length_b   94.490
_cell.length_c   136.443
_cell.angle_alpha   90.00
_cell.angle_beta   90.00
_cell.angle_gamma   90.00
#
_symmetry.space_group_name_H-M   'P 21 21 2'
#
loop_
_entity.id
_entity.type
_entity.pdbx_description
1 polymer "5'-D(*GP*CP*AP*GP*TP*GP*CP*TP*CP*GP*TP*TP*TP*TP*TP*TP*T)-3'"
2 polymer "5'-D(*CP*GP*AP*GP*CP*AP*CP*TP*GP*C)-3'"
3 polymer 'DNA helicase II'
4 non-polymer 'MERCURY (II) ION'
5 non-polymer 'SULFATE ION'
6 non-polymer GLYCEROL
7 water water
#
loop_
_entity_poly.entity_id
_entity_poly.type
_entity_poly.pdbx_seq_one_letter_code
_entity_poly.pdbx_strand_id
1 'polydeoxyribonucleotide' (DG)(DC)(DA)(DG)(DT)(DG)(DC)(DT)(DC)(DG)(DT)(DT)(DT)(DT)(DT)(DT)(DT) C,E
2 'polydeoxyribonucleotide' (DC)(DG)(DA)(DG)(DC)(DA)(DC)(DT)(DG)(DC) D,F
3 'polypeptide(L)'
;MDVSYLLDSLNDKQREAVAAPRSNLLVLAGAGSGKTRVLVHRIAWLMSVENCSPYSIMAVTFTNKAAAEMRHRIGQLMGT
SQGGMWVGTFHGLAHRLLRAHHMDANLPQDFQILDSEDQLRLLKRLIKAMNLDEKQWPPRQAMWYINSQKDEGLRPHHIQ
SYGNPVEQTWQKVYQAYQEACDRAGLVDFAELLLRAHELWLNKPHILQHYRERFTNILVDEFQDTNNIQYAWIRLLAGDT
GKVMIVGDDDQSIYGWRGAQVENIQRFLNDFPGAETIRLEQNYRSTSNILSAANALIENNNGRLGKKLWTDGADGEPISL
YCAFNELDEARFVVNRIKTWQDNGGALAECAILYRSNAQSRVLEEALLQASMPYRIYGGMRFFERQEIKDALSYLRLIVN
RNDDAAFERVVNTPTRGIGDRTLDVVRQTSRDRQLTLWQACRELLQEKALAGRAASALQRFMELIDALAQETADMPLHVQ
TDRVIKDSGLRTMYEQEKGEKGQTRIENLEELVTATRQFSYNEEDEDLMPLQAFLSHAALEAGEGQADTWQDAVQLMTLH
SAKGLEFPQVFIVGMEEGMFPSQMSLDEGGRLEEERRLAYVGVTRAMQKLTLTYAETRRLYGKEVYHRPSRFIGELPEEC
VEEVRLRATVSRPVSHQRMGTPMVENDSGYKLGQRVRHAK
;
A,B
#
loop_
_chem_comp.id
_chem_comp.type
_chem_comp.name
_chem_comp.formula
DA DNA linking 2'-DEOXYADENOSINE-5'-MONOPHOSPHATE 'C10 H14 N5 O6 P'
DC DNA linking 2'-DEOXYCYTIDINE-5'-MONOPHOSPHATE 'C9 H14 N3 O7 P'
DG DNA linking 2'-DEOXYGUANOSINE-5'-MONOPHOSPHATE 'C10 H14 N5 O7 P'
DT DNA linking THYMIDINE-5'-MONOPHOSPHATE 'C10 H15 N2 O8 P'
GOL non-polymer GLYCEROL 'C3 H8 O3'
HG non-polymer 'MERCURY (II) ION' 'Hg 2'
SO4 non-polymer 'SULFATE ION' 'O4 S -2'
#
# COMPACT_ATOMS: atom_id res chain seq x y z
N ASP E 2 4.91 -45.09 59.01
CA ASP E 2 4.80 -45.09 60.52
C ASP E 2 4.16 -43.79 61.05
N VAL E 3 3.13 -43.93 61.88
CA VAL E 3 2.41 -42.77 62.43
C VAL E 3 3.34 -41.70 63.00
N SER E 4 4.37 -42.11 63.71
CA SER E 4 5.28 -41.11 64.27
C SER E 4 6.19 -40.50 63.22
N TYR E 5 6.54 -41.29 62.22
CA TYR E 5 7.40 -40.79 61.16
C TYR E 5 6.85 -39.54 60.48
N LEU E 6 5.53 -39.45 60.39
CA LEU E 6 4.88 -38.33 59.72
C LEU E 6 4.35 -37.21 60.62
N LEU E 7 4.24 -37.45 61.91
CA LEU E 7 3.69 -36.43 62.81
C LEU E 7 4.66 -35.75 63.76
N ASP E 8 5.73 -36.43 64.11
CA ASP E 8 6.69 -35.85 65.06
C ASP E 8 7.30 -34.49 64.75
N SER E 9 7.77 -34.29 63.54
CA SER E 9 8.37 -33.00 63.22
C SER E 9 7.33 -31.90 63.13
N LEU E 10 6.08 -32.28 62.83
CA LEU E 10 4.98 -31.32 62.67
C LEU E 10 4.44 -30.78 63.99
N ASN E 11 3.94 -29.56 63.99
CA ASN E 11 3.40 -28.95 65.20
C ASN E 11 1.96 -29.36 65.51
N ASP E 12 1.51 -28.99 66.70
CA ASP E 12 0.17 -29.32 67.18
C ASP E 12 -0.98 -29.15 66.19
N LYS E 13 -1.13 -27.97 65.61
CA LYS E 13 -2.21 -27.75 64.65
C LYS E 13 -1.94 -28.25 63.24
N GLN E 14 -0.68 -28.50 62.90
CA GLN E 14 -0.38 -29.06 61.59
C GLN E 14 -0.79 -30.54 61.65
N ARG E 15 -0.50 -31.19 62.78
CA ARG E 15 -0.84 -32.60 62.99
C ARG E 15 -2.34 -32.76 62.84
N GLU E 16 -3.05 -31.81 63.44
CA GLU E 16 -4.50 -31.82 63.34
C GLU E 16 -4.89 -32.03 61.90
N ALA E 17 -4.25 -31.28 61.01
CA ALA E 17 -4.52 -31.33 59.58
C ALA E 17 -3.98 -32.60 58.94
N VAL E 18 -2.71 -32.91 59.19
CA VAL E 18 -2.13 -34.10 58.59
C VAL E 18 -2.83 -35.38 58.99
N ALA E 19 -3.25 -35.47 60.25
CA ALA E 19 -3.88 -36.66 60.78
C ALA E 19 -5.41 -36.72 60.85
N ALA E 20 -6.09 -35.68 60.42
CA ALA E 20 -7.54 -35.70 60.47
C ALA E 20 -8.10 -36.89 59.70
N PRO E 21 -9.37 -37.24 59.94
CA PRO E 21 -9.97 -38.37 59.24
C PRO E 21 -10.26 -37.99 57.78
N ARG E 22 -10.37 -38.98 56.90
CA ARG E 22 -10.68 -38.70 55.50
C ARG E 22 -11.99 -37.94 55.40
N SER E 23 -11.95 -36.73 54.89
CA SER E 23 -13.15 -35.94 54.81
C SER E 23 -12.88 -34.65 54.07
N ASN E 24 -13.89 -33.79 54.03
CA ASN E 24 -13.71 -32.51 53.38
C ASN E 24 -13.32 -31.60 54.51
N LEU E 25 -12.28 -30.79 54.29
CA LEU E 25 -11.86 -29.85 55.31
C LEU E 25 -11.14 -28.71 54.65
N LEU E 26 -11.13 -27.59 55.35
CA LEU E 26 -10.49 -26.38 54.90
C LEU E 26 -9.33 -26.11 55.86
N VAL E 27 -8.11 -26.17 55.34
CA VAL E 27 -6.93 -25.87 56.15
C VAL E 27 -6.59 -24.43 55.84
N LEU E 28 -6.94 -23.51 56.73
CA LEU E 28 -6.68 -22.08 56.56
C LEU E 28 -5.22 -21.82 56.95
N ALA E 29 -4.34 -21.80 55.97
CA ALA E 29 -2.91 -21.62 56.22
C ALA E 29 -2.46 -20.17 56.35
N GLY E 30 -1.95 -19.82 57.53
CA GLY E 30 -1.49 -18.47 57.73
C GLY E 30 -0.33 -18.24 56.80
N ALA E 31 0.36 -17.11 56.93
CA ALA E 31 1.48 -16.81 56.07
C ALA E 31 2.66 -17.78 56.17
N GLY E 32 3.51 -17.67 57.19
CA GLY E 32 4.64 -18.59 57.22
C GLY E 32 4.36 -19.84 58.04
N SER E 33 3.20 -20.44 57.78
CA SER E 33 2.74 -21.62 58.51
C SER E 33 3.14 -23.01 57.99
N GLY E 34 3.79 -23.07 56.83
CA GLY E 34 4.19 -24.35 56.30
C GLY E 34 3.07 -25.18 55.66
N LYS E 35 2.17 -24.53 54.92
CA LYS E 35 1.07 -25.26 54.30
C LYS E 35 1.50 -26.38 53.36
N THR E 36 2.59 -26.16 52.62
CA THR E 36 3.05 -27.19 51.71
C THR E 36 3.42 -28.43 52.49
N ARG E 37 4.17 -28.23 53.56
CA ARG E 37 4.58 -29.32 54.42
C ARG E 37 3.34 -30.11 54.85
N VAL E 38 2.24 -29.40 55.09
CA VAL E 38 1.01 -30.08 55.48
C VAL E 38 0.47 -30.90 54.31
N LEU E 39 0.41 -30.30 53.13
CA LEU E 39 -0.05 -31.01 51.95
C LEU E 39 0.77 -32.27 51.66
N VAL E 40 2.09 -32.14 51.70
CA VAL E 40 2.96 -33.27 51.45
C VAL E 40 2.71 -34.34 52.51
N HIS E 41 2.93 -34.00 53.77
CA HIS E 41 2.72 -34.94 54.86
C HIS E 41 1.31 -35.55 54.85
N ARG E 42 0.30 -34.75 54.49
CA ARG E 42 -1.06 -35.25 54.43
C ARG E 42 -1.17 -36.40 53.43
N ILE E 43 -0.61 -36.20 52.25
CA ILE E 43 -0.64 -37.19 51.19
C ILE E 43 0.05 -38.49 51.59
N ALA E 44 1.23 -38.38 52.20
CA ALA E 44 1.95 -39.57 52.63
C ALA E 44 1.14 -40.26 53.72
N TRP E 45 0.35 -39.48 54.45
CA TRP E 45 -0.46 -40.06 55.50
C TRP E 45 -1.60 -40.86 54.89
N LEU E 46 -2.24 -40.28 53.88
CA LEU E 46 -3.34 -40.96 53.23
C LEU E 46 -2.88 -42.29 52.67
N MET E 47 -1.62 -42.36 52.24
CA MET E 47 -1.09 -43.59 51.68
C MET E 47 -0.64 -44.61 52.72
N SER E 48 0.11 -44.14 53.71
CA SER E 48 0.63 -45.00 54.77
C SER E 48 -0.38 -45.38 55.84
N VAL E 49 -1.11 -44.40 56.37
CA VAL E 49 -2.07 -44.65 57.43
C VAL E 49 -3.49 -45.08 57.00
N GLU E 50 -4.13 -44.28 56.16
CA GLU E 50 -5.48 -44.61 55.69
C GLU E 50 -5.36 -45.62 54.57
N ASN E 51 -4.12 -45.98 54.26
CA ASN E 51 -3.79 -46.93 53.20
C ASN E 51 -4.51 -46.75 51.87
N CYS E 52 -4.34 -45.58 51.26
CA CYS E 52 -4.96 -45.26 49.98
C CYS E 52 -3.96 -45.48 48.86
N SER E 53 -4.45 -45.81 47.67
CA SER E 53 -3.57 -46.04 46.54
C SER E 53 -3.11 -44.72 45.92
N PRO E 54 -1.81 -44.59 45.63
CA PRO E 54 -1.37 -43.33 45.03
C PRO E 54 -2.27 -42.89 43.88
N TYR E 55 -2.93 -43.86 43.23
CA TYR E 55 -3.81 -43.56 42.09
C TYR E 55 -5.10 -42.88 42.53
N SER E 56 -5.31 -42.82 43.83
CA SER E 56 -6.50 -42.20 44.37
C SER E 56 -6.25 -40.76 44.74
N ILE E 57 -5.02 -40.30 44.53
CA ILE E 57 -4.72 -38.95 44.92
C ILE E 57 -4.53 -37.96 43.79
N MET E 58 -5.16 -36.79 43.93
CA MET E 58 -5.05 -35.75 42.92
C MET E 58 -4.85 -34.41 43.61
N ALA E 59 -3.61 -33.93 43.61
CA ALA E 59 -3.28 -32.64 44.21
C ALA E 59 -3.23 -31.65 43.09
N VAL E 60 -3.95 -30.53 43.24
CA VAL E 60 -3.98 -29.50 42.22
C VAL E 60 -3.49 -28.16 42.72
N THR E 61 -2.65 -27.52 41.92
CA THR E 61 -2.09 -26.22 42.26
C THR E 61 -2.38 -25.26 41.10
N PHE E 62 -1.75 -24.09 41.12
CA PHE E 62 -1.99 -23.16 40.02
C PHE E 62 -0.75 -22.95 39.15
N THR E 63 0.40 -22.88 39.77
CA THR E 63 1.61 -22.69 38.99
C THR E 63 2.36 -23.99 38.85
N ASN E 64 3.24 -24.05 37.85
CA ASN E 64 4.04 -25.24 37.61
C ASN E 64 5.13 -25.35 38.67
N LYS E 65 5.68 -24.20 39.05
CA LYS E 65 6.70 -24.12 40.08
C LYS E 65 6.14 -24.94 41.22
N ALA E 66 4.95 -24.55 41.66
CA ALA E 66 4.24 -25.22 42.74
C ALA E 66 4.12 -26.72 42.49
N ALA E 67 3.50 -27.07 41.37
CA ALA E 67 3.30 -28.46 41.00
C ALA E 67 4.60 -29.24 41.14
N ALA E 68 5.69 -28.63 40.71
CA ALA E 68 7.00 -29.29 40.80
C ALA E 68 7.46 -29.38 42.25
N GLU E 69 7.50 -28.25 42.95
CA GLU E 69 7.92 -28.29 44.34
C GLU E 69 7.18 -29.43 45.03
N MET E 70 5.88 -29.53 44.79
CA MET E 70 5.09 -30.55 45.46
C MET E 70 5.44 -31.95 45.01
N ARG E 71 5.59 -32.12 43.71
CA ARG E 71 5.92 -33.43 43.19
C ARG E 71 7.29 -33.82 43.73
N HIS E 72 8.16 -32.83 43.88
CA HIS E 72 9.48 -33.11 44.40
C HIS E 72 9.45 -33.55 45.86
N ARG E 73 8.90 -32.70 46.72
CA ARG E 73 8.82 -32.97 48.16
C ARG E 73 8.09 -34.24 48.51
N ILE E 74 7.09 -34.60 47.72
CA ILE E 74 6.34 -35.81 47.99
C ILE E 74 7.28 -37.00 47.89
N GLY E 75 8.18 -36.95 46.92
CA GLY E 75 9.13 -38.02 46.69
C GLY E 75 10.12 -38.27 47.81
N GLN E 76 10.75 -37.22 48.31
CA GLN E 76 11.72 -37.38 49.37
C GLN E 76 11.13 -37.82 50.70
N LEU E 77 9.95 -37.33 51.04
CA LEU E 77 9.32 -37.74 52.28
C LEU E 77 8.97 -39.20 52.10
N MET E 78 8.73 -39.56 50.84
CA MET E 78 8.37 -40.92 50.47
C MET E 78 9.57 -41.72 50.00
N GLY E 79 9.30 -42.95 49.61
CA GLY E 79 10.38 -43.78 49.13
C GLY E 79 10.84 -43.31 47.76
N THR E 80 10.10 -43.72 46.73
CA THR E 80 10.48 -43.36 45.36
C THR E 80 9.50 -42.46 44.63
N SER E 81 9.45 -42.66 43.31
CA SER E 81 8.61 -41.92 42.37
C SER E 81 7.17 -41.70 42.83
N GLN E 82 6.52 -42.78 43.23
CA GLN E 82 5.14 -42.71 43.71
C GLN E 82 4.17 -42.42 42.56
N GLY E 83 4.39 -43.04 41.41
CA GLY E 83 3.53 -42.84 40.27
C GLY E 83 2.10 -43.27 40.50
N GLY E 84 1.21 -42.89 39.58
CA GLY E 84 -0.20 -43.24 39.68
C GLY E 84 -0.96 -42.10 40.31
N MET E 85 -0.19 -41.15 40.83
CA MET E 85 -0.74 -40.00 41.51
C MET E 85 -0.73 -38.74 40.67
N TRP E 86 -1.91 -38.21 40.36
CA TRP E 86 -2.01 -37.00 39.59
C TRP E 86 -1.68 -35.78 40.41
N VAL E 87 -0.60 -35.10 40.05
CA VAL E 87 -0.16 -33.88 40.72
C VAL E 87 0.01 -32.89 39.58
N GLY E 88 -0.61 -31.72 39.67
CA GLY E 88 -0.50 -30.77 38.60
C GLY E 88 -1.36 -29.56 38.81
N THR E 89 -1.55 -28.81 37.73
CA THR E 89 -2.35 -27.59 37.76
C THR E 89 -3.67 -27.82 37.05
N PHE E 90 -4.63 -26.94 37.30
CA PHE E 90 -5.92 -27.04 36.68
C PHE E 90 -5.76 -27.24 35.18
N HIS E 91 -5.08 -26.32 34.53
CA HIS E 91 -4.85 -26.41 33.10
C HIS E 91 -4.11 -27.69 32.72
N GLY E 92 -3.07 -28.02 33.48
CA GLY E 92 -2.31 -29.21 33.19
C GLY E 92 -3.13 -30.49 33.28
N LEU E 93 -3.90 -30.62 34.37
CA LEU E 93 -4.73 -31.79 34.57
C LEU E 93 -5.90 -31.76 33.58
N ALA E 94 -6.40 -30.56 33.31
CA ALA E 94 -7.47 -30.45 32.36
C ALA E 94 -6.92 -30.90 31.00
N HIS E 95 -5.74 -30.43 30.64
CA HIS E 95 -5.15 -30.81 29.36
C HIS E 95 -4.96 -32.30 29.25
N ARG E 96 -4.57 -32.91 30.37
CA ARG E 96 -4.33 -34.34 30.42
C ARG E 96 -5.59 -35.13 30.08
N LEU E 97 -6.72 -34.74 30.68
CA LEU E 97 -7.98 -35.38 30.44
C LEU E 97 -8.42 -35.26 28.99
N LEU E 98 -8.34 -34.05 28.45
CA LEU E 98 -8.74 -33.84 27.07
C LEU E 98 -7.90 -34.67 26.09
N ARG E 99 -6.69 -35.07 26.47
CA ARG E 99 -5.87 -35.88 25.56
C ARG E 99 -6.34 -37.32 25.62
N ALA E 100 -6.58 -37.78 26.84
CA ALA E 100 -7.03 -39.15 27.07
C ALA E 100 -8.40 -39.39 26.50
N HIS E 101 -9.23 -38.35 26.41
CA HIS E 101 -10.59 -38.52 25.89
C HIS E 101 -10.93 -37.51 24.81
N HIS E 102 -9.92 -37.13 24.04
CA HIS E 102 -10.10 -36.13 23.00
C HIS E 102 -11.28 -36.40 22.08
N MET E 103 -11.49 -37.66 21.74
CA MET E 103 -12.58 -38.03 20.85
C MET E 103 -13.95 -37.74 21.45
N ASP E 104 -14.10 -38.09 22.73
CA ASP E 104 -15.35 -37.86 23.46
C ASP E 104 -15.50 -36.39 23.76
N ALA E 105 -14.41 -35.65 23.61
CA ALA E 105 -14.41 -34.22 23.89
C ALA E 105 -14.61 -33.39 22.62
N ASN E 106 -14.80 -34.07 21.49
CA ASN E 106 -14.99 -33.40 20.21
C ASN E 106 -13.73 -32.65 19.76
N LEU E 107 -12.56 -33.14 20.18
CA LEU E 107 -11.28 -32.54 19.82
C LEU E 107 -10.48 -33.53 18.99
N PRO E 108 -9.66 -33.02 18.07
CA PRO E 108 -8.88 -33.95 17.27
C PRO E 108 -7.63 -34.47 18.02
N GLN E 109 -7.17 -35.64 17.57
CA GLN E 109 -5.99 -36.31 18.10
C GLN E 109 -5.00 -35.32 18.72
N ASP E 110 -4.43 -34.46 17.88
CA ASP E 110 -3.44 -33.50 18.34
C ASP E 110 -3.88 -32.02 18.34
N PHE E 111 -4.97 -31.71 19.04
CA PHE E 111 -5.41 -30.34 19.10
C PHE E 111 -4.21 -29.56 19.72
N GLN E 112 -4.08 -28.28 19.38
CA GLN E 112 -2.99 -27.44 19.88
C GLN E 112 -3.51 -26.35 20.80
N ILE E 113 -2.71 -25.97 21.80
CA ILE E 113 -3.11 -24.94 22.75
C ILE E 113 -2.69 -23.54 22.29
N LEU E 114 -3.51 -22.55 22.65
CA LEU E 114 -3.33 -21.14 22.29
C LEU E 114 -2.89 -20.28 23.47
N ASP E 115 -1.69 -19.71 23.38
CA ASP E 115 -1.20 -18.83 24.44
C ASP E 115 -1.75 -17.42 24.20
N SER E 116 -1.72 -16.56 25.21
CA SER E 116 -2.26 -15.20 25.06
C SER E 116 -2.04 -14.58 23.69
N GLU E 117 -0.78 -14.38 23.33
CA GLU E 117 -0.50 -13.75 22.06
C GLU E 117 -1.33 -14.38 20.98
N ASP E 118 -1.08 -15.66 20.70
CA ASP E 118 -1.83 -16.38 19.66
C ASP E 118 -3.29 -16.02 19.69
N GLN E 119 -3.91 -16.12 20.85
CA GLN E 119 -5.32 -15.80 20.99
C GLN E 119 -5.60 -14.37 20.61
N LEU E 120 -4.81 -13.46 21.17
CA LEU E 120 -4.98 -12.04 20.87
C LEU E 120 -4.96 -11.77 19.36
N ARG E 121 -3.96 -12.30 18.66
CA ARG E 121 -3.85 -12.09 17.23
C ARG E 121 -5.03 -12.62 16.46
N LEU E 122 -5.53 -13.77 16.88
CA LEU E 122 -6.65 -14.43 16.23
C LEU E 122 -7.90 -13.57 16.28
N LEU E 123 -8.09 -12.90 17.41
CA LEU E 123 -9.24 -12.03 17.58
C LEU E 123 -9.12 -10.88 16.62
N LYS E 124 -7.93 -10.30 16.58
CA LYS E 124 -7.64 -9.18 15.69
C LYS E 124 -8.01 -9.53 14.23
N ARG E 125 -7.58 -10.69 13.75
CA ARG E 125 -7.87 -11.14 12.40
C ARG E 125 -9.36 -11.31 12.18
N LEU E 126 -10.04 -11.85 13.19
CA LEU E 126 -11.47 -12.08 13.09
C LEU E 126 -12.31 -10.81 13.18
N ILE E 127 -11.89 -9.88 14.03
CA ILE E 127 -12.63 -8.63 14.18
C ILE E 127 -12.58 -7.86 12.87
N LYS E 128 -11.42 -7.89 12.22
CA LYS E 128 -11.25 -7.21 10.95
C LYS E 128 -12.03 -7.92 9.85
N ALA E 129 -11.93 -9.25 9.81
CA ALA E 129 -12.59 -10.04 8.79
C ALA E 129 -14.10 -9.98 8.91
N MET E 130 -14.59 -9.34 9.97
CA MET E 130 -16.02 -9.19 10.19
C MET E 130 -16.38 -7.73 9.85
N ASN E 131 -15.38 -7.00 9.40
CA ASN E 131 -15.53 -5.61 9.02
C ASN E 131 -15.87 -4.72 10.23
N LEU E 132 -15.32 -5.06 11.40
CA LEU E 132 -15.56 -4.28 12.61
C LEU E 132 -14.41 -3.30 12.83
N ASP E 133 -14.72 -2.15 13.41
CA ASP E 133 -13.71 -1.14 13.67
C ASP E 133 -12.80 -1.54 14.82
N GLU E 134 -11.62 -2.04 14.47
CA GLU E 134 -10.63 -2.45 15.48
C GLU E 134 -10.30 -1.28 16.42
N LYS E 135 -10.67 -0.08 15.99
CA LYS E 135 -10.42 1.12 16.78
C LYS E 135 -11.44 1.25 17.92
N GLN E 136 -12.67 0.79 17.68
CA GLN E 136 -13.73 0.87 18.69
C GLN E 136 -14.33 -0.51 19.01
N TRP E 137 -13.49 -1.54 18.83
CA TRP E 137 -13.84 -2.93 19.10
C TRP E 137 -12.51 -3.66 19.30
N PRO E 138 -11.70 -3.19 20.25
CA PRO E 138 -10.38 -3.74 20.58
C PRO E 138 -10.24 -5.25 20.85
N PRO E 139 -9.29 -5.91 20.17
CA PRO E 139 -9.07 -7.34 20.35
C PRO E 139 -8.85 -7.63 21.83
N ARG E 140 -8.01 -6.81 22.46
CA ARG E 140 -7.71 -6.93 23.87
C ARG E 140 -9.04 -6.98 24.65
N GLN E 141 -9.99 -6.13 24.27
CA GLN E 141 -11.28 -6.12 24.93
C GLN E 141 -11.97 -7.43 24.64
N ALA E 142 -12.02 -7.82 23.37
CA ALA E 142 -12.66 -9.08 22.98
C ALA E 142 -12.16 -10.23 23.85
N MET E 143 -10.84 -10.32 23.96
CA MET E 143 -10.20 -11.35 24.75
C MET E 143 -10.77 -11.39 26.17
N TRP E 144 -10.75 -10.26 26.86
CA TRP E 144 -11.26 -10.20 28.22
C TRP E 144 -12.69 -10.72 28.29
N TYR E 145 -13.50 -10.35 27.31
CA TYR E 145 -14.88 -10.77 27.28
C TYR E 145 -14.99 -12.27 27.17
N ILE E 146 -14.29 -12.83 26.20
CA ILE E 146 -14.32 -14.25 25.95
C ILE E 146 -13.71 -15.11 27.05
N ASN E 147 -12.66 -14.62 27.71
CA ASN E 147 -12.04 -15.40 28.78
C ASN E 147 -12.96 -15.37 29.96
N SER E 148 -13.45 -14.17 30.29
CA SER E 148 -14.35 -13.98 31.42
C SER E 148 -15.58 -14.85 31.26
N GLN E 149 -16.01 -14.97 30.02
CA GLN E 149 -17.18 -15.75 29.70
C GLN E 149 -16.94 -17.21 30.04
N LYS E 150 -15.79 -17.74 29.60
CA LYS E 150 -15.47 -19.13 29.85
C LYS E 150 -15.20 -19.45 31.30
N ASP E 151 -14.69 -18.48 32.04
CA ASP E 151 -14.41 -18.71 33.45
C ASP E 151 -15.74 -18.85 34.19
N GLU E 152 -16.81 -18.97 33.41
CA GLU E 152 -18.15 -19.10 33.94
C GLU E 152 -18.86 -20.24 33.24
N GLY E 153 -18.18 -20.85 32.29
CA GLY E 153 -18.77 -21.94 31.56
C GLY E 153 -19.82 -21.47 30.57
N LEU E 154 -19.74 -20.20 30.21
CA LEU E 154 -20.70 -19.66 29.26
C LEU E 154 -20.19 -19.70 27.82
N ARG E 155 -20.91 -20.45 26.99
CA ARG E 155 -20.60 -20.58 25.57
C ARG E 155 -21.37 -19.47 24.84
N PRO E 156 -21.15 -19.31 23.53
CA PRO E 156 -21.86 -18.24 22.80
C PRO E 156 -23.39 -18.35 22.87
N HIS E 157 -23.91 -19.57 22.81
CA HIS E 157 -25.37 -19.73 22.87
C HIS E 157 -25.94 -19.64 24.29
N HIS E 158 -25.17 -19.07 25.20
CA HIS E 158 -25.63 -18.89 26.58
C HIS E 158 -25.72 -17.39 26.85
N ILE E 159 -24.90 -16.61 26.16
CA ILE E 159 -24.89 -15.16 26.34
C ILE E 159 -26.32 -14.64 26.22
N GLN E 160 -26.74 -13.85 27.19
CA GLN E 160 -28.10 -13.32 27.21
C GLN E 160 -28.18 -11.83 26.90
N SER E 161 -27.45 -11.38 25.88
CA SER E 161 -27.45 -9.99 25.47
C SER E 161 -28.90 -9.63 25.13
N TYR E 162 -29.60 -9.06 26.09
CA TYR E 162 -31.01 -8.73 25.95
C TYR E 162 -31.38 -7.73 24.86
N GLY E 163 -30.62 -6.65 24.72
CA GLY E 163 -30.95 -5.68 23.71
C GLY E 163 -29.82 -4.80 23.23
N ASN E 164 -28.80 -4.63 24.06
CA ASN E 164 -27.66 -3.81 23.68
C ASN E 164 -26.74 -4.56 22.74
N PRO E 165 -26.66 -4.10 21.47
CA PRO E 165 -25.79 -4.76 20.51
C PRO E 165 -24.36 -4.68 21.01
N VAL E 166 -24.10 -3.73 21.90
CA VAL E 166 -22.77 -3.58 22.50
C VAL E 166 -22.34 -4.96 23.02
N GLU E 167 -23.32 -5.75 23.44
CA GLU E 167 -23.06 -7.10 23.94
C GLU E 167 -23.42 -8.09 22.84
N GLN E 168 -24.58 -7.89 22.22
CA GLN E 168 -25.02 -8.77 21.14
C GLN E 168 -23.90 -8.89 20.10
N THR E 169 -23.07 -7.86 20.03
CA THR E 169 -21.96 -7.81 19.08
C THR E 169 -20.84 -8.73 19.52
N TRP E 170 -20.35 -8.53 20.74
CA TRP E 170 -19.29 -9.36 21.25
C TRP E 170 -19.69 -10.82 21.09
N GLN E 171 -20.88 -11.17 21.56
CA GLN E 171 -21.32 -12.54 21.40
C GLN E 171 -21.01 -12.97 19.98
N LYS E 172 -21.25 -12.08 19.02
CA LYS E 172 -20.96 -12.43 17.64
C LYS E 172 -19.50 -12.80 17.50
N VAL E 173 -18.61 -11.89 17.92
CA VAL E 173 -17.18 -12.15 17.85
C VAL E 173 -16.85 -13.53 18.43
N TYR E 174 -17.22 -13.71 19.70
CA TYR E 174 -17.01 -14.93 20.46
C TYR E 174 -17.47 -16.15 19.65
N GLN E 175 -18.64 -16.06 19.05
CA GLN E 175 -19.16 -17.19 18.28
C GLN E 175 -18.21 -17.51 17.12
N ALA E 176 -17.70 -16.48 16.46
CA ALA E 176 -16.80 -16.65 15.32
C ALA E 176 -15.46 -17.19 15.78
N TYR E 177 -14.95 -16.61 16.88
CA TYR E 177 -13.69 -17.02 17.46
C TYR E 177 -13.69 -18.55 17.66
N GLN E 178 -14.73 -19.06 18.33
CA GLN E 178 -14.88 -20.49 18.59
C GLN E 178 -14.98 -21.29 17.30
N GLU E 179 -15.93 -20.90 16.45
CA GLU E 179 -16.15 -21.55 15.16
C GLU E 179 -14.81 -21.76 14.45
N ALA E 180 -14.00 -20.72 14.50
CA ALA E 180 -12.67 -20.72 13.90
C ALA E 180 -11.77 -21.67 14.65
N CYS E 181 -11.57 -21.42 15.95
CA CYS E 181 -10.72 -22.25 16.78
C CYS E 181 -11.02 -23.72 16.59
N ASP E 182 -12.30 -24.04 16.67
CA ASP E 182 -12.76 -25.41 16.55
C ASP E 182 -12.48 -25.99 15.16
N ARG E 183 -12.44 -25.13 14.15
CA ARG E 183 -12.20 -25.57 12.79
C ARG E 183 -10.73 -25.86 12.55
N ALA E 184 -9.87 -25.24 13.34
CA ALA E 184 -8.43 -25.41 13.20
C ALA E 184 -7.78 -26.34 14.22
N GLY E 185 -8.56 -26.77 15.20
CA GLY E 185 -8.03 -27.65 16.22
C GLY E 185 -7.31 -26.87 17.29
N LEU E 186 -7.77 -25.65 17.57
CA LEU E 186 -7.13 -24.83 18.58
C LEU E 186 -7.94 -24.79 19.88
N VAL E 187 -7.24 -24.62 20.99
CA VAL E 187 -7.85 -24.60 22.30
C VAL E 187 -7.08 -23.59 23.16
N ASP E 188 -7.75 -22.59 23.73
CA ASP E 188 -7.00 -21.65 24.57
C ASP E 188 -7.00 -22.08 26.04
N PHE E 189 -6.26 -21.37 26.88
CA PHE E 189 -6.21 -21.73 28.27
C PHE E 189 -7.60 -21.92 28.85
N ALA E 190 -8.43 -20.89 28.80
CA ALA E 190 -9.78 -21.02 29.35
C ALA E 190 -10.55 -22.23 28.77
N GLU E 191 -10.43 -22.45 27.47
CA GLU E 191 -11.12 -23.57 26.86
C GLU E 191 -10.77 -24.84 27.61
N LEU E 192 -9.48 -25.08 27.82
CA LEU E 192 -9.02 -26.28 28.51
C LEU E 192 -9.82 -26.70 29.71
N LEU E 193 -10.22 -25.74 30.54
CA LEU E 193 -10.97 -26.06 31.75
C LEU E 193 -12.41 -26.36 31.41
N LEU E 194 -13.03 -25.47 30.67
CA LEU E 194 -14.40 -25.63 30.28
C LEU E 194 -14.68 -26.90 29.47
N ARG E 195 -13.85 -27.19 28.47
CA ARG E 195 -14.03 -28.39 27.66
C ARG E 195 -13.95 -29.62 28.55
N ALA E 196 -13.00 -29.60 29.47
CA ALA E 196 -12.83 -30.71 30.40
C ALA E 196 -14.12 -30.79 31.18
N HIS E 197 -14.45 -29.73 31.90
CA HIS E 197 -15.67 -29.70 32.68
C HIS E 197 -16.85 -30.26 31.90
N GLU E 198 -17.11 -29.68 30.74
CA GLU E 198 -18.21 -30.13 29.93
C GLU E 198 -18.06 -31.62 29.68
N LEU E 199 -16.84 -32.07 29.45
CA LEU E 199 -16.58 -33.50 29.20
C LEU E 199 -17.22 -34.35 30.28
N TRP E 200 -16.99 -33.99 31.54
CA TRP E 200 -17.59 -34.77 32.60
C TRP E 200 -19.11 -34.69 32.58
N LEU E 201 -19.64 -33.51 32.24
CA LEU E 201 -21.07 -33.31 32.19
C LEU E 201 -21.79 -34.19 31.16
N ASN E 202 -21.18 -34.37 30.00
CA ASN E 202 -21.80 -35.16 28.93
C ASN E 202 -21.47 -36.63 28.87
N LYS E 203 -20.39 -37.05 29.53
CA LYS E 203 -20.00 -38.46 29.47
C LYS E 203 -19.95 -39.09 30.85
N PRO E 204 -21.12 -39.54 31.35
CA PRO E 204 -21.33 -40.17 32.64
C PRO E 204 -20.36 -41.26 33.01
N HIS E 205 -20.03 -42.14 32.06
CA HIS E 205 -19.11 -43.24 32.34
C HIS E 205 -17.72 -42.70 32.65
N ILE E 206 -17.26 -41.76 31.83
CA ILE E 206 -15.96 -41.14 32.03
C ILE E 206 -15.98 -40.47 33.42
N LEU E 207 -16.91 -39.54 33.63
CA LEU E 207 -16.99 -38.90 34.94
C LEU E 207 -17.01 -39.98 36.03
N GLN E 208 -17.78 -41.04 35.80
CA GLN E 208 -17.88 -42.13 36.76
C GLN E 208 -16.52 -42.73 36.99
N HIS E 209 -15.79 -42.98 35.90
CA HIS E 209 -14.48 -43.57 36.04
C HIS E 209 -13.56 -42.73 36.92
N TYR E 210 -13.68 -41.42 36.86
CA TYR E 210 -12.80 -40.60 37.68
C TYR E 210 -13.23 -40.49 39.15
N ARG E 211 -14.54 -40.43 39.41
CA ARG E 211 -15.08 -40.34 40.77
C ARG E 211 -14.72 -41.61 41.52
N GLU E 212 -14.50 -42.65 40.73
CA GLU E 212 -14.14 -43.95 41.24
C GLU E 212 -12.67 -43.99 41.56
N ARG E 213 -11.84 -43.39 40.69
CA ARG E 213 -10.40 -43.36 40.91
C ARG E 213 -9.96 -42.33 41.95
N PHE E 214 -10.19 -41.05 41.65
CA PHE E 214 -9.77 -39.96 42.53
C PHE E 214 -10.68 -39.58 43.69
N THR E 215 -10.55 -40.32 44.78
CA THR E 215 -11.35 -40.06 45.96
C THR E 215 -10.70 -39.09 46.92
N ASN E 216 -9.40 -38.85 46.73
CA ASN E 216 -8.66 -37.93 47.57
C ASN E 216 -8.19 -36.74 46.74
N ILE E 217 -8.82 -35.59 46.98
CA ILE E 217 -8.51 -34.39 46.26
C ILE E 217 -7.94 -33.32 47.19
N LEU E 218 -6.81 -32.74 46.84
CA LEU E 218 -6.21 -31.67 47.65
C LEU E 218 -6.00 -30.50 46.71
N VAL E 219 -6.47 -29.32 47.09
CA VAL E 219 -6.33 -28.13 46.24
C VAL E 219 -5.65 -27.01 47.01
N ASP E 220 -4.55 -26.47 46.47
CA ASP E 220 -3.83 -25.39 47.14
C ASP E 220 -4.18 -24.03 46.57
N GLU E 221 -4.02 -22.98 47.37
CA GLU E 221 -4.30 -21.61 46.97
C GLU E 221 -5.76 -21.40 46.60
N PHE E 222 -6.62 -22.22 47.17
CA PHE E 222 -8.03 -22.14 46.86
C PHE E 222 -8.63 -20.74 46.74
N GLN E 223 -8.06 -19.74 47.42
CA GLN E 223 -8.63 -18.39 47.30
C GLN E 223 -8.43 -17.76 45.94
N ASP E 224 -7.66 -18.42 45.08
CA ASP E 224 -7.42 -17.89 43.74
C ASP E 224 -8.20 -18.61 42.65
N THR E 225 -9.10 -19.50 43.03
CA THR E 225 -9.89 -20.24 42.04
C THR E 225 -11.00 -19.38 41.47
N ASN E 226 -11.40 -19.69 40.24
CA ASN E 226 -12.49 -18.99 39.59
C ASN E 226 -13.72 -19.90 39.68
N ASN E 227 -14.83 -19.46 39.13
CA ASN E 227 -16.08 -20.21 39.18
C ASN E 227 -16.08 -21.60 38.58
N ILE E 228 -15.39 -21.76 37.46
CA ILE E 228 -15.35 -23.03 36.76
C ILE E 228 -14.44 -24.05 37.43
N GLN E 229 -13.42 -23.56 38.11
CA GLN E 229 -12.48 -24.44 38.80
C GLN E 229 -13.19 -24.96 40.03
N TYR E 230 -13.88 -24.07 40.72
CA TYR E 230 -14.60 -24.49 41.90
C TYR E 230 -15.57 -25.56 41.47
N ALA E 231 -16.26 -25.27 40.37
CA ALA E 231 -17.25 -26.18 39.81
C ALA E 231 -16.62 -27.51 39.44
N TRP E 232 -15.50 -27.45 38.72
CA TRP E 232 -14.83 -28.67 38.29
C TRP E 232 -14.49 -29.56 39.49
N ILE E 233 -14.02 -28.96 40.59
CA ILE E 233 -13.68 -29.72 41.79
C ILE E 233 -14.93 -30.36 42.37
N ARG E 234 -15.94 -29.52 42.58
CA ARG E 234 -17.21 -29.96 43.13
C ARG E 234 -17.77 -31.16 42.36
N LEU E 235 -17.83 -31.04 41.04
CA LEU E 235 -18.34 -32.10 40.20
C LEU E 235 -17.55 -33.39 40.39
N LEU E 236 -16.22 -33.27 40.50
CA LEU E 236 -15.37 -34.45 40.66
C LEU E 236 -15.49 -35.03 42.06
N ALA E 237 -15.49 -34.19 43.08
CA ALA E 237 -15.62 -34.72 44.42
C ALA E 237 -16.96 -35.47 44.51
N GLY E 238 -17.97 -34.90 43.88
CA GLY E 238 -19.30 -35.50 43.88
C GLY E 238 -19.80 -35.75 45.28
N ASP E 239 -20.25 -36.97 45.53
CA ASP E 239 -20.74 -37.37 46.85
C ASP E 239 -19.73 -38.22 47.60
N THR E 240 -18.83 -38.88 46.87
CA THR E 240 -17.86 -39.76 47.49
C THR E 240 -16.52 -39.12 47.85
N GLY E 241 -15.85 -38.54 46.86
CA GLY E 241 -14.57 -37.93 47.10
C GLY E 241 -14.49 -37.03 48.32
N LYS E 242 -13.37 -37.09 49.02
CA LYS E 242 -13.13 -36.28 50.20
C LYS E 242 -12.05 -35.30 49.79
N VAL E 243 -12.32 -34.00 49.86
CA VAL E 243 -11.34 -33.01 49.43
C VAL E 243 -10.82 -32.07 50.50
N MET E 244 -9.51 -31.92 50.53
CA MET E 244 -8.89 -31.00 51.46
C MET E 244 -8.45 -29.79 50.64
N ILE E 245 -8.97 -28.62 50.99
CA ILE E 245 -8.58 -27.42 50.30
C ILE E 245 -7.74 -26.60 51.27
N VAL E 246 -6.63 -26.05 50.80
CA VAL E 246 -5.79 -25.23 51.65
C VAL E 246 -5.83 -23.85 51.08
N GLY E 247 -5.88 -22.86 51.94
CA GLY E 247 -5.95 -21.49 51.47
C GLY E 247 -5.91 -20.44 52.57
N ASP E 248 -5.74 -19.21 52.11
CA ASP E 248 -5.67 -18.04 52.97
C ASP E 248 -6.53 -17.01 52.28
N ASP E 249 -7.70 -16.76 52.83
CA ASP E 249 -8.62 -15.78 52.27
C ASP E 249 -7.97 -14.39 52.28
N ASP E 250 -6.84 -14.26 52.97
CA ASP E 250 -6.15 -12.99 53.08
C ASP E 250 -5.03 -12.72 52.07
N GLN E 251 -4.63 -13.72 51.31
CA GLN E 251 -3.59 -13.53 50.31
C GLN E 251 -4.21 -13.60 48.93
N SER E 252 -5.50 -13.33 48.84
CA SER E 252 -6.15 -13.37 47.54
C SER E 252 -5.89 -12.01 46.93
N ILE E 253 -5.15 -12.01 45.83
CA ILE E 253 -4.80 -10.78 45.16
C ILE E 253 -4.84 -10.93 43.65
N TYR E 254 -5.64 -11.89 43.17
CA TYR E 254 -5.78 -12.12 41.74
C TYR E 254 -7.24 -12.01 41.33
N GLY E 255 -8.01 -11.23 42.09
CA GLY E 255 -9.42 -11.06 41.82
C GLY E 255 -9.71 -10.34 40.51
N TRP E 256 -8.80 -9.44 40.13
CA TRP E 256 -8.92 -8.66 38.90
C TRP E 256 -8.69 -9.52 37.66
N ARG E 257 -8.71 -10.84 37.82
CA ARG E 257 -8.52 -11.71 36.68
C ARG E 257 -9.43 -12.90 36.77
N GLY E 258 -10.27 -12.94 37.81
CA GLY E 258 -11.20 -14.06 37.93
C GLY E 258 -11.19 -14.82 39.25
N ALA E 259 -10.34 -14.41 40.19
CA ALA E 259 -10.29 -15.10 41.47
C ALA E 259 -11.51 -14.73 42.29
N GLN E 260 -12.14 -15.73 42.88
CA GLN E 260 -13.35 -15.55 43.69
C GLN E 260 -13.05 -15.59 45.18
N VAL E 261 -13.15 -14.45 45.85
CA VAL E 261 -12.90 -14.42 47.28
C VAL E 261 -13.87 -15.37 47.98
N GLU E 262 -15.08 -15.48 47.44
CA GLU E 262 -16.09 -16.36 48.00
C GLU E 262 -15.60 -17.80 48.14
N ASN E 263 -15.48 -18.50 47.02
CA ASN E 263 -15.04 -19.90 46.97
C ASN E 263 -14.51 -20.55 48.24
N ILE E 264 -13.67 -19.85 48.96
CA ILE E 264 -13.10 -20.38 50.19
C ILE E 264 -14.20 -20.62 51.23
N GLN E 265 -15.27 -19.82 51.21
CA GLN E 265 -16.39 -19.95 52.14
C GLN E 265 -17.45 -20.83 51.51
N ARG E 266 -17.64 -20.61 50.22
CA ARG E 266 -18.57 -21.39 49.45
C ARG E 266 -18.28 -22.86 49.77
N PHE E 267 -17.00 -23.20 49.84
CA PHE E 267 -16.59 -24.56 50.15
C PHE E 267 -17.29 -24.97 51.41
N LEU E 268 -17.13 -24.17 52.45
CA LEU E 268 -17.76 -24.48 53.72
C LEU E 268 -19.27 -24.66 53.58
N ASN E 269 -19.91 -23.77 52.82
CA ASN E 269 -21.34 -23.85 52.63
C ASN E 269 -21.78 -25.13 51.90
N ASP E 270 -21.25 -25.36 50.71
CA ASP E 270 -21.63 -26.54 49.95
C ASP E 270 -21.06 -27.82 50.53
N PHE E 271 -20.53 -27.71 51.74
CA PHE E 271 -19.97 -28.88 52.40
C PHE E 271 -20.22 -28.88 53.91
N PRO E 272 -21.35 -29.45 54.34
CA PRO E 272 -21.60 -29.49 55.78
C PRO E 272 -20.64 -30.57 56.27
N GLY E 273 -20.24 -30.48 57.54
CA GLY E 273 -19.32 -31.46 58.07
C GLY E 273 -17.89 -31.01 57.83
N ALA E 274 -17.70 -30.11 56.86
CA ALA E 274 -16.37 -29.59 56.55
C ALA E 274 -15.91 -28.74 57.73
N GLU E 275 -14.87 -29.19 58.42
CA GLU E 275 -14.32 -28.46 59.56
C GLU E 275 -13.24 -27.51 59.05
N THR E 276 -12.67 -26.71 59.93
CA THR E 276 -11.64 -25.74 59.54
C THR E 276 -10.47 -25.71 60.52
N ILE E 277 -9.31 -26.14 60.05
CA ILE E 277 -8.11 -26.15 60.90
C ILE E 277 -7.26 -24.94 60.54
N ARG E 278 -7.00 -24.06 61.52
CA ARG E 278 -6.18 -22.87 61.28
C ARG E 278 -4.70 -23.03 61.64
N LEU E 279 -3.83 -22.78 60.66
CA LEU E 279 -2.39 -22.85 60.90
C LEU E 279 -1.94 -21.42 61.10
N GLU E 280 -1.56 -21.07 62.32
CA GLU E 280 -1.15 -19.70 62.58
C GLU E 280 0.27 -19.52 63.11
N GLN E 281 0.97 -20.61 63.38
CA GLN E 281 2.34 -20.45 63.84
C GLN E 281 3.12 -20.18 62.58
N ASN E 282 3.95 -19.15 62.64
CA ASN E 282 4.78 -18.69 61.54
C ASN E 282 6.22 -19.02 61.84
N TYR E 283 6.88 -19.68 60.92
CA TYR E 283 8.27 -20.01 61.16
C TYR E 283 9.11 -19.18 60.20
N ARG E 284 8.55 -18.06 59.75
CA ARG E 284 9.24 -17.20 58.81
C ARG E 284 9.82 -15.94 59.39
N SER E 285 8.94 -15.06 59.84
CA SER E 285 9.33 -13.77 60.33
C SER E 285 9.56 -13.60 61.83
N THR E 286 10.06 -12.41 62.16
CA THR E 286 10.32 -12.01 63.54
C THR E 286 9.01 -11.46 64.07
N SER E 287 8.86 -11.46 65.38
CA SER E 287 7.63 -11.00 66.00
C SER E 287 7.13 -9.62 65.55
N ASN E 288 8.02 -8.66 65.33
CA ASN E 288 7.56 -7.34 64.90
C ASN E 288 6.86 -7.42 63.56
N ILE E 289 7.48 -8.13 62.64
CA ILE E 289 6.93 -8.29 61.31
C ILE E 289 5.54 -8.85 61.39
N LEU E 290 5.36 -9.95 62.10
CA LEU E 290 4.04 -10.57 62.23
C LEU E 290 3.05 -9.66 62.92
N SER E 291 3.55 -8.78 63.79
CA SER E 291 2.70 -7.85 64.51
C SER E 291 2.13 -6.87 63.52
N ALA E 292 3.04 -6.18 62.83
CA ALA E 292 2.68 -5.21 61.81
C ALA E 292 1.79 -5.90 60.80
N ALA E 293 2.17 -7.13 60.46
CA ALA E 293 1.39 -7.89 59.51
C ALA E 293 -0.01 -8.05 60.05
N ASN E 294 -0.12 -8.61 61.26
CA ASN E 294 -1.42 -8.83 61.89
C ASN E 294 -2.23 -7.55 61.85
N ALA E 295 -1.71 -6.53 62.53
CA ALA E 295 -2.34 -5.22 62.60
C ALA E 295 -2.91 -4.79 61.25
N LEU E 296 -2.04 -4.60 60.27
CA LEU E 296 -2.48 -4.17 58.96
C LEU E 296 -3.75 -4.87 58.47
N ILE E 297 -3.67 -6.17 58.25
CA ILE E 297 -4.80 -6.95 57.73
C ILE E 297 -6.13 -6.86 58.47
N GLU E 298 -6.11 -6.52 59.74
CA GLU E 298 -7.38 -6.43 60.47
C GLU E 298 -8.27 -5.34 59.93
N ASN E 299 -7.66 -4.31 59.35
CA ASN E 299 -8.41 -3.19 58.79
C ASN E 299 -9.38 -3.57 57.68
N ASN E 300 -9.28 -4.78 57.18
CA ASN E 300 -10.18 -5.24 56.14
C ASN E 300 -11.35 -5.92 56.86
N ASN E 301 -12.54 -5.89 56.26
CA ASN E 301 -13.71 -6.48 56.90
C ASN E 301 -14.20 -7.86 56.44
N GLY E 302 -13.91 -8.26 55.21
CA GLY E 302 -14.36 -9.58 54.77
C GLY E 302 -13.92 -10.68 55.74
N ARG E 303 -12.61 -10.93 55.71
CA ARG E 303 -11.89 -11.91 56.54
C ARG E 303 -12.59 -12.97 57.38
N LEU E 304 -12.02 -14.16 57.37
CA LEU E 304 -12.53 -15.27 58.15
C LEU E 304 -11.85 -15.22 59.51
N GLY E 305 -10.86 -14.34 59.65
CA GLY E 305 -10.13 -14.18 60.90
C GLY E 305 -8.97 -15.11 61.21
N LYS E 306 -7.97 -14.58 61.92
CA LYS E 306 -6.77 -15.33 62.33
C LYS E 306 -5.63 -14.38 62.73
N LYS E 307 -4.75 -14.85 63.62
CA LYS E 307 -3.62 -14.04 64.07
C LYS E 307 -2.31 -14.80 63.97
N LEU E 308 -1.40 -14.34 63.12
CA LEU E 308 -0.09 -14.99 62.96
C LEU E 308 0.72 -14.70 64.21
N TRP E 309 1.36 -15.72 64.74
CA TRP E 309 2.19 -15.55 65.93
C TRP E 309 3.47 -16.37 65.75
N THR E 310 4.52 -16.04 66.51
CA THR E 310 5.80 -16.74 66.40
C THR E 310 6.44 -17.00 67.77
N ASP E 311 7.34 -17.98 67.81
CA ASP E 311 8.07 -18.29 69.04
C ASP E 311 9.37 -17.49 69.08
N GLY E 312 9.73 -16.92 67.94
CA GLY E 312 10.96 -16.16 67.87
C GLY E 312 10.93 -14.80 68.52
N ALA E 313 12.10 -14.17 68.57
CA ALA E 313 12.26 -12.87 69.17
C ALA E 313 11.59 -11.81 68.29
N ASP E 314 11.27 -10.68 68.92
CA ASP E 314 10.63 -9.58 68.24
C ASP E 314 11.45 -9.19 67.03
N GLY E 315 12.76 -9.13 67.20
CA GLY E 315 13.65 -8.76 66.12
C GLY E 315 13.72 -7.26 65.92
N GLU E 316 14.44 -6.83 64.89
CA GLU E 316 14.56 -5.41 64.60
C GLU E 316 13.19 -4.86 64.25
N PRO E 317 12.98 -3.57 64.52
CA PRO E 317 11.71 -2.91 64.22
C PRO E 317 11.62 -2.74 62.72
N ILE E 318 10.47 -2.28 62.24
CA ILE E 318 10.29 -2.06 60.82
C ILE E 318 10.69 -0.63 60.44
N SER E 319 11.67 -0.49 59.56
CA SER E 319 12.16 0.82 59.13
C SER E 319 11.36 1.50 58.05
N LEU E 320 11.00 2.75 58.30
CA LEU E 320 10.26 3.54 57.33
C LEU E 320 11.22 4.62 56.83
N TYR E 321 11.01 5.08 55.60
CA TYR E 321 11.89 6.09 55.05
C TYR E 321 11.15 7.02 54.13
N CYS E 322 11.48 8.30 54.24
CA CYS E 322 10.89 9.34 53.41
C CYS E 322 12.11 9.85 52.67
N ALA E 323 12.06 9.78 51.35
CA ALA E 323 13.17 10.24 50.54
C ALA E 323 12.75 11.51 49.82
N PHE E 324 13.74 12.24 49.31
CA PHE E 324 13.48 13.44 48.57
C PHE E 324 12.57 13.00 47.42
N ASN E 325 13.20 12.55 46.33
CA ASN E 325 12.46 12.08 45.19
C ASN E 325 12.71 10.59 44.99
N GLU E 326 12.01 10.02 44.01
CA GLU E 326 12.11 8.60 43.68
C GLU E 326 13.55 8.10 43.48
N LEU E 327 14.42 9.00 43.05
CA LEU E 327 15.81 8.65 42.82
C LEU E 327 16.62 8.53 44.10
N ASP E 328 16.16 9.18 45.16
CA ASP E 328 16.86 9.14 46.44
C ASP E 328 16.46 7.82 47.09
N GLU E 329 15.17 7.51 46.98
CA GLU E 329 14.61 6.29 47.52
C GLU E 329 15.41 5.08 47.05
N ALA E 330 15.87 5.15 45.80
CA ALA E 330 16.68 4.09 45.20
C ALA E 330 18.03 4.01 45.88
N ARG E 331 18.74 5.14 45.98
CA ARG E 331 20.06 5.14 46.61
C ARG E 331 19.95 4.62 48.04
N PHE E 332 18.86 4.97 48.72
CA PHE E 332 18.66 4.54 50.09
C PHE E 332 18.67 3.01 50.13
N VAL E 333 17.78 2.41 49.34
CA VAL E 333 17.68 0.96 49.26
C VAL E 333 19.03 0.33 48.91
N VAL E 334 19.71 0.85 47.89
CA VAL E 334 21.01 0.28 47.54
C VAL E 334 22.02 0.33 48.70
N ASN E 335 22.13 1.46 49.40
CA ASN E 335 23.10 1.53 50.48
C ASN E 335 22.78 0.59 51.63
N ARG E 336 21.51 0.36 51.89
CA ARG E 336 21.17 -0.55 52.99
C ARG E 336 21.68 -1.92 52.56
N ILE E 337 21.49 -2.20 51.27
CA ILE E 337 21.93 -3.48 50.74
C ILE E 337 23.45 -3.56 50.79
N LYS E 338 24.19 -2.54 50.34
CA LYS E 338 25.67 -2.59 50.43
C LYS E 338 26.10 -2.99 51.86
N THR E 339 25.50 -2.36 52.87
CA THR E 339 25.81 -2.68 54.26
C THR E 339 25.58 -4.17 54.50
N TRP E 340 24.41 -4.63 54.08
CA TRP E 340 24.03 -6.03 54.21
C TRP E 340 25.16 -6.90 53.65
N GLN E 341 25.56 -6.58 52.42
CA GLN E 341 26.60 -7.30 51.74
C GLN E 341 27.96 -7.20 52.45
N ASP E 342 28.35 -5.99 52.83
CA ASP E 342 29.65 -5.81 53.48
C ASP E 342 29.74 -6.47 54.85
N ASN E 343 28.62 -7.00 55.33
CA ASN E 343 28.60 -7.69 56.62
C ASN E 343 28.46 -9.19 56.37
N GLY E 344 28.68 -9.59 55.13
CA GLY E 344 28.57 -10.99 54.80
C GLY E 344 27.21 -11.39 54.29
N GLY E 345 26.27 -10.45 54.23
CA GLY E 345 24.96 -10.78 53.74
C GLY E 345 24.99 -11.14 52.26
N ALA E 346 24.10 -12.02 51.82
CA ALA E 346 24.07 -12.35 50.40
C ALA E 346 23.12 -11.35 49.71
N LEU E 347 23.33 -11.12 48.42
CA LEU E 347 22.48 -10.22 47.65
C LEU E 347 21.17 -10.89 47.33
N ALA E 348 21.23 -12.19 47.12
CA ALA E 348 20.05 -12.98 46.79
C ALA E 348 19.11 -13.16 47.97
N GLU E 349 19.46 -12.55 49.09
CA GLU E 349 18.63 -12.60 50.30
C GLU E 349 18.04 -11.23 50.56
N CYS E 350 18.07 -10.42 49.51
CA CYS E 350 17.54 -9.07 49.53
C CYS E 350 16.53 -9.00 48.40
N ALA E 351 15.36 -8.46 48.69
CA ALA E 351 14.37 -8.33 47.66
C ALA E 351 13.74 -6.94 47.73
N ILE E 352 13.65 -6.30 46.57
CA ILE E 352 13.05 -4.97 46.45
C ILE E 352 11.70 -5.15 45.78
N LEU E 353 10.60 -4.94 46.50
CA LEU E 353 9.27 -5.10 45.91
C LEU E 353 8.64 -3.76 45.48
N TYR E 354 7.84 -3.77 44.41
CA TYR E 354 7.19 -2.56 43.92
C TYR E 354 5.83 -2.94 43.38
N ARG E 355 4.92 -1.98 43.39
CA ARG E 355 3.56 -2.21 42.92
C ARG E 355 3.43 -2.24 41.41
N SER E 356 4.13 -1.33 40.75
CA SER E 356 4.03 -1.24 39.30
C SER E 356 5.35 -1.49 38.65
N ASN E 357 5.31 -2.17 37.51
CA ASN E 357 6.53 -2.45 36.79
C ASN E 357 7.23 -1.13 36.48
N ALA E 358 6.43 -0.06 36.44
CA ALA E 358 6.91 1.29 36.18
C ALA E 358 8.11 1.63 37.06
N GLN E 359 8.02 1.25 38.32
CA GLN E 359 9.04 1.53 39.32
C GLN E 359 10.39 0.83 39.21
N SER E 360 10.58 -0.04 38.23
CA SER E 360 11.86 -0.73 38.18
C SER E 360 13.01 0.08 37.57
N ARG E 361 12.72 0.82 36.49
CA ARG E 361 13.74 1.62 35.81
C ARG E 361 14.69 2.30 36.78
N VAL E 362 14.16 3.23 37.56
CA VAL E 362 14.96 3.97 38.52
C VAL E 362 15.82 3.10 39.42
N LEU E 363 15.26 1.98 39.87
CA LEU E 363 15.99 1.06 40.75
C LEU E 363 17.23 0.43 40.09
N GLU E 364 17.08 -0.01 38.84
CA GLU E 364 18.19 -0.64 38.13
C GLU E 364 19.42 0.26 37.91
N GLU E 365 19.20 1.47 37.40
CA GLU E 365 20.32 2.39 37.17
C GLU E 365 21.07 2.53 38.48
N ALA E 366 20.30 2.75 39.55
CA ALA E 366 20.85 2.90 40.88
C ALA E 366 21.70 1.68 41.27
N LEU E 367 21.20 0.49 40.96
CA LEU E 367 21.91 -0.75 41.24
C LEU E 367 23.12 -0.86 40.32
N LEU E 368 22.85 -0.68 39.02
CA LEU E 368 23.91 -0.74 38.01
C LEU E 368 25.01 0.24 38.35
N GLN E 369 24.63 1.49 38.61
CA GLN E 369 25.61 2.51 38.94
C GLN E 369 26.50 2.03 40.10
N ALA E 370 25.90 1.27 41.01
CA ALA E 370 26.61 0.74 42.17
C ALA E 370 27.29 -0.57 41.85
N SER E 371 27.22 -0.97 40.58
CA SER E 371 27.86 -2.20 40.16
C SER E 371 27.34 -3.36 41.01
N MET E 372 26.09 -3.24 41.45
CA MET E 372 25.46 -4.26 42.29
C MET E 372 24.62 -5.24 41.45
N PRO E 373 25.07 -6.49 41.35
CA PRO E 373 24.33 -7.49 40.57
C PRO E 373 22.89 -7.63 41.02
N TYR E 374 22.00 -7.92 40.07
CA TYR E 374 20.60 -8.10 40.41
C TYR E 374 19.87 -8.88 39.32
N ARG E 375 18.65 -9.30 39.61
CA ARG E 375 17.84 -10.01 38.64
C ARG E 375 16.41 -9.50 38.71
N ILE E 376 15.81 -9.20 37.56
CA ILE E 376 14.45 -8.74 37.60
C ILE E 376 13.51 -9.83 37.15
N TYR E 377 12.34 -9.86 37.73
CA TYR E 377 11.35 -10.85 37.38
C TYR E 377 10.18 -10.08 36.83
N GLY E 378 10.31 -9.64 35.58
CA GLY E 378 9.24 -8.90 34.95
C GLY E 378 8.44 -9.73 33.96
N GLY E 379 8.81 -9.66 32.69
CA GLY E 379 8.07 -10.41 31.70
C GLY E 379 8.90 -11.18 30.69
N MET E 380 8.26 -11.45 29.56
CA MET E 380 8.85 -12.19 28.47
C MET E 380 9.41 -13.53 28.94
N ARG E 381 8.59 -14.56 28.85
CA ARG E 381 9.01 -15.89 29.23
C ARG E 381 9.70 -16.46 28.00
N PHE E 382 10.38 -17.59 28.14
CA PHE E 382 11.09 -18.15 27.01
C PHE E 382 10.24 -18.58 25.84
N PHE E 383 9.21 -19.36 26.11
CA PHE E 383 8.38 -19.83 25.03
C PHE E 383 7.43 -18.78 24.49
N GLU E 384 7.61 -17.54 24.90
CA GLU E 384 6.79 -16.45 24.43
C GLU E 384 7.61 -15.44 23.59
N ARG E 385 8.92 -15.63 23.53
CA ARG E 385 9.75 -14.71 22.76
C ARG E 385 9.40 -14.88 21.28
N GLN E 386 9.53 -13.85 20.46
CA GLN E 386 9.12 -14.04 19.06
C GLN E 386 9.91 -15.06 18.25
N GLU E 387 11.22 -15.08 18.42
CA GLU E 387 12.02 -16.03 17.66
C GLU E 387 11.58 -17.45 18.01
N ILE E 388 11.10 -17.67 19.24
CA ILE E 388 10.69 -19.01 19.62
C ILE E 388 9.33 -19.42 19.06
N LYS E 389 8.39 -18.48 19.08
CA LYS E 389 7.06 -18.75 18.56
C LYS E 389 7.10 -18.96 17.05
N ASP E 390 7.96 -18.21 16.36
CA ASP E 390 8.06 -18.39 14.92
C ASP E 390 8.49 -19.85 14.67
N ALA E 391 9.57 -20.26 15.33
CA ALA E 391 10.08 -21.62 15.20
C ALA E 391 9.01 -22.64 15.51
N LEU E 392 8.36 -22.48 16.67
CA LEU E 392 7.28 -23.39 17.08
C LEU E 392 6.12 -23.43 16.07
N SER E 393 5.76 -22.28 15.49
CA SER E 393 4.69 -22.26 14.51
C SER E 393 5.00 -23.12 13.29
N TYR E 394 6.28 -23.34 13.01
CA TYR E 394 6.65 -24.18 11.86
C TYR E 394 6.46 -25.63 12.28
N LEU E 395 6.93 -25.96 13.48
CA LEU E 395 6.75 -27.30 13.98
C LEU E 395 5.24 -27.55 14.07
N ARG E 396 4.53 -26.53 14.55
CA ARG E 396 3.08 -26.58 14.70
C ARG E 396 2.41 -26.91 13.39
N LEU E 397 2.92 -26.36 12.30
CA LEU E 397 2.34 -26.60 10.99
C LEU E 397 2.63 -28.03 10.56
N ILE E 398 3.75 -28.55 11.02
CA ILE E 398 4.11 -29.90 10.68
C ILE E 398 3.13 -30.86 11.35
N VAL E 399 2.73 -30.58 12.58
CA VAL E 399 1.77 -31.46 13.24
C VAL E 399 0.40 -31.34 12.58
N ASN E 400 -0.04 -30.13 12.32
CA ASN E 400 -1.35 -29.92 11.71
C ASN E 400 -1.49 -28.69 10.80
N ARG E 401 -1.67 -28.95 9.51
CA ARG E 401 -1.79 -27.89 8.53
C ARG E 401 -2.93 -26.93 8.76
N ASN E 402 -3.82 -27.25 9.69
CA ASN E 402 -4.98 -26.39 9.89
C ASN E 402 -4.84 -25.43 11.02
N ASP E 403 -3.62 -25.28 11.50
CA ASP E 403 -3.35 -24.37 12.61
C ASP E 403 -3.30 -22.94 12.11
N ASP E 404 -4.46 -22.33 11.88
CA ASP E 404 -4.52 -20.96 11.38
C ASP E 404 -3.56 -20.01 12.08
N ALA E 405 -3.48 -20.12 13.40
CA ALA E 405 -2.62 -19.25 14.18
C ALA E 405 -1.16 -19.42 13.79
N ALA E 406 -0.74 -20.67 13.59
CA ALA E 406 0.64 -20.95 13.19
C ALA E 406 0.88 -20.52 11.72
N PHE E 407 -0.12 -20.73 10.89
CA PHE E 407 -0.02 -20.37 9.50
C PHE E 407 0.12 -18.86 9.37
N GLU E 408 -0.87 -18.12 9.90
CA GLU E 408 -0.86 -16.67 9.80
C GLU E 408 0.45 -16.09 10.33
N ARG E 409 1.04 -16.74 11.32
CA ARG E 409 2.28 -16.25 11.88
C ARG E 409 3.52 -16.39 11.02
N VAL E 410 3.72 -17.54 10.39
CA VAL E 410 4.93 -17.72 9.60
C VAL E 410 4.78 -17.91 8.10
N VAL E 411 3.59 -17.70 7.56
CA VAL E 411 3.47 -17.89 6.12
C VAL E 411 4.47 -16.97 5.37
N ASN E 412 4.57 -15.70 5.76
CA ASN E 412 5.49 -14.81 5.11
C ASN E 412 6.60 -14.32 6.07
N THR E 413 6.89 -15.14 7.08
CA THR E 413 7.91 -14.85 8.08
C THR E 413 8.86 -16.03 8.06
N PRO E 414 10.05 -15.90 7.47
CA PRO E 414 10.65 -14.72 6.83
C PRO E 414 9.84 -14.35 5.59
N THR E 415 10.13 -13.19 5.01
CA THR E 415 9.40 -12.80 3.82
C THR E 415 9.79 -13.76 2.72
N ARG E 416 8.81 -14.28 2.00
CA ARG E 416 9.06 -15.21 0.90
C ARG E 416 8.12 -14.85 -0.23
N GLY E 417 7.74 -13.58 -0.27
CA GLY E 417 6.89 -13.09 -1.33
C GLY E 417 5.41 -13.32 -1.20
N ILE E 418 4.91 -13.73 -0.05
CA ILE E 418 3.46 -13.89 0.02
C ILE E 418 2.90 -12.62 0.65
N GLY E 419 2.65 -11.63 -0.19
CA GLY E 419 2.15 -10.36 0.29
C GLY E 419 0.73 -10.24 0.85
N ASP E 420 0.34 -9.00 1.11
CA ASP E 420 -0.96 -8.67 1.68
C ASP E 420 -2.13 -8.81 0.74
N ARG E 421 -1.93 -8.46 -0.52
CA ARG E 421 -3.02 -8.60 -1.47
C ARG E 421 -3.31 -10.12 -1.60
N THR E 422 -2.26 -10.95 -1.55
CA THR E 422 -2.45 -12.41 -1.62
C THR E 422 -3.14 -12.89 -0.34
N LEU E 423 -2.53 -12.58 0.81
CA LEU E 423 -3.10 -13.01 2.07
C LEU E 423 -4.49 -12.45 2.32
N ASP E 424 -4.81 -11.27 1.77
CA ASP E 424 -6.14 -10.69 1.97
C ASP E 424 -7.19 -11.53 1.28
N VAL E 425 -6.84 -12.07 0.12
CA VAL E 425 -7.73 -12.90 -0.66
C VAL E 425 -7.94 -14.22 0.10
N VAL E 426 -6.83 -14.77 0.59
CA VAL E 426 -6.82 -16.01 1.35
C VAL E 426 -7.67 -15.92 2.61
N ARG E 427 -7.46 -14.89 3.41
CA ARG E 427 -8.23 -14.74 4.65
C ARG E 427 -9.73 -14.55 4.41
N GLN E 428 -10.09 -13.99 3.27
CA GLN E 428 -11.50 -13.77 2.97
C GLN E 428 -12.13 -15.06 2.48
N THR E 429 -11.40 -15.80 1.66
CA THR E 429 -11.89 -17.07 1.15
C THR E 429 -12.17 -18.00 2.32
N SER E 430 -11.33 -17.94 3.36
CA SER E 430 -11.55 -18.78 4.52
C SER E 430 -12.86 -18.44 5.20
N ARG E 431 -13.22 -17.15 5.17
CA ARG E 431 -14.45 -16.72 5.78
C ARG E 431 -15.64 -17.19 4.96
N ASP E 432 -15.68 -16.75 3.71
CA ASP E 432 -16.78 -17.08 2.80
C ASP E 432 -17.00 -18.57 2.55
N ARG E 433 -15.93 -19.34 2.42
CA ARG E 433 -16.07 -20.78 2.19
C ARG E 433 -15.81 -21.58 3.46
N GLN E 434 -15.81 -20.90 4.60
CA GLN E 434 -15.57 -21.52 5.91
C GLN E 434 -14.53 -22.63 5.92
N LEU E 435 -13.29 -22.23 5.59
CA LEU E 435 -12.17 -23.16 5.54
C LEU E 435 -11.01 -22.65 6.38
N THR E 436 -10.08 -23.54 6.68
CA THR E 436 -8.90 -23.15 7.43
C THR E 436 -8.00 -22.48 6.41
N LEU E 437 -7.19 -21.53 6.87
CA LEU E 437 -6.29 -20.83 5.96
C LEU E 437 -5.68 -21.76 4.91
N TRP E 438 -4.95 -22.78 5.38
CA TRP E 438 -4.30 -23.73 4.49
C TRP E 438 -5.26 -24.26 3.42
N GLN E 439 -6.36 -24.86 3.85
CA GLN E 439 -7.39 -25.38 2.93
C GLN E 439 -7.69 -24.35 1.82
N ALA E 440 -7.96 -23.12 2.24
CA ALA E 440 -8.25 -22.05 1.30
C ALA E 440 -7.07 -21.81 0.33
N CYS E 441 -5.85 -21.88 0.83
CA CYS E 441 -4.73 -21.65 -0.07
C CYS E 441 -4.64 -22.76 -1.09
N ARG E 442 -5.22 -23.90 -0.77
CA ARG E 442 -5.14 -25.01 -1.71
C ARG E 442 -6.12 -24.86 -2.85
N GLU E 443 -7.34 -24.42 -2.53
CA GLU E 443 -8.34 -24.26 -3.57
C GLU E 443 -8.01 -23.09 -4.47
N LEU E 444 -7.54 -22.00 -3.87
CA LEU E 444 -7.16 -20.82 -4.63
C LEU E 444 -6.03 -21.19 -5.58
N LEU E 445 -4.99 -21.82 -5.06
CA LEU E 445 -3.90 -22.23 -5.92
C LEU E 445 -4.50 -22.99 -7.08
N GLN E 446 -5.21 -24.07 -6.78
CA GLN E 446 -5.86 -24.88 -7.80
C GLN E 446 -6.58 -24.00 -8.81
N GLU E 447 -7.50 -23.17 -8.29
CA GLU E 447 -8.28 -22.26 -9.11
C GLU E 447 -7.45 -21.19 -9.82
N LYS E 448 -6.16 -21.10 -9.50
CA LYS E 448 -5.29 -20.11 -10.11
C LYS E 448 -5.78 -18.68 -9.91
N ALA E 449 -6.42 -18.44 -8.77
CA ALA E 449 -6.97 -17.13 -8.45
C ALA E 449 -5.96 -16.14 -7.89
N LEU E 450 -4.70 -16.55 -7.76
CA LEU E 450 -3.70 -15.65 -7.23
C LEU E 450 -2.70 -15.27 -8.32
N ALA E 451 -2.09 -14.10 -8.16
CA ALA E 451 -1.11 -13.60 -9.12
C ALA E 451 0.06 -14.57 -9.23
N GLY E 452 0.24 -15.11 -10.43
CA GLY E 452 1.31 -16.05 -10.71
C GLY E 452 2.55 -16.08 -9.84
N ARG E 453 3.31 -14.99 -9.79
CA ARG E 453 4.52 -14.94 -8.99
C ARG E 453 4.23 -15.18 -7.50
N ALA E 454 3.18 -14.53 -6.99
CA ALA E 454 2.80 -14.68 -5.59
C ALA E 454 2.38 -16.13 -5.34
N ALA E 455 1.42 -16.57 -6.14
CA ALA E 455 0.89 -17.92 -6.05
C ALA E 455 2.06 -18.90 -6.02
N SER E 456 3.01 -18.68 -6.90
CA SER E 456 4.19 -19.52 -7.00
C SER E 456 4.95 -19.55 -5.66
N ALA E 457 4.93 -18.43 -4.96
CA ALA E 457 5.61 -18.32 -3.68
C ALA E 457 4.80 -19.08 -2.64
N LEU E 458 3.50 -18.79 -2.59
CA LEU E 458 2.57 -19.44 -1.65
C LEU E 458 2.72 -20.95 -1.78
N GLN E 459 2.80 -21.41 -3.02
CA GLN E 459 2.97 -22.82 -3.30
C GLN E 459 4.23 -23.37 -2.68
N ARG E 460 5.37 -22.80 -3.09
CA ARG E 460 6.66 -23.20 -2.58
C ARG E 460 6.63 -23.33 -1.07
N PHE E 461 5.83 -22.49 -0.40
CA PHE E 461 5.73 -22.53 1.06
C PHE E 461 5.08 -23.81 1.50
N MET E 462 3.88 -24.05 0.96
CA MET E 462 3.13 -25.24 1.30
C MET E 462 3.97 -26.48 1.05
N GLU E 463 4.74 -26.48 -0.04
CA GLU E 463 5.58 -27.63 -0.34
C GLU E 463 6.68 -27.79 0.72
N LEU E 464 7.22 -26.67 1.18
CA LEU E 464 8.28 -26.69 2.19
C LEU E 464 7.82 -27.36 3.47
N ILE E 465 6.62 -27.01 3.93
CA ILE E 465 6.06 -27.60 5.13
C ILE E 465 5.77 -29.09 4.93
N ASP E 466 5.20 -29.44 3.78
CA ASP E 466 4.93 -30.83 3.47
C ASP E 466 6.24 -31.60 3.41
N ALA E 467 7.25 -30.97 2.83
CA ALA E 467 8.56 -31.58 2.69
C ALA E 467 9.21 -31.80 4.05
N LEU E 468 9.01 -30.88 4.97
CA LEU E 468 9.60 -30.99 6.28
C LEU E 468 8.82 -31.99 7.13
N ALA E 469 7.51 -32.03 6.95
CA ALA E 469 6.66 -32.94 7.70
C ALA E 469 7.05 -34.39 7.41
N GLN E 470 7.59 -34.64 6.21
CA GLN E 470 8.02 -35.98 5.84
C GLN E 470 9.47 -36.19 6.25
N GLU E 471 10.36 -35.54 5.51
CA GLU E 471 11.78 -35.63 5.76
C GLU E 471 12.15 -35.68 7.24
N THR E 472 11.34 -35.06 8.09
CA THR E 472 11.66 -35.02 9.51
C THR E 472 10.86 -35.94 10.43
N ALA E 473 10.06 -36.83 9.84
CA ALA E 473 9.24 -37.76 10.62
C ALA E 473 10.01 -38.67 11.57
N ASP E 474 11.08 -39.28 11.07
CA ASP E 474 11.89 -40.20 11.85
C ASP E 474 13.13 -39.63 12.52
N MET E 475 13.10 -38.35 12.89
CA MET E 475 14.25 -37.74 13.52
C MET E 475 14.03 -37.44 15.00
N PRO E 476 15.13 -37.39 15.77
CA PRO E 476 15.02 -37.08 17.20
C PRO E 476 14.47 -35.65 17.26
N LEU E 477 13.70 -35.36 18.29
CA LEU E 477 13.10 -34.04 18.45
C LEU E 477 14.06 -32.87 18.24
N HIS E 478 15.26 -32.96 18.79
CA HIS E 478 16.20 -31.86 18.66
C HIS E 478 16.96 -31.86 17.34
N VAL E 479 16.59 -32.77 16.45
CA VAL E 479 17.22 -32.85 15.14
C VAL E 479 16.20 -32.25 14.19
N GLN E 480 14.94 -32.62 14.40
CA GLN E 480 13.84 -32.13 13.62
C GLN E 480 13.70 -30.64 13.91
N THR E 481 13.98 -30.25 15.14
CA THR E 481 13.87 -28.83 15.49
C THR E 481 14.99 -28.06 14.79
N ASP E 482 16.21 -28.54 14.95
CA ASP E 482 17.37 -27.94 14.31
C ASP E 482 17.13 -27.83 12.79
N ARG E 483 16.53 -28.84 12.17
CA ARG E 483 16.30 -28.79 10.73
C ARG E 483 15.23 -27.78 10.33
N VAL E 484 14.16 -27.73 11.11
CA VAL E 484 13.10 -26.79 10.81
C VAL E 484 13.63 -25.36 10.99
N ILE E 485 14.41 -25.13 12.04
CA ILE E 485 14.95 -23.79 12.27
C ILE E 485 15.83 -23.28 11.14
N LYS E 486 16.47 -24.19 10.42
CA LYS E 486 17.33 -23.81 9.29
C LYS E 486 16.52 -23.71 7.99
N ASP E 487 15.76 -24.75 7.69
CA ASP E 487 14.96 -24.81 6.47
C ASP E 487 13.87 -23.77 6.38
N SER E 488 13.39 -23.32 7.52
CA SER E 488 12.35 -22.31 7.56
C SER E 488 12.96 -21.01 7.05
N GLY E 489 14.25 -20.83 7.30
CA GLY E 489 14.93 -19.62 6.88
C GLY E 489 15.04 -18.66 8.05
N LEU E 490 14.52 -19.11 9.20
CA LEU E 490 14.53 -18.29 10.40
C LEU E 490 15.92 -17.98 10.86
N ARG E 491 16.78 -19.00 10.93
CA ARG E 491 18.14 -18.79 11.38
C ARG E 491 18.79 -17.70 10.54
N THR E 492 18.70 -17.86 9.22
CA THR E 492 19.27 -16.92 8.27
C THR E 492 18.75 -15.52 8.48
N MET E 493 17.50 -15.42 8.88
CA MET E 493 16.87 -14.14 9.11
C MET E 493 17.38 -13.46 10.38
N TYR E 494 17.43 -14.21 11.47
CA TYR E 494 17.89 -13.68 12.75
C TYR E 494 19.42 -13.61 12.81
N GLU E 495 20.05 -14.39 11.94
CA GLU E 495 21.50 -14.41 11.88
C GLU E 495 21.89 -13.03 11.39
N GLN E 496 21.13 -12.52 10.42
CA GLN E 496 21.40 -11.20 9.89
C GLN E 496 20.48 -10.13 10.43
N GLU E 497 20.33 -10.11 11.75
CA GLU E 497 19.52 -9.09 12.41
C GLU E 497 20.56 -8.20 13.09
N LYS E 498 20.29 -6.92 13.13
CA LYS E 498 21.22 -5.96 13.68
C LYS E 498 21.67 -6.12 15.14
N GLY E 499 22.94 -5.82 15.36
CA GLY E 499 23.58 -5.86 16.67
C GLY E 499 23.22 -6.85 17.76
N GLU E 500 23.36 -6.38 19.00
CA GLU E 500 23.09 -7.15 20.22
C GLU E 500 21.76 -7.95 20.22
N LYS E 501 20.66 -7.29 19.84
CA LYS E 501 19.37 -7.97 19.82
C LYS E 501 19.41 -9.17 18.87
N GLY E 502 19.98 -8.98 17.69
CA GLY E 502 20.08 -10.05 16.72
C GLY E 502 20.84 -11.22 17.34
N GLN E 503 21.89 -10.90 18.08
CA GLN E 503 22.65 -11.93 18.74
C GLN E 503 21.69 -12.69 19.64
N THR E 504 21.15 -11.99 20.63
CA THR E 504 20.20 -12.58 21.59
C THR E 504 19.16 -13.53 20.97
N ARG E 505 18.58 -13.14 19.84
CA ARG E 505 17.57 -13.97 19.21
C ARG E 505 18.16 -15.27 18.67
N ILE E 506 19.42 -15.25 18.27
CA ILE E 506 20.02 -16.48 17.77
C ILE E 506 20.39 -17.39 18.96
N GLU E 507 20.97 -16.80 20.00
CA GLU E 507 21.33 -17.58 21.16
C GLU E 507 20.10 -18.29 21.73
N ASN E 508 18.93 -17.67 21.57
CA ASN E 508 17.72 -18.31 22.07
C ASN E 508 17.32 -19.50 21.20
N LEU E 509 17.45 -19.35 19.88
CA LEU E 509 17.10 -20.43 18.98
C LEU E 509 18.04 -21.57 19.26
N GLU E 510 19.21 -21.24 19.80
CA GLU E 510 20.19 -22.27 20.13
C GLU E 510 19.68 -22.94 21.39
N GLU E 511 19.10 -22.13 22.27
CA GLU E 511 18.57 -22.66 23.50
C GLU E 511 17.34 -23.53 23.21
N LEU E 512 16.53 -23.16 22.21
CA LEU E 512 15.35 -23.95 21.90
C LEU E 512 15.74 -25.37 21.51
N VAL E 513 16.84 -25.51 20.78
CA VAL E 513 17.28 -26.85 20.38
C VAL E 513 17.67 -27.65 21.63
N THR E 514 18.49 -27.03 22.48
CA THR E 514 18.93 -27.66 23.72
C THR E 514 17.71 -28.07 24.54
N ALA E 515 16.77 -27.16 24.74
CA ALA E 515 15.57 -27.48 25.51
C ALA E 515 14.95 -28.74 24.93
N THR E 516 14.94 -28.82 23.61
CA THR E 516 14.37 -29.98 22.94
C THR E 516 15.22 -31.21 23.23
N ARG E 517 16.53 -31.04 23.17
CA ARG E 517 17.46 -32.13 23.43
C ARG E 517 17.17 -32.68 24.81
N GLN E 518 17.32 -31.83 25.83
CA GLN E 518 17.08 -32.24 27.21
C GLN E 518 15.64 -32.60 27.54
N PHE E 519 14.70 -32.29 26.65
CA PHE E 519 13.29 -32.60 26.91
C PHE E 519 13.12 -34.07 27.23
N SER E 520 12.71 -34.34 28.48
CA SER E 520 12.51 -35.72 28.95
C SER E 520 11.11 -36.19 28.60
N TYR E 521 11.05 -37.24 27.79
CA TYR E 521 9.81 -37.84 27.31
C TYR E 521 8.78 -38.07 28.43
N ASN E 522 8.50 -39.34 28.68
CA ASN E 522 7.55 -39.82 29.68
C ASN E 522 6.88 -41.07 29.10
N GLU E 526 4.93 -41.92 26.63
CA GLU E 526 3.91 -41.91 27.68
C GLU E 526 2.52 -42.00 27.07
N ASP E 527 2.01 -40.85 26.65
CA ASP E 527 0.70 -40.76 26.04
C ASP E 527 0.80 -40.41 24.55
N LEU E 528 1.51 -39.32 24.26
CA LEU E 528 1.66 -38.84 22.87
C LEU E 528 3.09 -38.84 22.37
N MET E 529 3.24 -38.55 21.09
CA MET E 529 4.55 -38.49 20.46
C MET E 529 5.29 -37.22 20.92
N PRO E 530 6.62 -37.27 20.97
CA PRO E 530 7.46 -36.14 21.40
C PRO E 530 7.16 -34.74 20.83
N LEU E 531 6.99 -34.59 19.51
CA LEU E 531 6.72 -33.25 18.97
C LEU E 531 5.45 -32.63 19.57
N GLN E 532 4.36 -33.38 19.63
CA GLN E 532 3.11 -32.87 20.22
C GLN E 532 3.35 -32.71 21.72
N ALA E 533 3.92 -33.74 22.31
CA ALA E 533 4.22 -33.72 23.72
C ALA E 533 4.96 -32.43 24.05
N PHE E 534 5.96 -32.10 23.23
CA PHE E 534 6.77 -30.92 23.44
C PHE E 534 6.04 -29.62 23.20
N LEU E 535 5.19 -29.60 22.19
CA LEU E 535 4.45 -28.38 21.92
C LEU E 535 3.55 -28.08 23.08
N SER E 536 2.97 -29.11 23.69
CA SER E 536 2.08 -28.91 24.82
C SER E 536 2.86 -28.29 25.98
N HIS E 537 4.06 -28.80 26.18
CA HIS E 537 4.97 -28.33 27.22
C HIS E 537 5.29 -26.84 27.05
N ALA E 538 5.66 -26.45 25.84
CA ALA E 538 6.01 -25.06 25.54
C ALA E 538 4.83 -24.11 25.67
N ALA E 539 3.61 -24.64 25.53
CA ALA E 539 2.43 -23.80 25.64
C ALA E 539 1.97 -23.64 27.08
N LEU E 540 2.26 -24.65 27.90
CA LEU E 540 1.84 -24.63 29.30
C LEU E 540 2.91 -24.23 30.30
N GLU E 541 4.16 -24.26 29.86
CA GLU E 541 5.26 -23.91 30.74
C GLU E 541 6.00 -22.72 30.13
N ALA E 542 5.68 -21.51 30.59
CA ALA E 542 6.34 -20.30 30.10
C ALA E 542 7.85 -20.53 30.03
N GLY E 543 8.46 -20.94 31.14
CA GLY E 543 9.87 -21.25 31.14
C GLY E 543 10.99 -20.27 31.49
N GLU E 544 10.74 -19.30 32.36
CA GLU E 544 11.75 -18.32 32.77
C GLU E 544 12.40 -17.49 31.64
N GLY E 545 13.26 -16.55 32.03
CA GLY E 545 13.95 -15.67 31.05
C GLY E 545 15.48 -15.82 30.99
N GLN E 546 15.95 -17.05 30.75
CA GLN E 546 17.37 -17.40 30.59
C GLN E 546 18.37 -17.31 31.75
N ALA E 547 19.65 -17.48 31.37
CA ALA E 547 20.84 -17.52 32.23
C ALA E 547 21.11 -16.41 33.26
N ASP E 548 22.41 -16.29 33.61
CA ASP E 548 22.92 -15.33 34.61
C ASP E 548 22.48 -15.87 35.97
N THR E 549 22.32 -17.19 36.00
CA THR E 549 21.84 -17.92 37.17
C THR E 549 22.73 -18.13 38.40
N TRP E 550 24.05 -18.03 38.27
CA TRP E 550 24.92 -18.25 39.41
C TRP E 550 25.25 -17.04 40.27
N GLN E 551 25.21 -15.85 39.67
CA GLN E 551 25.51 -14.61 40.39
C GLN E 551 24.62 -14.35 41.60
N ASP E 552 25.24 -13.87 42.66
CA ASP E 552 24.51 -13.51 43.87
C ASP E 552 23.93 -12.17 43.41
N ALA E 553 22.63 -12.15 43.13
CA ALA E 553 22.03 -10.91 42.67
C ALA E 553 20.89 -10.49 43.60
N VAL E 554 20.59 -9.18 43.61
CA VAL E 554 19.49 -8.69 44.44
C VAL E 554 18.24 -9.05 43.67
N GLN E 555 17.16 -9.37 44.37
CA GLN E 555 15.91 -9.77 43.70
C GLN E 555 14.89 -8.65 43.53
N LEU E 556 14.53 -8.38 42.29
CA LEU E 556 13.55 -7.34 42.02
C LEU E 556 12.32 -7.95 41.38
N MET E 557 11.14 -7.51 41.81
CA MET E 557 9.90 -7.99 41.26
C MET E 557 8.73 -7.21 41.83
N THR E 558 7.56 -7.42 41.26
CA THR E 558 6.36 -6.79 41.75
C THR E 558 5.90 -7.58 42.98
N LEU E 559 5.03 -6.97 43.79
CA LEU E 559 4.51 -7.63 44.96
C LEU E 559 3.76 -8.88 44.53
N HIS E 560 3.04 -8.81 43.43
CA HIS E 560 2.30 -9.98 42.99
C HIS E 560 3.21 -11.18 42.76
N SER E 561 4.36 -10.99 42.13
CA SER E 561 5.24 -12.12 41.89
C SER E 561 6.22 -12.41 43.01
N ALA E 562 5.88 -12.00 44.23
CA ALA E 562 6.75 -12.25 45.38
C ALA E 562 6.00 -13.18 46.29
N LYS E 563 4.74 -13.42 45.94
CA LYS E 563 3.87 -14.30 46.71
C LYS E 563 4.51 -15.69 46.80
N GLY E 564 4.71 -16.16 48.02
CA GLY E 564 5.28 -17.48 48.22
C GLY E 564 6.77 -17.49 48.48
N LEU E 565 7.42 -16.36 48.21
CA LEU E 565 8.84 -16.26 48.43
C LEU E 565 9.09 -15.66 49.81
N GLU E 566 10.34 -15.73 50.26
CA GLU E 566 10.73 -15.17 51.54
C GLU E 566 12.16 -14.69 51.40
N PHE E 567 12.49 -13.58 52.05
CA PHE E 567 13.84 -13.03 51.99
C PHE E 567 14.12 -12.43 53.36
N PRO E 568 15.37 -12.57 53.86
CA PRO E 568 15.73 -12.01 55.17
C PRO E 568 15.54 -10.50 55.17
N GLN E 569 15.88 -9.89 54.04
CA GLN E 569 15.78 -8.44 53.85
C GLN E 569 14.75 -8.24 52.76
N VAL E 570 13.71 -7.47 53.05
CA VAL E 570 12.70 -7.16 52.04
C VAL E 570 12.47 -5.66 52.01
N PHE E 571 12.64 -5.08 50.83
CA PHE E 571 12.45 -3.65 50.63
C PHE E 571 11.22 -3.38 49.79
N ILE E 572 10.24 -2.69 50.36
CA ILE E 572 9.05 -2.34 49.57
C ILE E 572 9.07 -0.85 49.23
N VAL E 573 9.09 -0.56 47.95
CA VAL E 573 9.15 0.83 47.49
C VAL E 573 7.82 1.40 47.00
N GLY E 574 7.77 2.73 46.90
CA GLY E 574 6.58 3.43 46.42
C GLY E 574 5.39 3.37 47.34
N MET E 575 5.65 3.35 48.63
CA MET E 575 4.58 3.30 49.62
C MET E 575 3.94 4.66 49.82
N GLU E 576 3.15 5.09 48.83
CA GLU E 576 2.48 6.38 48.89
C GLU E 576 1.09 6.29 48.27
N GLU E 577 0.14 7.03 48.85
CA GLU E 577 -1.23 7.08 48.36
C GLU E 577 -1.20 7.68 46.96
N GLY E 578 -1.84 7.01 46.01
CA GLY E 578 -1.83 7.50 44.64
C GLY E 578 -0.99 6.58 43.77
N MET E 579 -0.38 5.62 44.46
CA MET E 579 0.45 4.61 43.81
C MET E 579 0.12 3.25 44.42
N PHE E 580 -0.18 3.25 45.71
CA PHE E 580 -0.49 2.02 46.42
C PHE E 580 -1.23 2.31 47.73
N PRO E 581 -2.57 2.38 47.68
CA PRO E 581 -3.46 2.21 46.53
C PRO E 581 -3.36 3.37 45.56
N SER E 582 -3.77 3.15 44.32
CA SER E 582 -3.68 4.18 43.30
C SER E 582 -5.01 4.72 42.76
N GLN E 583 -5.13 4.68 41.43
CA GLN E 583 -6.32 5.16 40.72
C GLN E 583 -7.60 4.47 41.14
N MET E 584 -7.99 3.45 40.39
CA MET E 584 -9.21 2.66 40.63
C MET E 584 -9.66 2.61 42.09
N SER E 585 -8.76 2.14 42.96
CA SER E 585 -9.01 2.01 44.40
C SER E 585 -9.28 3.36 45.09
N LEU E 586 -9.14 4.45 44.34
CA LEU E 586 -9.37 5.79 44.88
C LEU E 586 -10.75 6.34 44.50
N ASP E 587 -10.98 6.53 43.20
CA ASP E 587 -12.24 7.07 42.68
C ASP E 587 -13.46 6.17 42.87
N GLU E 588 -13.54 5.52 44.03
CA GLU E 588 -14.65 4.63 44.38
C GLU E 588 -14.49 3.20 43.83
N GLY E 589 -14.55 2.23 44.75
CA GLY E 589 -14.42 0.82 44.40
C GLY E 589 -14.48 -0.03 45.67
N GLY E 590 -13.44 -0.83 45.89
CA GLY E 590 -13.32 -1.72 47.04
C GLY E 590 -12.21 -2.72 46.74
N ARG E 591 -11.50 -2.46 45.63
CA ARG E 591 -10.38 -3.30 45.25
C ARG E 591 -9.32 -2.92 46.30
N LEU E 592 -9.67 -1.92 47.10
CA LEU E 592 -8.84 -1.40 48.18
C LEU E 592 -8.40 -2.53 49.11
N GLU E 593 -9.37 -3.31 49.56
CA GLU E 593 -9.10 -4.43 50.45
C GLU E 593 -8.16 -5.43 49.79
N GLU E 594 -8.23 -5.53 48.48
CA GLU E 594 -7.35 -6.42 47.74
C GLU E 594 -5.95 -5.80 47.85
N GLU E 595 -5.91 -4.48 47.71
CA GLU E 595 -4.66 -3.75 47.77
C GLU E 595 -4.02 -3.85 49.14
N ARG E 596 -4.83 -3.92 50.19
CA ARG E 596 -4.27 -4.05 51.52
C ARG E 596 -3.79 -5.49 51.70
N ARG E 597 -4.41 -6.41 50.97
CA ARG E 597 -4.02 -7.81 51.03
C ARG E 597 -2.68 -7.96 50.31
N LEU E 598 -2.55 -7.26 49.19
CA LEU E 598 -1.30 -7.32 48.46
C LEU E 598 -0.26 -6.81 49.47
N ALA E 599 -0.56 -5.69 50.11
CA ALA E 599 0.35 -5.12 51.09
C ALA E 599 0.73 -6.16 52.14
N TYR E 600 -0.29 -6.80 52.68
CA TYR E 600 -0.12 -7.83 53.70
C TYR E 600 0.86 -8.90 53.23
N VAL E 601 0.70 -9.34 51.98
CA VAL E 601 1.58 -10.34 51.41
C VAL E 601 3.02 -9.83 51.44
N GLY E 602 3.24 -8.68 50.82
CA GLY E 602 4.56 -8.08 50.80
C GLY E 602 5.18 -8.11 52.18
N VAL E 603 4.46 -7.59 53.17
CA VAL E 603 4.95 -7.58 54.53
C VAL E 603 5.37 -8.96 55.03
N THR E 604 4.52 -9.97 54.81
CA THR E 604 4.81 -11.32 55.29
C THR E 604 5.84 -12.11 54.48
N ARG E 605 6.60 -11.41 53.66
CA ARG E 605 7.64 -12.06 52.87
C ARG E 605 8.98 -11.85 53.59
N ALA E 606 9.01 -10.92 54.53
CA ALA E 606 10.23 -10.63 55.27
C ALA E 606 10.52 -11.59 56.40
N MET E 607 11.77 -12.02 56.51
CA MET E 607 12.19 -12.95 57.56
C MET E 607 12.90 -12.24 58.69
N GLN E 608 13.88 -11.40 58.36
CA GLN E 608 14.63 -10.70 59.37
C GLN E 608 14.35 -9.21 59.48
N LYS E 609 14.22 -8.56 58.33
CA LYS E 609 14.02 -7.12 58.32
C LYS E 609 13.14 -6.61 57.18
N LEU E 610 12.34 -5.62 57.49
CA LEU E 610 11.47 -5.01 56.50
C LEU E 610 11.71 -3.50 56.49
N THR E 611 11.87 -2.94 55.29
CA THR E 611 12.09 -1.52 55.15
C THR E 611 11.06 -1.03 54.14
N LEU E 612 10.17 -0.16 54.57
CA LEU E 612 9.15 0.40 53.69
C LEU E 612 9.63 1.80 53.36
N THR E 613 9.41 2.28 52.15
CA THR E 613 9.85 3.62 51.83
C THR E 613 8.93 4.32 50.86
N TYR E 614 9.03 5.65 50.81
CA TYR E 614 8.23 6.49 49.91
C TYR E 614 8.95 7.82 49.73
N ALA E 615 8.57 8.59 48.73
CA ALA E 615 9.21 9.88 48.51
C ALA E 615 8.22 11.02 48.69
N GLU E 616 8.73 12.23 48.88
CA GLU E 616 7.85 13.40 49.01
C GLU E 616 7.51 13.83 47.59
N THR E 617 8.35 13.44 46.63
CA THR E 617 8.15 13.78 45.23
C THR E 617 8.65 12.78 44.21
N ARG E 618 7.86 12.59 43.16
CA ARG E 618 8.26 11.72 42.07
C ARG E 618 7.64 12.27 40.80
N ARG E 619 8.33 12.06 39.69
CA ARG E 619 7.91 12.54 38.38
C ARG E 619 7.01 11.53 37.66
N LEU E 620 5.78 11.37 38.15
CA LEU E 620 4.84 10.44 37.55
C LEU E 620 4.45 10.79 36.12
N TYR E 621 4.97 9.99 35.18
CA TYR E 621 4.77 10.19 33.75
C TYR E 621 4.16 11.53 33.39
N GLY E 622 5.06 12.50 33.23
CA GLY E 622 4.65 13.83 32.90
C GLY E 622 5.31 14.81 33.85
N LYS E 623 4.49 15.36 34.74
CA LYS E 623 4.94 16.35 35.71
C LYS E 623 5.30 15.77 37.07
N GLU E 624 5.80 16.65 37.93
CA GLU E 624 6.18 16.29 39.28
C GLU E 624 4.92 16.18 40.10
N VAL E 625 4.90 15.24 41.04
CA VAL E 625 3.73 15.06 41.89
C VAL E 625 4.19 15.01 43.33
N TYR E 626 3.25 15.17 44.25
CA TYR E 626 3.57 15.15 45.65
C TYR E 626 2.59 14.25 46.36
N HIS E 627 2.95 12.97 46.46
CA HIS E 627 2.12 11.97 47.11
C HIS E 627 2.37 11.95 48.60
N ARG E 628 1.37 11.56 49.37
CA ARG E 628 1.56 11.46 50.80
C ARG E 628 1.64 9.97 51.07
N PRO E 629 2.25 9.58 52.21
CA PRO E 629 2.42 8.18 52.62
C PRO E 629 1.15 7.31 52.56
N SER E 630 1.32 6.06 52.12
CA SER E 630 0.19 5.12 52.03
C SER E 630 -0.46 5.04 53.39
N ARG E 631 -1.79 4.89 53.40
CA ARG E 631 -2.50 4.80 54.66
C ARG E 631 -2.08 3.51 55.35
N PHE E 632 -1.49 2.61 54.58
CA PHE E 632 -1.04 1.32 55.08
C PHE E 632 0.07 1.50 56.09
N ILE E 633 1.02 2.35 55.76
CA ILE E 633 2.13 2.61 56.64
C ILE E 633 1.64 3.13 57.98
N GLY E 634 0.53 3.86 57.95
CA GLY E 634 -0.06 4.40 59.17
C GLY E 634 -0.88 3.40 59.96
N GLU E 635 -1.25 2.29 59.33
CA GLU E 635 -2.03 1.26 59.99
C GLU E 635 -1.17 0.23 60.71
N LEU E 636 0.14 0.40 60.65
CA LEU E 636 1.06 -0.51 61.33
C LEU E 636 1.29 0.06 62.73
N PRO E 637 1.58 -0.80 63.72
CA PRO E 637 1.82 -0.35 65.10
C PRO E 637 2.97 0.66 65.18
N GLU E 638 2.89 1.59 66.12
CA GLU E 638 3.93 2.58 66.28
C GLU E 638 5.15 1.96 66.91
N GLU E 639 4.95 0.91 67.71
CA GLU E 639 6.04 0.23 68.41
C GLU E 639 6.90 -0.66 67.51
N CYS E 640 6.28 -1.24 66.48
CA CYS E 640 6.99 -2.13 65.54
C CYS E 640 7.71 -1.34 64.46
N VAL E 641 7.36 -0.06 64.36
CA VAL E 641 7.93 0.84 63.36
C VAL E 641 9.09 1.68 63.86
N GLU E 642 9.91 2.13 62.93
CA GLU E 642 11.07 2.97 63.23
C GLU E 642 11.39 3.83 62.00
N GLU E 643 11.09 5.11 62.08
CA GLU E 643 11.31 6.02 60.97
C GLU E 643 12.73 6.57 60.82
N VAL E 644 13.32 6.35 59.65
CA VAL E 644 14.66 6.83 59.34
C VAL E 644 14.51 8.14 58.58
N ARG E 645 15.56 8.95 58.63
CA ARG E 645 15.52 10.24 57.95
C ARG E 645 16.87 10.97 57.90
N LEU E 646 17.00 11.79 56.87
CA LEU E 646 18.20 12.59 56.67
C LEU E 646 17.79 14.02 56.97
N ARG E 647 18.64 14.73 57.70
CA ARG E 647 18.34 16.11 58.03
C ARG E 647 19.54 16.97 57.66
N ALA E 648 19.27 18.18 57.16
CA ALA E 648 20.33 19.10 56.77
C ALA E 648 20.96 19.76 58.01
N THR E 649 22.05 19.19 58.49
CA THR E 649 22.73 19.73 59.65
C THR E 649 23.88 20.65 59.21
N VAL E 650 23.63 21.95 59.18
CA VAL E 650 24.65 22.91 58.77
C VAL E 650 25.52 23.32 59.95
N SER E 651 26.71 22.74 60.03
CA SER E 651 27.63 23.05 61.13
C SER E 651 28.69 24.08 60.78
N ARG E 652 28.64 25.24 61.43
CA ARG E 652 29.64 26.29 61.19
C ARG E 652 31.00 25.73 61.60
N PRO E 653 31.81 25.36 60.60
CA PRO E 653 33.14 24.78 60.81
C PRO E 653 33.88 25.37 62.01
N VAL F 3 5.96 44.98 -63.45
CA VAL F 3 5.42 43.68 -62.94
C VAL F 3 5.94 42.53 -63.79
N SER F 4 5.02 41.66 -64.20
CA SER F 4 5.35 40.52 -65.04
C SER F 4 6.61 39.74 -64.69
N TYR F 5 7.05 39.80 -63.44
CA TYR F 5 8.21 39.02 -63.02
C TYR F 5 7.53 37.86 -62.30
N LEU F 6 6.33 38.16 -61.82
CA LEU F 6 5.49 37.21 -61.10
C LEU F 6 4.91 36.15 -62.03
N LEU F 7 5.07 36.31 -63.35
CA LEU F 7 4.51 35.37 -64.33
C LEU F 7 5.50 34.94 -65.41
N ASP F 8 6.60 35.68 -65.56
CA ASP F 8 7.60 35.37 -66.56
C ASP F 8 8.02 33.90 -66.55
N SER F 9 7.54 33.14 -65.55
CA SER F 9 7.92 31.74 -65.44
C SER F 9 6.88 30.82 -64.79
N LEU F 10 5.65 30.90 -65.28
CA LEU F 10 4.56 30.07 -64.79
C LEU F 10 3.82 29.55 -66.02
N ASN F 11 3.30 28.33 -65.94
CA ASN F 11 2.60 27.77 -67.10
C ASN F 11 1.23 28.40 -67.35
N ASP F 12 0.70 28.11 -68.52
CA ASP F 12 -0.60 28.60 -68.97
C ASP F 12 -1.66 28.70 -67.87
N LYS F 13 -1.87 27.61 -67.14
CA LYS F 13 -2.87 27.60 -66.10
C LYS F 13 -2.44 28.31 -64.81
N GLN F 14 -1.16 28.22 -64.47
CA GLN F 14 -0.71 28.89 -63.27
C GLN F 14 -1.05 30.37 -63.44
N ARG F 15 -0.57 30.96 -64.54
CA ARG F 15 -0.83 32.36 -64.84
C ARG F 15 -2.30 32.73 -64.71
N GLU F 16 -3.19 31.83 -65.11
CA GLU F 16 -4.62 32.11 -65.02
C GLU F 16 -5.05 32.42 -63.60
N ALA F 17 -4.50 31.70 -62.63
CA ALA F 17 -4.86 31.92 -61.24
C ALA F 17 -4.13 33.15 -60.71
N VAL F 18 -2.81 33.06 -60.64
CA VAL F 18 -2.01 34.17 -60.15
C VAL F 18 -2.53 35.52 -60.62
N ALA F 19 -2.65 35.69 -61.94
CA ALA F 19 -3.10 36.96 -62.53
C ALA F 19 -4.61 37.20 -62.51
N ALA F 20 -5.41 36.18 -62.21
CA ALA F 20 -6.87 36.34 -62.15
C ALA F 20 -7.26 37.55 -61.30
N PRO F 21 -8.47 38.08 -61.51
CA PRO F 21 -8.93 39.24 -60.73
C PRO F 21 -9.62 38.87 -59.40
N ARG F 22 -9.37 39.66 -58.35
CA ARG F 22 -9.98 39.41 -57.04
C ARG F 22 -11.34 38.73 -57.20
N SER F 23 -11.42 37.42 -56.97
CA SER F 23 -12.69 36.71 -57.13
C SER F 23 -12.69 35.36 -56.44
N ASN F 24 -13.86 34.93 -55.95
CA ASN F 24 -13.98 33.64 -55.26
C ASN F 24 -13.58 32.49 -56.21
N LEU F 25 -12.32 32.10 -56.13
CA LEU F 25 -11.79 31.05 -56.99
C LEU F 25 -11.49 29.73 -56.28
N LEU F 26 -11.38 28.67 -57.06
CA LEU F 26 -11.03 27.35 -56.57
C LEU F 26 -9.94 26.87 -57.50
N VAL F 27 -8.70 26.82 -57.01
CA VAL F 27 -7.60 26.37 -57.84
C VAL F 27 -7.38 24.88 -57.66
N LEU F 28 -8.29 24.10 -58.22
CA LEU F 28 -8.19 22.65 -58.14
C LEU F 28 -6.83 22.28 -58.72
N ALA F 29 -5.89 21.90 -57.86
CA ALA F 29 -4.54 21.53 -58.33
C ALA F 29 -4.23 20.07 -57.96
N GLY F 30 -3.78 19.31 -58.95
CA GLY F 30 -3.46 17.92 -58.69
C GLY F 30 -1.97 17.66 -58.58
N ALA F 31 -1.60 16.39 -58.41
CA ALA F 31 -0.22 15.95 -58.31
C ALA F 31 0.75 17.07 -58.02
N GLY F 32 1.89 17.05 -58.71
CA GLY F 32 2.89 18.08 -58.50
C GLY F 32 2.69 19.23 -59.45
N SER F 33 1.54 19.88 -59.36
CA SER F 33 1.22 21.01 -60.23
C SER F 33 1.84 22.32 -59.74
N GLY F 34 2.35 22.32 -58.52
CA GLY F 34 2.96 23.53 -58.01
C GLY F 34 1.95 24.47 -57.35
N LYS F 35 0.99 23.90 -56.64
CA LYS F 35 -0.03 24.73 -56.00
C LYS F 35 0.55 25.73 -55.03
N THR F 36 1.70 25.46 -54.44
CA THR F 36 2.26 26.43 -53.50
C THR F 36 2.91 27.55 -54.27
N ARG F 37 3.38 27.26 -55.48
CA ARG F 37 3.98 28.30 -56.28
C ARG F 37 2.84 29.27 -56.64
N VAL F 38 1.72 28.71 -57.07
CA VAL F 38 0.55 29.51 -57.42
C VAL F 38 0.11 30.41 -56.27
N LEU F 39 0.35 29.96 -55.04
CA LEU F 39 -0.05 30.72 -53.86
C LEU F 39 0.93 31.81 -53.42
N VAL F 40 2.23 31.59 -53.56
CA VAL F 40 3.16 32.63 -53.15
C VAL F 40 3.06 33.78 -54.14
N HIS F 41 2.88 33.47 -55.43
CA HIS F 41 2.76 34.49 -56.47
C HIS F 41 1.43 35.22 -56.45
N ARG F 42 0.33 34.49 -56.22
CA ARG F 42 -0.99 35.09 -56.16
C ARG F 42 -0.98 36.20 -55.15
N ILE F 43 -0.34 35.94 -54.02
CA ILE F 43 -0.24 36.91 -52.94
C ILE F 43 0.68 38.03 -53.40
N ALA F 44 1.88 37.65 -53.85
CA ALA F 44 2.83 38.62 -54.34
C ALA F 44 2.08 39.54 -55.29
N TRP F 45 1.21 38.94 -56.10
CA TRP F 45 0.40 39.67 -57.08
C TRP F 45 -0.59 40.62 -56.39
N LEU F 46 -1.45 40.09 -55.54
CA LEU F 46 -2.43 40.91 -54.84
C LEU F 46 -1.84 42.18 -54.26
N MET F 47 -0.51 42.26 -54.24
CA MET F 47 0.17 43.43 -53.71
C MET F 47 0.75 44.28 -54.84
N SER F 48 1.73 43.73 -55.55
CA SER F 48 2.37 44.45 -56.64
C SER F 48 1.47 44.74 -57.83
N VAL F 49 0.25 44.22 -57.83
CA VAL F 49 -0.66 44.46 -58.94
C VAL F 49 -2.03 45.02 -58.54
N GLU F 50 -2.74 44.32 -57.67
CA GLU F 50 -4.05 44.78 -57.21
C GLU F 50 -3.87 45.87 -56.16
N ASN F 51 -2.61 46.21 -55.91
CA ASN F 51 -2.26 47.24 -54.93
C ASN F 51 -2.99 47.13 -53.61
N CYS F 52 -3.25 45.90 -53.17
CA CYS F 52 -3.92 45.73 -51.89
C CYS F 52 -2.86 45.65 -50.82
N SER F 53 -3.28 45.82 -49.57
CA SER F 53 -2.36 45.85 -48.44
C SER F 53 -2.08 44.54 -47.71
N PRO F 54 -0.82 44.35 -47.30
CA PRO F 54 -0.43 43.14 -46.59
C PRO F 54 -1.48 42.86 -45.53
N TYR F 55 -1.79 43.89 -44.76
CA TYR F 55 -2.75 43.82 -43.67
C TYR F 55 -4.13 43.29 -44.08
N SER F 56 -4.35 43.10 -45.38
CA SER F 56 -5.65 42.60 -45.85
C SER F 56 -5.62 41.15 -46.31
N ILE F 57 -4.45 40.53 -46.30
CA ILE F 57 -4.30 39.15 -46.72
C ILE F 57 -4.23 38.17 -45.55
N MET F 58 -4.77 36.98 -45.74
CA MET F 58 -4.74 35.94 -44.70
C MET F 58 -4.57 34.53 -45.25
N ALA F 59 -3.31 34.12 -45.42
CA ALA F 59 -3.02 32.77 -45.90
C ALA F 59 -3.29 31.78 -44.77
N VAL F 60 -3.95 30.67 -45.08
CA VAL F 60 -4.25 29.70 -44.06
C VAL F 60 -3.93 28.30 -44.54
N THR F 61 -3.15 27.57 -43.73
CA THR F 61 -2.79 26.19 -44.05
C THR F 61 -3.18 25.31 -42.89
N PHE F 62 -2.85 24.02 -42.97
CA PHE F 62 -3.18 23.08 -41.91
C PHE F 62 -2.03 22.78 -40.97
N THR F 63 -0.85 22.55 -41.54
CA THR F 63 0.35 22.23 -40.77
C THR F 63 1.20 23.48 -40.54
N ASN F 64 2.10 23.41 -39.57
CA ASN F 64 2.96 24.55 -39.27
C ASN F 64 4.11 24.65 -40.26
N LYS F 65 4.61 23.49 -40.72
CA LYS F 65 5.72 23.50 -41.67
C LYS F 65 5.26 24.22 -42.93
N ALA F 66 4.00 23.98 -43.28
CA ALA F 66 3.39 24.59 -44.45
C ALA F 66 3.34 26.12 -44.32
N ALA F 67 2.97 26.61 -43.15
CA ALA F 67 2.92 28.05 -42.95
C ALA F 67 4.32 28.63 -42.99
N ALA F 68 5.28 27.91 -42.42
CA ALA F 68 6.67 28.37 -42.41
C ALA F 68 7.27 28.48 -43.82
N GLU F 69 6.96 27.50 -44.67
CA GLU F 69 7.46 27.50 -46.03
C GLU F 69 6.79 28.67 -46.72
N MET F 70 5.47 28.75 -46.58
CA MET F 70 4.68 29.81 -47.18
C MET F 70 5.34 31.15 -46.85
N ARG F 71 5.32 31.46 -45.55
CA ARG F 71 5.90 32.68 -45.01
C ARG F 71 7.30 32.92 -45.59
N HIS F 72 8.15 31.90 -45.56
CA HIS F 72 9.50 32.02 -46.08
C HIS F 72 9.48 32.43 -47.53
N ARG F 73 8.83 31.63 -48.37
CA ARG F 73 8.75 31.91 -49.79
C ARG F 73 8.16 33.28 -50.12
N ILE F 74 7.11 33.68 -49.41
CA ILE F 74 6.52 34.98 -49.67
C ILE F 74 7.60 36.04 -49.53
N GLY F 75 8.55 35.77 -48.66
CA GLY F 75 9.65 36.69 -48.43
C GLY F 75 10.57 36.77 -49.63
N GLN F 76 11.19 35.64 -50.00
CA GLN F 76 12.10 35.62 -51.14
C GLN F 76 11.35 35.85 -52.43
N LEU F 77 10.52 36.89 -52.47
CA LEU F 77 9.75 37.20 -53.64
C LEU F 77 9.06 38.53 -53.39
N MET F 78 9.49 39.21 -52.33
CA MET F 78 8.94 40.49 -51.95
C MET F 78 9.90 41.21 -51.01
N GLY F 79 9.33 42.01 -50.10
CA GLY F 79 10.14 42.71 -49.13
C GLY F 79 10.42 41.76 -47.98
N THR F 80 11.68 41.35 -47.82
CA THR F 80 12.07 40.45 -46.74
C THR F 80 11.17 40.86 -45.58
N SER F 81 11.11 42.17 -45.39
CA SER F 81 10.26 42.75 -44.35
C SER F 81 8.82 42.69 -44.87
N GLN F 82 8.04 41.74 -44.34
CA GLN F 82 6.66 41.63 -44.77
C GLN F 82 5.84 42.54 -43.84
N GLY F 83 4.76 43.12 -44.36
CA GLY F 83 3.93 43.98 -43.53
C GLY F 83 3.22 43.18 -42.46
N GLY F 84 1.98 43.54 -42.15
CA GLY F 84 1.23 42.82 -41.14
C GLY F 84 0.18 41.90 -41.74
N MET F 85 0.62 40.86 -42.46
CA MET F 85 -0.33 39.93 -43.05
C MET F 85 -0.34 38.67 -42.20
N TRP F 86 -1.44 37.92 -42.25
CA TRP F 86 -1.57 36.70 -41.48
C TRP F 86 -1.38 35.47 -42.33
N VAL F 87 -0.36 34.69 -42.01
CA VAL F 87 -0.08 33.44 -42.71
C VAL F 87 0.12 32.44 -41.60
N GLY F 88 -0.93 31.71 -41.23
CA GLY F 88 -0.79 30.75 -40.17
C GLY F 88 -1.56 29.46 -40.37
N THR F 89 -1.96 28.85 -39.28
CA THR F 89 -2.71 27.62 -39.34
C THR F 89 -4.06 27.93 -38.76
N PHE F 90 -5.04 27.05 -38.97
CA PHE F 90 -6.37 27.28 -38.45
C PHE F 90 -6.29 27.48 -36.94
N HIS F 91 -5.49 26.64 -36.31
CA HIS F 91 -5.33 26.72 -34.88
C HIS F 91 -4.50 27.94 -34.49
N GLY F 92 -3.45 28.23 -35.24
CA GLY F 92 -2.64 29.38 -34.91
C GLY F 92 -3.41 30.69 -35.00
N LEU F 93 -4.24 30.83 -36.03
CA LEU F 93 -5.02 32.04 -36.25
C LEU F 93 -6.15 32.19 -35.23
N ALA F 94 -6.84 31.10 -34.92
CA ALA F 94 -7.90 31.19 -33.93
C ALA F 94 -7.24 31.71 -32.65
N HIS F 95 -6.13 31.11 -32.26
CA HIS F 95 -5.37 31.53 -31.08
C HIS F 95 -5.16 33.05 -31.09
N ARG F 96 -4.58 33.55 -32.17
CA ARG F 96 -4.28 34.98 -32.34
C ARG F 96 -5.51 35.81 -31.99
N LEU F 97 -6.66 35.35 -32.45
CA LEU F 97 -7.91 36.03 -32.17
C LEU F 97 -8.24 35.85 -30.70
N LEU F 98 -8.56 34.61 -30.32
CA LEU F 98 -8.92 34.28 -28.96
C LEU F 98 -8.13 34.99 -27.86
N ARG F 99 -6.97 35.54 -28.20
CA ARG F 99 -6.16 36.27 -27.22
C ARG F 99 -6.59 37.73 -27.20
N ALA F 100 -6.75 38.29 -28.40
CA ALA F 100 -7.16 39.66 -28.58
C ALA F 100 -8.52 39.98 -27.98
N HIS F 101 -9.40 38.99 -27.91
CA HIS F 101 -10.73 39.21 -27.36
C HIS F 101 -11.03 38.13 -26.33
N HIS F 102 -9.98 37.70 -25.65
CA HIS F 102 -10.07 36.67 -24.62
C HIS F 102 -11.19 37.07 -23.66
N MET F 103 -11.44 38.36 -23.59
CA MET F 103 -12.45 38.89 -22.71
C MET F 103 -13.82 38.58 -23.32
N ASP F 104 -13.92 38.79 -24.63
CA ASP F 104 -15.16 38.54 -25.37
C ASP F 104 -15.46 37.06 -25.32
N ALA F 105 -14.45 36.24 -25.60
CA ALA F 105 -14.61 34.80 -25.47
C ALA F 105 -14.58 34.79 -23.95
N ASN F 106 -15.23 33.85 -23.30
CA ASN F 106 -15.22 33.91 -21.84
C ASN F 106 -13.98 33.26 -21.23
N LEU F 107 -12.84 33.93 -21.33
CA LEU F 107 -11.60 33.40 -20.76
C LEU F 107 -10.56 34.44 -20.37
N PRO F 108 -9.57 34.04 -19.54
CA PRO F 108 -8.46 34.87 -19.05
C PRO F 108 -7.46 35.26 -20.11
N GLN F 109 -6.67 36.28 -19.81
CA GLN F 109 -5.67 36.77 -20.75
C GLN F 109 -4.66 35.68 -21.04
N ASP F 110 -4.35 34.89 -20.02
CA ASP F 110 -3.36 33.81 -20.16
C ASP F 110 -3.95 32.43 -19.98
N PHE F 111 -4.87 32.05 -20.87
CA PHE F 111 -5.44 30.73 -20.81
C PHE F 111 -4.33 29.81 -21.29
N GLN F 112 -4.54 28.51 -21.23
CA GLN F 112 -3.50 27.56 -21.63
C GLN F 112 -4.01 26.54 -22.64
N ILE F 113 -3.27 26.34 -23.71
CA ILE F 113 -3.69 25.34 -24.70
C ILE F 113 -3.34 23.94 -24.20
N LEU F 114 -4.20 22.96 -24.49
CA LEU F 114 -3.97 21.58 -24.08
C LEU F 114 -3.53 20.69 -25.24
N ASP F 115 -2.34 20.09 -25.17
CA ASP F 115 -1.93 19.20 -26.24
C ASP F 115 -2.70 17.91 -25.99
N SER F 116 -2.53 16.91 -26.85
CA SER F 116 -3.25 15.65 -26.69
C SER F 116 -3.03 14.88 -25.39
N GLU F 117 -1.80 14.79 -24.90
CA GLU F 117 -1.57 14.07 -23.66
C GLU F 117 -2.39 14.67 -22.52
N ASP F 118 -2.27 15.99 -22.35
CA ASP F 118 -3.00 16.72 -21.30
C ASP F 118 -4.48 16.40 -21.40
N GLN F 119 -5.02 16.57 -22.60
CA GLN F 119 -6.43 16.33 -22.86
C GLN F 119 -6.82 14.92 -22.48
N LEU F 120 -5.91 13.99 -22.75
CA LEU F 120 -6.17 12.59 -22.44
C LEU F 120 -6.28 12.42 -20.93
N ARG F 121 -5.21 12.81 -20.22
CA ARG F 121 -5.14 12.72 -18.75
C ARG F 121 -6.35 13.31 -18.05
N LEU F 122 -6.70 14.52 -18.46
CA LEU F 122 -7.84 15.24 -17.88
C LEU F 122 -9.08 14.37 -17.93
N LEU F 123 -9.09 13.40 -18.84
CA LEU F 123 -10.23 12.51 -19.00
C LEU F 123 -10.16 11.29 -18.09
N LYS F 124 -9.00 10.63 -18.05
CA LYS F 124 -8.85 9.49 -17.15
C LYS F 124 -9.25 9.96 -15.74
N ARG F 125 -8.92 11.21 -15.42
CA ARG F 125 -9.23 11.83 -14.13
C ARG F 125 -10.71 12.05 -13.86
N LEU F 126 -11.35 12.85 -14.70
CA LEU F 126 -12.77 13.15 -14.56
C LEU F 126 -13.68 11.92 -14.66
N ILE F 127 -13.22 10.89 -15.38
CA ILE F 127 -14.00 9.67 -15.54
C ILE F 127 -14.09 8.87 -14.25
N LYS F 128 -13.04 8.91 -13.44
CA LYS F 128 -13.05 8.20 -12.17
C LYS F 128 -13.94 8.96 -11.19
N ALA F 129 -13.90 10.29 -11.26
CA ALA F 129 -14.71 11.11 -10.37
C ALA F 129 -16.18 10.74 -10.57
N MET F 130 -16.56 10.53 -11.82
CA MET F 130 -17.93 10.18 -12.15
C MET F 130 -18.15 8.70 -11.82
N ASN F 131 -17.11 8.09 -11.27
CA ASN F 131 -17.13 6.67 -10.88
C ASN F 131 -17.20 5.71 -12.07
N LEU F 132 -17.40 6.26 -13.28
CA LEU F 132 -17.46 5.43 -14.48
C LEU F 132 -16.35 4.39 -14.46
N ASP F 133 -16.63 3.20 -14.98
CA ASP F 133 -15.63 2.14 -15.00
C ASP F 133 -14.59 2.39 -16.06
N GLU F 134 -13.34 2.04 -15.75
CA GLU F 134 -12.23 2.23 -16.67
C GLU F 134 -12.58 1.77 -18.08
N LYS F 135 -12.65 0.45 -18.27
CA LYS F 135 -12.94 -0.12 -19.58
C LYS F 135 -14.40 0.03 -20.02
N GLN F 136 -15.24 0.62 -19.17
CA GLN F 136 -16.65 0.81 -19.53
C GLN F 136 -16.78 2.04 -20.41
N TRP F 137 -15.95 3.04 -20.11
CA TRP F 137 -15.93 4.27 -20.87
C TRP F 137 -14.46 4.67 -20.81
N PRO F 138 -13.66 4.17 -21.75
CA PRO F 138 -12.23 4.49 -21.78
C PRO F 138 -11.91 5.94 -22.13
N PRO F 139 -10.63 6.33 -21.99
CA PRO F 139 -10.13 7.67 -22.28
C PRO F 139 -10.31 8.06 -23.74
N ARG F 140 -9.60 7.36 -24.62
CA ARG F 140 -9.66 7.61 -26.06
C ARG F 140 -11.08 7.91 -26.55
N GLN F 141 -11.96 6.91 -26.43
CA GLN F 141 -13.35 7.07 -26.86
C GLN F 141 -13.85 8.43 -26.42
N ALA F 142 -13.65 8.70 -25.13
CA ALA F 142 -14.05 9.97 -24.55
C ALA F 142 -13.42 11.10 -25.35
N MET F 143 -12.10 11.03 -25.55
CA MET F 143 -11.41 12.05 -26.30
C MET F 143 -12.03 12.16 -27.68
N TRP F 144 -12.09 11.03 -28.39
CA TRP F 144 -12.66 11.00 -29.72
C TRP F 144 -14.04 11.64 -29.77
N TYR F 145 -15.00 11.02 -29.10
CA TYR F 145 -16.36 11.55 -29.08
C TYR F 145 -16.33 13.07 -28.96
N ILE F 146 -15.72 13.57 -27.88
CA ILE F 146 -15.64 14.99 -27.60
C ILE F 146 -15.10 15.88 -28.71
N ASN F 147 -13.90 15.57 -29.20
CA ASN F 147 -13.32 16.37 -30.27
C ASN F 147 -14.30 16.47 -31.43
N SER F 148 -14.90 15.33 -31.80
CA SER F 148 -15.88 15.27 -32.87
C SER F 148 -17.03 16.23 -32.61
N GLN F 149 -17.60 16.17 -31.41
CA GLN F 149 -18.71 17.05 -31.07
C GLN F 149 -18.32 18.52 -31.25
N LYS F 150 -17.02 18.77 -31.34
CA LYS F 150 -16.50 20.13 -31.52
C LYS F 150 -16.18 20.45 -32.98
N ASP F 151 -15.58 19.49 -33.68
CA ASP F 151 -15.23 19.68 -35.09
C ASP F 151 -16.48 19.82 -35.94
N GLU F 152 -17.63 19.73 -35.29
CA GLU F 152 -18.92 19.86 -35.95
C GLU F 152 -19.53 21.19 -35.54
N GLY F 153 -19.17 21.64 -34.33
CA GLY F 153 -19.69 22.91 -33.85
C GLY F 153 -20.78 22.76 -32.81
N LEU F 154 -20.96 21.54 -32.30
CA LEU F 154 -22.01 21.27 -31.32
C LEU F 154 -21.53 21.18 -29.86
N ARG F 155 -22.02 22.12 -29.04
CA ARG F 155 -21.69 22.22 -27.63
C ARG F 155 -22.37 21.17 -26.73
N PRO F 156 -22.38 21.38 -25.39
CA PRO F 156 -23.02 20.38 -24.54
C PRO F 156 -24.55 20.43 -24.59
N HIS F 157 -25.10 21.62 -24.79
CA HIS F 157 -26.55 21.74 -24.86
C HIS F 157 -27.05 21.51 -26.29
N HIS F 158 -26.12 21.56 -27.25
CA HIS F 158 -26.46 21.35 -28.65
C HIS F 158 -26.63 19.87 -28.96
N ILE F 159 -26.16 19.04 -28.04
CA ILE F 159 -26.27 17.59 -28.16
C ILE F 159 -27.40 17.21 -27.20
N GLN F 160 -28.01 16.04 -27.38
CA GLN F 160 -29.11 15.64 -26.50
C GLN F 160 -29.41 14.15 -26.46
N SER F 161 -29.98 13.72 -25.33
CA SER F 161 -30.34 12.32 -25.11
C SER F 161 -31.30 11.82 -26.18
N VAL F 166 -27.21 4.69 -22.77
CA VAL F 166 -25.78 4.48 -22.87
C VAL F 166 -25.16 5.43 -23.89
N GLU F 167 -25.79 6.58 -24.08
CA GLU F 167 -25.29 7.56 -25.04
C GLU F 167 -25.15 8.96 -24.42
N GLN F 168 -26.27 9.53 -23.98
CA GLN F 168 -26.31 10.87 -23.37
C GLN F 168 -25.35 11.04 -22.19
N THR F 169 -24.66 9.96 -21.84
CA THR F 169 -23.70 9.96 -20.75
C THR F 169 -22.36 10.53 -21.24
N TRP F 170 -21.92 10.12 -22.42
CA TRP F 170 -20.69 10.66 -22.98
C TRP F 170 -20.95 12.16 -23.04
N GLN F 171 -22.21 12.50 -23.31
CA GLN F 171 -22.64 13.88 -23.40
C GLN F 171 -22.52 14.53 -22.02
N LYS F 172 -22.71 13.73 -20.98
CA LYS F 172 -22.59 14.23 -19.63
C LYS F 172 -21.12 14.58 -19.43
N VAL F 173 -20.25 13.61 -19.68
CA VAL F 173 -18.81 13.79 -19.54
C VAL F 173 -18.40 15.08 -20.26
N TYR F 174 -18.72 15.16 -21.54
CA TYR F 174 -18.41 16.32 -22.36
C TYR F 174 -18.72 17.63 -21.60
N GLN F 175 -19.58 17.54 -20.59
CA GLN F 175 -19.92 18.72 -19.79
C GLN F 175 -18.83 18.89 -18.74
N ALA F 176 -18.65 17.88 -17.91
CA ALA F 176 -17.62 17.90 -16.87
C ALA F 176 -16.36 18.45 -17.50
N TYR F 177 -15.87 17.72 -18.49
CA TYR F 177 -14.68 18.10 -19.20
C TYR F 177 -14.74 19.60 -19.48
N GLN F 178 -15.76 20.01 -20.22
CA GLN F 178 -15.88 21.42 -20.56
C GLN F 178 -15.74 22.34 -19.35
N GLU F 179 -16.49 22.06 -18.28
CA GLU F 179 -16.44 22.89 -17.08
C GLU F 179 -15.05 22.97 -16.45
N ALA F 180 -14.47 21.82 -16.14
CA ALA F 180 -13.13 21.76 -15.55
C ALA F 180 -12.21 22.69 -16.32
N CYS F 181 -12.07 22.43 -17.61
CA CYS F 181 -11.22 23.24 -18.47
C CYS F 181 -11.54 24.72 -18.27
N ASP F 182 -12.82 25.08 -18.37
CA ASP F 182 -13.25 26.46 -18.25
C ASP F 182 -13.07 27.03 -16.85
N ARG F 183 -12.93 26.15 -15.87
CA ARG F 183 -12.75 26.53 -14.48
C ARG F 183 -11.28 26.75 -14.21
N ALA F 184 -10.46 26.01 -14.96
CA ALA F 184 -9.01 26.07 -14.83
C ALA F 184 -8.38 27.00 -15.85
N GLY F 185 -9.16 27.49 -16.79
CA GLY F 185 -8.64 28.38 -17.80
C GLY F 185 -7.99 27.60 -18.93
N LEU F 186 -8.57 26.45 -19.25
CA LEU F 186 -8.05 25.59 -20.30
C LEU F 186 -8.80 25.61 -21.62
N VAL F 187 -8.10 25.18 -22.66
CA VAL F 187 -8.62 25.11 -24.01
C VAL F 187 -7.82 24.06 -24.76
N ASP F 188 -8.52 23.16 -25.44
CA ASP F 188 -7.86 22.13 -26.22
C ASP F 188 -7.96 22.51 -27.68
N PHE F 189 -7.12 21.90 -28.51
CA PHE F 189 -7.07 22.20 -29.92
C PHE F 189 -8.39 22.51 -30.63
N ALA F 190 -9.32 21.55 -30.62
CA ALA F 190 -10.62 21.75 -31.27
C ALA F 190 -11.24 23.03 -30.74
N GLU F 191 -11.25 23.15 -29.42
CA GLU F 191 -11.81 24.30 -28.74
C GLU F 191 -11.32 25.62 -29.33
N LEU F 192 -10.06 25.66 -29.76
CA LEU F 192 -9.51 26.88 -30.32
C LEU F 192 -10.31 27.36 -31.51
N LEU F 193 -10.79 26.42 -32.32
CA LEU F 193 -11.58 26.74 -33.50
C LEU F 193 -13.01 27.07 -33.11
N LEU F 194 -13.64 26.12 -32.42
CA LEU F 194 -15.00 26.29 -31.96
C LEU F 194 -15.11 27.66 -31.29
N ARG F 195 -14.39 27.83 -30.20
CA ARG F 195 -14.39 29.09 -29.47
C ARG F 195 -14.25 30.29 -30.41
N ALA F 196 -13.21 30.25 -31.23
CA ALA F 196 -12.94 31.32 -32.19
C ALA F 196 -14.17 31.60 -33.04
N HIS F 197 -14.71 30.55 -33.63
CA HIS F 197 -15.89 30.68 -34.47
C HIS F 197 -17.06 31.25 -33.67
N GLU F 198 -17.43 30.58 -32.59
CA GLU F 198 -18.55 31.02 -31.73
C GLU F 198 -18.44 32.51 -31.40
N LEU F 199 -17.21 33.01 -31.30
CA LEU F 199 -17.00 34.42 -30.97
C LEU F 199 -17.62 35.37 -31.99
N TRP F 200 -17.35 35.15 -33.27
CA TRP F 200 -17.91 35.99 -34.31
C TRP F 200 -19.42 35.87 -34.36
N LEU F 201 -19.94 34.69 -34.02
CA LEU F 201 -21.38 34.47 -34.00
C LEU F 201 -22.01 35.39 -32.97
N ASN F 202 -21.41 35.43 -31.78
CA ASN F 202 -21.93 36.25 -30.70
C ASN F 202 -21.58 37.72 -30.72
N LYS F 203 -20.34 38.07 -31.08
CA LYS F 203 -19.97 39.48 -31.10
C LYS F 203 -19.79 40.04 -32.50
N PRO F 204 -20.90 40.27 -33.23
CA PRO F 204 -20.84 40.80 -34.59
C PRO F 204 -20.01 42.08 -34.75
N HIS F 205 -19.87 42.83 -33.66
CA HIS F 205 -19.10 44.07 -33.71
C HIS F 205 -17.67 43.82 -34.21
N ILE F 206 -17.08 42.73 -33.75
CA ILE F 206 -15.72 42.38 -34.12
C ILE F 206 -15.62 41.60 -35.43
N LEU F 207 -16.60 40.73 -35.68
CA LEU F 207 -16.61 39.97 -36.91
C LEU F 207 -16.52 40.90 -38.12
N GLN F 208 -17.40 41.89 -38.16
CA GLN F 208 -17.40 42.85 -39.27
C GLN F 208 -16.05 43.54 -39.32
N HIS F 209 -15.46 43.79 -38.16
CA HIS F 209 -14.16 44.44 -38.15
C HIS F 209 -13.16 43.65 -38.96
N TYR F 210 -13.05 42.36 -38.70
CA TYR F 210 -12.10 41.52 -39.44
C TYR F 210 -12.54 41.43 -40.89
N ARG F 211 -13.83 41.21 -41.09
CA ARG F 211 -14.40 41.11 -42.43
C ARG F 211 -14.07 42.36 -43.25
N GLU F 212 -13.71 43.43 -42.55
CA GLU F 212 -13.39 44.70 -43.16
C GLU F 212 -11.88 44.78 -43.34
N ARG F 213 -11.15 43.85 -42.74
CA ARG F 213 -9.70 43.85 -42.86
C ARG F 213 -9.20 42.77 -43.79
N PHE F 214 -9.78 41.58 -43.64
CA PHE F 214 -9.37 40.46 -44.46
C PHE F 214 -10.31 40.24 -45.63
N THR F 215 -10.12 41.10 -46.62
CA THR F 215 -10.88 41.11 -47.84
C THR F 215 -10.51 39.88 -48.66
N ASN F 216 -9.22 39.72 -48.98
CA ASN F 216 -8.78 38.55 -49.75
C ASN F 216 -8.12 37.45 -48.89
N ILE F 217 -8.70 36.26 -48.95
CA ILE F 217 -8.28 35.09 -48.20
C ILE F 217 -7.78 33.92 -49.06
N LEU F 218 -6.79 33.19 -48.55
CA LEU F 218 -6.28 32.03 -49.27
C LEU F 218 -6.36 30.85 -48.31
N VAL F 219 -6.78 29.69 -48.81
CA VAL F 219 -6.90 28.49 -48.00
C VAL F 219 -6.32 27.32 -48.78
N ASP F 220 -5.30 26.71 -48.21
CA ASP F 220 -4.62 25.58 -48.81
C ASP F 220 -5.32 24.26 -48.44
N GLU F 221 -5.00 23.20 -49.16
CA GLU F 221 -5.57 21.86 -48.90
C GLU F 221 -7.02 21.87 -48.41
N PHE F 222 -7.88 22.66 -49.03
CA PHE F 222 -9.28 22.76 -48.60
C PHE F 222 -10.05 21.43 -48.48
N GLN F 223 -9.58 20.39 -49.18
CA GLN F 223 -10.27 19.09 -49.14
C GLN F 223 -10.15 18.40 -47.79
N ASP F 224 -9.34 18.98 -46.91
CA ASP F 224 -9.14 18.40 -45.60
C ASP F 224 -9.81 19.18 -44.49
N THR F 225 -10.51 20.24 -44.86
CA THR F 225 -11.21 21.08 -43.89
C THR F 225 -12.43 20.36 -43.34
N ASN F 226 -12.79 20.68 -42.10
CA ASN F 226 -13.95 20.06 -41.48
C ASN F 226 -15.06 21.10 -41.46
N ASN F 227 -16.23 20.70 -40.98
CA ASN F 227 -17.37 21.59 -40.94
C ASN F 227 -17.10 22.97 -40.35
N ILE F 228 -16.68 23.02 -39.09
CA ILE F 228 -16.42 24.29 -38.45
C ILE F 228 -15.30 25.06 -39.15
N GLN F 229 -14.35 24.34 -39.74
CA GLN F 229 -13.26 24.99 -40.43
C GLN F 229 -13.84 25.65 -41.68
N TYR F 230 -14.77 24.95 -42.30
CA TYR F 230 -15.44 25.47 -43.48
C TYR F 230 -16.20 26.71 -43.03
N ALA F 231 -17.17 26.51 -42.15
CA ALA F 231 -17.99 27.58 -41.62
C ALA F 231 -17.17 28.79 -41.24
N TRP F 232 -16.23 28.58 -40.31
CA TRP F 232 -15.37 29.67 -39.84
C TRP F 232 -14.95 30.55 -41.01
N ILE F 233 -14.37 29.93 -42.03
CA ILE F 233 -13.91 30.66 -43.21
C ILE F 233 -15.03 31.41 -43.91
N ARG F 234 -16.16 30.73 -44.10
CA ARG F 234 -17.31 31.34 -44.78
C ARG F 234 -17.96 32.52 -44.06
N LEU F 235 -17.63 32.74 -42.79
CA LEU F 235 -18.20 33.88 -42.08
C LEU F 235 -17.31 35.10 -42.30
N LEU F 236 -16.00 34.88 -42.23
CA LEU F 236 -15.05 35.97 -42.42
C LEU F 236 -15.16 36.50 -43.85
N ALA F 237 -15.74 35.67 -44.72
CA ALA F 237 -15.92 36.02 -46.12
C ALA F 237 -17.23 36.76 -46.34
N GLY F 238 -18.34 36.13 -45.95
CA GLY F 238 -19.63 36.75 -46.13
C GLY F 238 -19.84 37.03 -47.60
N ASP F 239 -20.00 38.30 -47.95
CA ASP F 239 -20.19 38.70 -49.34
C ASP F 239 -19.04 39.58 -49.79
N THR F 240 -18.33 40.15 -48.82
CA THR F 240 -17.20 41.02 -49.10
C THR F 240 -15.88 40.26 -49.20
N GLY F 241 -15.92 38.97 -48.87
CA GLY F 241 -14.72 38.15 -48.91
C GLY F 241 -14.32 37.50 -50.23
N LYS F 242 -13.14 37.87 -50.73
CA LYS F 242 -12.62 37.30 -51.97
C LYS F 242 -11.55 36.27 -51.62
N VAL F 243 -12.01 35.03 -51.47
CA VAL F 243 -11.16 33.92 -51.09
C VAL F 243 -10.71 32.99 -52.22
N MET F 244 -9.44 32.57 -52.19
CA MET F 244 -8.89 31.65 -53.19
C MET F 244 -8.54 30.36 -52.49
N ILE F 245 -9.36 29.33 -52.63
CA ILE F 245 -9.05 28.08 -51.98
C ILE F 245 -8.39 27.10 -52.94
N VAL F 246 -7.19 26.66 -52.61
CA VAL F 246 -6.47 25.71 -53.45
C VAL F 246 -6.78 24.33 -52.92
N GLY F 247 -6.72 23.32 -53.79
CA GLY F 247 -6.99 21.97 -53.34
C GLY F 247 -7.20 20.93 -54.43
N ASP F 248 -7.25 19.68 -54.00
CA ASP F 248 -7.43 18.52 -54.88
C ASP F 248 -8.42 17.58 -54.20
N ASP F 249 -9.62 17.46 -54.73
CA ASP F 249 -10.61 16.58 -54.13
C ASP F 249 -10.14 15.12 -54.08
N ASP F 250 -9.16 14.77 -54.91
CA ASP F 250 -8.65 13.40 -54.96
C ASP F 250 -7.59 13.05 -53.91
N GLN F 251 -7.04 14.05 -53.24
CA GLN F 251 -6.02 13.79 -52.23
C GLN F 251 -6.58 13.93 -50.82
N SER F 252 -7.89 13.78 -50.69
CA SER F 252 -8.53 13.89 -49.39
C SER F 252 -8.32 12.57 -48.65
N ILE F 253 -7.30 12.53 -47.79
CA ILE F 253 -6.95 11.32 -47.05
C ILE F 253 -7.16 11.37 -45.54
N TYR F 254 -8.00 12.27 -45.07
CA TYR F 254 -8.28 12.38 -43.64
C TYR F 254 -9.78 12.34 -43.43
N GLY F 255 -10.41 11.35 -44.06
CA GLY F 255 -11.83 11.21 -43.94
C GLY F 255 -12.22 11.07 -42.48
N TRP F 256 -11.69 10.04 -41.83
CA TRP F 256 -11.97 9.78 -40.42
C TRP F 256 -11.93 11.01 -39.51
N ARG F 257 -10.75 11.61 -39.37
CA ARG F 257 -10.58 12.81 -38.54
C ARG F 257 -11.84 13.69 -38.60
N GLY F 258 -11.98 14.44 -39.68
CA GLY F 258 -13.13 15.32 -39.83
C GLY F 258 -13.09 16.01 -41.18
N ALA F 259 -12.10 15.64 -41.98
CA ALA F 259 -11.95 16.21 -43.32
C ALA F 259 -13.15 15.86 -44.18
N GLN F 260 -14.05 16.83 -44.34
CA GLN F 260 -15.26 16.64 -45.15
C GLN F 260 -14.94 16.93 -46.62
N VAL F 261 -14.46 15.91 -47.32
CA VAL F 261 -14.09 16.01 -48.74
C VAL F 261 -15.13 16.77 -49.58
N GLU F 262 -16.36 16.82 -49.07
CA GLU F 262 -17.44 17.52 -49.76
C GLU F 262 -17.15 19.01 -49.86
N ASN F 263 -16.83 19.63 -48.73
CA ASN F 263 -16.53 21.06 -48.64
C ASN F 263 -15.96 21.70 -49.90
N ILE F 264 -15.02 21.03 -50.55
CA ILE F 264 -14.44 21.61 -51.76
C ILE F 264 -15.52 22.00 -52.78
N GLN F 265 -16.53 21.15 -52.92
CA GLN F 265 -17.64 21.41 -53.84
C GLN F 265 -18.62 22.37 -53.15
N ARG F 266 -18.74 22.19 -51.83
CA ARG F 266 -19.59 23.03 -51.01
C ARG F 266 -19.18 24.49 -51.22
N PHE F 267 -17.90 24.70 -51.53
CA PHE F 267 -17.37 26.03 -51.78
C PHE F 267 -18.04 26.62 -53.01
N LEU F 268 -17.88 25.93 -54.13
CA LEU F 268 -18.45 26.37 -55.39
C LEU F 268 -19.97 26.53 -55.30
N ASN F 269 -20.64 25.57 -54.66
CA ASN F 269 -22.09 25.61 -54.52
C ASN F 269 -22.58 26.63 -53.49
N ASP F 270 -21.67 27.42 -52.92
CA ASP F 270 -22.05 28.43 -51.91
C ASP F 270 -21.53 29.83 -52.12
N PHE F 271 -20.48 30.00 -52.92
CA PHE F 271 -19.90 31.31 -53.12
C PHE F 271 -20.24 32.00 -54.45
N PRO F 272 -20.37 33.34 -54.41
CA PRO F 272 -20.69 34.19 -55.56
C PRO F 272 -19.54 34.24 -56.58
N GLY F 273 -19.87 34.02 -57.85
CA GLY F 273 -18.86 34.05 -58.88
C GLY F 273 -17.76 33.04 -58.63
N ALA F 274 -18.16 31.82 -58.28
CA ALA F 274 -17.20 30.75 -58.00
C ALA F 274 -16.79 30.01 -59.27
N GLU F 275 -15.71 30.45 -59.90
CA GLU F 275 -15.23 29.79 -61.12
C GLU F 275 -14.37 28.58 -60.71
N THR F 276 -13.44 28.17 -61.58
CA THR F 276 -12.58 27.04 -61.26
C THR F 276 -11.43 26.91 -62.24
N ILE F 277 -10.26 27.36 -61.83
CA ILE F 277 -9.07 27.26 -62.64
C ILE F 277 -8.46 25.94 -62.23
N ARG F 278 -8.15 25.08 -63.18
CA ARG F 278 -7.57 23.80 -62.81
C ARG F 278 -6.19 23.53 -63.40
N LEU F 279 -5.27 23.22 -62.50
CA LEU F 279 -3.87 22.93 -62.83
C LEU F 279 -3.66 21.43 -62.99
N GLU F 280 -3.11 21.03 -64.13
CA GLU F 280 -2.89 19.61 -64.38
C GLU F 280 -1.51 19.29 -64.97
N GLN F 281 -0.67 20.29 -65.16
CA GLN F 281 0.65 20.02 -65.68
C GLN F 281 1.49 19.56 -64.47
N ASN F 282 2.02 18.34 -64.52
CA ASN F 282 2.81 17.81 -63.41
C ASN F 282 4.32 17.88 -63.67
N TYR F 283 4.96 18.88 -63.08
CA TYR F 283 6.39 19.04 -63.27
C TYR F 283 7.17 18.10 -62.37
N ARG F 284 6.51 17.08 -61.83
CA ARG F 284 7.17 16.17 -60.90
C ARG F 284 7.67 14.84 -61.47
N SER F 285 6.69 13.97 -61.71
CA SER F 285 6.88 12.60 -62.20
C SER F 285 7.36 12.39 -63.64
N THR F 286 7.02 11.20 -64.15
CA THR F 286 7.35 10.79 -65.50
C THR F 286 6.08 10.33 -66.15
N SER F 287 6.11 10.29 -67.48
CA SER F 287 4.97 9.87 -68.26
C SER F 287 4.31 8.60 -67.68
N ASN F 288 5.12 7.56 -67.45
CA ASN F 288 4.61 6.30 -66.91
C ASN F 288 3.90 6.41 -65.58
N ILE F 289 4.55 7.08 -64.64
CA ILE F 289 4.01 7.25 -63.30
C ILE F 289 2.67 8.00 -63.26
N LEU F 290 2.55 9.06 -64.05
CA LEU F 290 1.32 9.86 -64.09
C LEU F 290 0.14 9.17 -64.78
N SER F 291 0.45 8.35 -65.80
CA SER F 291 -0.58 7.61 -66.54
C SER F 291 -1.12 6.53 -65.61
N ALA F 292 -0.18 5.74 -65.08
CA ALA F 292 -0.50 4.67 -64.14
C ALA F 292 -1.35 5.30 -63.04
N ALA F 293 -0.97 6.51 -62.67
CA ALA F 293 -1.65 7.27 -61.64
C ALA F 293 -3.09 7.56 -62.06
N ASN F 294 -3.22 8.31 -63.15
CA ASN F 294 -4.53 8.68 -63.67
C ASN F 294 -5.47 7.50 -63.82
N ALA F 295 -4.93 6.40 -64.32
CA ALA F 295 -5.72 5.19 -64.50
C ALA F 295 -6.25 4.79 -63.12
N LEU F 296 -5.31 4.56 -62.20
CA LEU F 296 -5.63 4.18 -60.84
C LEU F 296 -6.73 5.02 -60.20
N ILE F 297 -6.53 6.33 -60.19
CA ILE F 297 -7.51 7.23 -59.59
C ILE F 297 -8.84 7.15 -60.31
N GLU F 298 -8.78 6.82 -61.60
CA GLU F 298 -9.99 6.72 -62.41
C GLU F 298 -10.98 5.73 -61.82
N ASN F 299 -10.45 4.65 -61.25
CA ASN F 299 -11.26 3.59 -60.63
C ASN F 299 -12.37 4.10 -59.72
N ASN F 300 -12.19 5.29 -59.15
CA ASN F 300 -13.19 5.89 -58.26
C ASN F 300 -14.12 6.76 -59.11
N ASN F 301 -15.24 7.22 -58.53
CA ASN F 301 -16.17 8.02 -59.33
C ASN F 301 -16.97 9.16 -58.68
N GLY F 302 -16.52 9.66 -57.54
CA GLY F 302 -17.23 10.76 -56.91
C GLY F 302 -16.51 12.07 -57.21
N ARG F 303 -15.26 11.93 -57.62
CA ARG F 303 -14.35 13.02 -57.95
C ARG F 303 -14.91 14.09 -58.90
N LEU F 304 -14.05 15.04 -59.26
CA LEU F 304 -14.43 16.12 -60.17
C LEU F 304 -13.55 16.01 -61.42
N GLY F 305 -13.02 14.81 -61.63
CA GLY F 305 -12.18 14.55 -62.78
C GLY F 305 -11.02 15.50 -63.03
N LYS F 306 -9.92 14.90 -63.48
CA LYS F 306 -8.71 15.62 -63.82
C LYS F 306 -7.91 14.67 -64.70
N LYS F 307 -6.71 15.08 -65.10
CA LYS F 307 -5.85 14.26 -65.94
C LYS F 307 -4.52 14.99 -65.96
N LEU F 308 -3.58 14.49 -65.17
CA LEU F 308 -2.28 15.15 -65.05
C LEU F 308 -1.27 14.73 -66.07
N TRP F 309 -1.05 15.57 -67.07
CA TRP F 309 -0.07 15.25 -68.09
C TRP F 309 1.31 15.78 -67.70
N THR F 310 2.31 15.47 -68.53
CA THR F 310 3.69 15.91 -68.31
C THR F 310 4.33 16.17 -69.67
N ASP F 311 5.46 16.86 -69.69
CA ASP F 311 6.13 17.11 -70.95
C ASP F 311 7.54 16.52 -70.86
N GLY F 312 7.71 15.63 -69.89
CA GLY F 312 8.99 14.96 -69.71
C GLY F 312 8.96 13.58 -70.36
N ALA F 313 10.14 12.98 -70.52
CA ALA F 313 10.27 11.67 -71.15
C ALA F 313 9.29 10.62 -70.60
N ASP F 314 9.11 9.55 -71.35
CA ASP F 314 8.22 8.49 -70.92
C ASP F 314 8.91 7.90 -69.69
N GLY F 315 10.25 7.91 -69.72
CA GLY F 315 11.05 7.41 -68.63
C GLY F 315 10.84 5.93 -68.34
N GLU F 316 11.57 5.41 -67.36
CA GLU F 316 11.44 4.00 -67.01
C GLU F 316 10.04 3.69 -66.52
N PRO F 317 9.66 2.41 -66.53
CA PRO F 317 8.32 2.02 -66.09
C PRO F 317 8.31 1.77 -64.60
N ILE F 318 7.13 1.59 -64.03
CA ILE F 318 7.07 1.32 -62.60
C ILE F 318 7.57 -0.10 -62.49
N SER F 319 8.23 -0.44 -61.38
CA SER F 319 8.75 -1.80 -61.19
C SER F 319 7.82 -2.65 -60.34
N LEU F 320 8.11 -3.94 -60.26
CA LEU F 320 7.29 -4.86 -59.47
C LEU F 320 8.07 -6.08 -58.99
N TYR F 321 8.01 -6.28 -57.68
CA TYR F 321 8.69 -7.36 -57.00
C TYR F 321 7.74 -8.20 -56.14
N CYS F 322 8.11 -9.44 -55.91
CA CYS F 322 7.33 -10.34 -55.08
C CYS F 322 8.38 -11.16 -54.34
N ALA F 323 8.55 -10.90 -53.05
CA ALA F 323 9.53 -11.63 -52.28
C ALA F 323 8.88 -12.88 -51.70
N PHE F 324 9.68 -13.86 -51.31
CA PHE F 324 9.11 -15.07 -50.75
C PHE F 324 8.62 -14.78 -49.33
N ASN F 325 9.04 -13.63 -48.78
CA ASN F 325 8.61 -13.22 -47.45
C ASN F 325 8.77 -11.74 -47.11
N GLU F 326 8.07 -11.38 -46.04
CA GLU F 326 8.08 -10.04 -45.50
C GLU F 326 9.51 -9.54 -45.50
N LEU F 327 10.42 -10.42 -45.08
CA LEU F 327 11.83 -10.07 -45.00
C LEU F 327 12.44 -9.80 -46.37
N ASP F 328 12.74 -10.87 -47.10
CA ASP F 328 13.34 -10.75 -48.44
C ASP F 328 13.01 -9.41 -49.10
N GLU F 329 11.73 -9.07 -49.05
CA GLU F 329 11.23 -7.82 -49.59
C GLU F 329 12.27 -6.71 -49.50
N ALA F 330 12.63 -6.37 -48.26
CA ALA F 330 13.60 -5.31 -47.96
C ALA F 330 14.99 -5.50 -48.57
N ARG F 331 15.49 -6.73 -48.51
CA ARG F 331 16.81 -7.08 -49.06
C ARG F 331 16.88 -6.84 -50.56
N PHE F 332 15.74 -6.46 -51.13
CA PHE F 332 15.64 -6.16 -52.55
C PHE F 332 15.63 -4.66 -52.65
N VAL F 333 14.85 -4.05 -51.77
CA VAL F 333 14.70 -2.61 -51.73
C VAL F 333 16.08 -1.97 -51.47
N VAL F 334 16.80 -2.52 -50.50
CA VAL F 334 18.13 -2.03 -50.15
C VAL F 334 19.05 -2.17 -51.37
N ASN F 335 19.27 -3.41 -51.79
CA ASN F 335 20.13 -3.71 -52.94
C ASN F 335 19.88 -2.66 -54.01
N ARG F 336 18.64 -2.57 -54.46
CA ARG F 336 18.22 -1.62 -55.47
C ARG F 336 18.83 -0.26 -55.14
N ILE F 337 18.83 0.06 -53.85
CA ILE F 337 19.35 1.32 -53.31
C ILE F 337 20.87 1.34 -53.23
N LYS F 338 21.47 0.22 -52.82
CA LYS F 338 22.92 0.14 -52.75
C LYS F 338 23.42 0.54 -54.13
N THR F 339 22.89 -0.12 -55.17
CA THR F 339 23.27 0.16 -56.55
C THR F 339 23.12 1.64 -56.82
N TRP F 340 22.03 2.21 -56.32
CA TRP F 340 21.73 3.62 -56.48
C TRP F 340 22.89 4.48 -56.03
N GLN F 341 23.30 4.29 -54.78
CA GLN F 341 24.40 5.07 -54.22
C GLN F 341 25.77 4.65 -54.76
N ASP F 342 25.94 3.35 -54.99
CA ASP F 342 27.20 2.85 -55.53
C ASP F 342 27.33 3.37 -56.96
N ASN F 343 26.18 3.76 -57.53
CA ASN F 343 26.10 4.29 -58.88
C ASN F 343 26.27 5.80 -58.90
N GLY F 344 26.26 6.41 -57.71
CA GLY F 344 26.43 7.85 -57.60
C GLY F 344 25.33 8.65 -56.93
N GLY F 345 24.21 7.98 -56.62
CA GLY F 345 23.09 8.67 -56.00
C GLY F 345 23.18 8.94 -54.51
N ALA F 346 22.04 9.29 -53.92
CA ALA F 346 21.96 9.56 -52.50
C ALA F 346 20.78 8.82 -51.85
N LEU F 347 21.02 8.31 -50.65
CA LEU F 347 20.01 7.58 -49.91
C LEU F 347 18.85 8.52 -49.62
N ALA F 348 19.15 9.81 -49.67
CA ALA F 348 18.18 10.87 -49.42
C ALA F 348 17.34 11.18 -50.66
N GLU F 349 16.99 10.14 -51.42
CA GLU F 349 16.19 10.30 -52.63
C GLU F 349 15.35 9.04 -52.82
N CYS F 350 15.45 8.14 -51.85
CA CYS F 350 14.72 6.89 -51.88
C CYS F 350 13.84 6.94 -50.67
N ALA F 351 12.67 6.32 -50.72
CA ALA F 351 11.79 6.39 -49.56
C ALA F 351 10.79 5.27 -49.40
N ILE F 352 11.06 4.38 -48.44
CA ILE F 352 10.14 3.28 -48.18
C ILE F 352 8.87 3.85 -47.55
N LEU F 353 7.79 3.86 -48.31
CA LEU F 353 6.52 4.36 -47.81
C LEU F 353 5.64 3.16 -47.52
N TYR F 354 4.96 3.18 -46.38
CA TYR F 354 4.09 2.06 -45.98
C TYR F 354 2.78 2.51 -45.37
N ARG F 355 1.72 1.76 -45.58
CA ARG F 355 0.43 2.13 -45.05
C ARG F 355 0.27 1.82 -43.59
N SER F 356 0.90 0.73 -43.16
CA SER F 356 0.84 0.29 -41.77
C SER F 356 2.09 0.86 -41.09
N ASN F 357 2.03 1.04 -39.77
CA ASN F 357 3.17 1.54 -39.04
C ASN F 357 3.91 0.31 -38.54
N ALA F 358 3.15 -0.76 -38.35
CA ALA F 358 3.72 -2.01 -37.91
C ALA F 358 4.81 -2.39 -38.90
N GLN F 359 4.43 -2.43 -40.18
CA GLN F 359 5.33 -2.80 -41.26
C GLN F 359 6.62 -1.98 -41.41
N SER F 360 7.36 -1.80 -40.32
CA SER F 360 8.58 -1.00 -40.37
C SER F 360 9.86 -1.64 -39.82
N ARG F 361 9.86 -1.97 -38.53
CA ARG F 361 11.02 -2.58 -37.89
C ARG F 361 11.66 -3.55 -38.87
N VAL F 362 10.80 -4.30 -39.56
CA VAL F 362 11.22 -5.29 -40.53
C VAL F 362 12.21 -4.70 -41.55
N LEU F 363 12.00 -3.42 -41.87
CA LEU F 363 12.83 -2.72 -42.85
C LEU F 363 14.07 -2.01 -42.29
N GLU F 364 14.15 -1.90 -40.96
CA GLU F 364 15.29 -1.25 -40.33
C GLU F 364 16.46 -2.20 -40.13
N GLU F 365 16.22 -3.27 -39.38
CA GLU F 365 17.25 -4.26 -39.14
C GLU F 365 17.94 -4.49 -40.48
N ALA F 366 17.16 -4.35 -41.55
CA ALA F 366 17.65 -4.54 -42.91
C ALA F 366 18.80 -3.61 -43.29
N LEU F 367 18.56 -2.30 -43.08
CA LEU F 367 19.53 -1.25 -43.38
C LEU F 367 20.74 -1.36 -42.48
N LEU F 368 20.48 -1.74 -41.23
CA LEU F 368 21.57 -1.93 -40.28
C LEU F 368 22.32 -3.11 -40.87
N GLN F 369 21.67 -4.28 -40.85
CA GLN F 369 22.24 -5.50 -41.39
C GLN F 369 23.15 -5.18 -42.56
N ALA F 370 22.65 -4.31 -43.45
CA ALA F 370 23.44 -3.89 -44.60
C ALA F 370 24.48 -2.89 -44.13
N SER F 371 24.17 -1.60 -44.29
CA SER F 371 25.07 -0.53 -43.89
C SER F 371 24.46 0.82 -44.23
N MET F 372 23.16 0.82 -44.52
CA MET F 372 22.47 2.06 -44.89
C MET F 372 21.76 2.79 -43.76
N PRO F 373 22.11 4.07 -43.56
CA PRO F 373 21.49 4.89 -42.53
C PRO F 373 20.06 5.28 -42.93
N TYR F 374 19.09 4.75 -42.21
CA TYR F 374 17.67 5.02 -42.45
C TYR F 374 17.18 6.18 -41.56
N ARG F 375 15.87 6.38 -41.49
CA ARG F 375 15.31 7.48 -40.70
C ARG F 375 13.78 7.49 -40.74
N ILE F 376 13.15 6.86 -39.76
CA ILE F 376 11.68 6.77 -39.70
C ILE F 376 10.94 8.02 -39.22
N TYR F 377 9.77 8.25 -39.79
CA TYR F 377 8.89 9.37 -39.44
C TYR F 377 7.62 8.81 -38.83
N GLY F 378 7.48 8.94 -37.52
CA GLY F 378 6.29 8.44 -36.85
C GLY F 378 5.75 9.44 -35.86
N GLY F 379 6.50 9.65 -34.78
CA GLY F 379 6.08 10.58 -33.75
C GLY F 379 7.18 11.00 -32.79
N MET F 380 6.77 11.27 -31.55
CA MET F 380 7.67 11.71 -30.50
C MET F 380 8.41 12.97 -30.88
N ARG F 381 7.68 14.09 -30.78
CA ARG F 381 8.21 15.41 -31.09
C ARG F 381 8.59 16.15 -29.79
N PHE F 382 9.72 16.86 -29.82
CA PHE F 382 10.23 17.58 -28.67
C PHE F 382 9.26 17.99 -27.56
N PHE F 383 8.38 18.94 -27.83
CA PHE F 383 7.45 19.38 -26.80
C PHE F 383 6.43 18.35 -26.31
N GLU F 384 6.58 17.10 -26.74
CA GLU F 384 5.69 16.01 -26.32
C GLU F 384 6.45 15.09 -25.35
N ARG F 385 7.77 15.21 -25.32
CA ARG F 385 8.62 14.41 -24.44
C ARG F 385 8.06 14.54 -23.03
N GLN F 386 8.33 13.57 -22.16
CA GLN F 386 7.83 13.65 -20.79
C GLN F 386 8.66 14.56 -19.89
N GLU F 387 9.98 14.57 -20.07
CA GLU F 387 10.84 15.43 -19.24
C GLU F 387 10.64 16.89 -19.61
N ILE F 388 10.11 17.11 -20.80
CA ILE F 388 9.87 18.45 -21.26
C ILE F 388 8.52 18.99 -20.84
N LYS F 389 7.47 18.17 -20.94
CA LYS F 389 6.14 18.58 -20.50
C LYS F 389 6.18 18.76 -18.98
N ASP F 390 7.19 18.17 -18.35
CA ASP F 390 7.36 18.29 -16.91
C ASP F 390 7.90 19.69 -16.64
N ALA F 391 8.98 20.06 -17.33
CA ALA F 391 9.58 21.37 -17.14
C ALA F 391 8.57 22.45 -17.48
N LEU F 392 7.78 22.21 -18.50
CA LEU F 392 6.76 23.17 -18.91
C LEU F 392 5.63 23.26 -17.90
N SER F 393 5.24 22.12 -17.32
CA SER F 393 4.15 22.12 -16.35
C SER F 393 4.47 22.95 -15.14
N TYR F 394 5.76 23.15 -14.87
CA TYR F 394 6.13 23.97 -13.74
C TYR F 394 5.87 25.38 -14.17
N LEU F 395 6.45 25.76 -15.29
CA LEU F 395 6.25 27.10 -15.83
C LEU F 395 4.75 27.44 -15.87
N ARG F 396 3.94 26.53 -16.42
CA ARG F 396 2.51 26.74 -16.47
C ARG F 396 1.91 27.15 -15.12
N LEU F 397 2.27 26.41 -14.08
CA LEU F 397 1.77 26.73 -12.74
C LEU F 397 2.23 28.12 -12.35
N ILE F 398 3.40 28.54 -12.85
CA ILE F 398 3.88 29.88 -12.54
C ILE F 398 2.94 30.91 -13.16
N VAL F 399 2.54 30.70 -14.41
CA VAL F 399 1.60 31.61 -15.07
C VAL F 399 0.17 31.43 -14.55
N ASN F 400 -0.27 30.18 -14.32
CA ASN F 400 -1.63 29.96 -13.82
C ASN F 400 -1.76 28.83 -12.80
N ARG F 401 -1.95 29.20 -11.53
CA ARG F 401 -2.08 28.25 -10.42
C ARG F 401 -3.23 27.30 -10.55
N ASN F 402 -4.20 27.61 -11.38
CA ASN F 402 -5.37 26.75 -11.52
C ASN F 402 -5.31 25.78 -12.69
N ASP F 403 -4.17 25.77 -13.39
CA ASP F 403 -4.00 24.89 -14.52
C ASP F 403 -3.94 23.45 -14.01
N ASP F 404 -5.11 22.86 -13.77
CA ASP F 404 -5.21 21.48 -13.26
C ASP F 404 -4.38 20.45 -14.01
N ALA F 405 -4.12 20.73 -15.28
CA ALA F 405 -3.32 19.83 -16.09
C ALA F 405 -1.91 19.80 -15.50
N ALA F 406 -1.19 20.93 -15.59
CA ALA F 406 0.16 21.01 -15.05
C ALA F 406 0.23 20.52 -13.60
N PHE F 407 -0.75 20.93 -12.80
CA PHE F 407 -0.79 20.52 -11.41
C PHE F 407 -0.70 19.01 -11.30
N GLU F 408 -1.78 18.32 -11.65
CA GLU F 408 -1.79 16.87 -11.52
C GLU F 408 -0.57 16.16 -12.07
N ARG F 409 0.13 16.84 -12.97
CA ARG F 409 1.29 16.24 -13.58
C ARG F 409 2.57 16.25 -12.76
N VAL F 410 2.84 17.35 -12.07
CA VAL F 410 4.07 17.45 -11.31
C VAL F 410 3.98 17.80 -9.83
N VAL F 411 2.77 17.83 -9.29
CA VAL F 411 2.58 18.13 -7.87
C VAL F 411 3.47 17.20 -7.06
N ASN F 412 3.69 16.00 -7.57
CA ASN F 412 4.53 15.02 -6.89
C ASN F 412 5.59 14.46 -7.84
N THR F 413 6.07 15.30 -8.73
CA THR F 413 7.10 14.89 -9.69
C THR F 413 8.12 16.01 -9.80
N PRO F 414 9.32 15.81 -9.24
CA PRO F 414 9.80 14.62 -8.52
C PRO F 414 8.90 14.30 -7.32
N THR F 415 9.03 13.10 -6.75
CA THR F 415 8.20 12.78 -5.60
C THR F 415 8.70 13.67 -4.51
N ARG F 416 7.77 14.22 -3.74
CA ARG F 416 8.13 15.14 -2.68
C ARG F 416 7.19 14.96 -1.52
N GLY F 417 6.72 13.73 -1.33
CA GLY F 417 5.85 13.46 -0.21
C GLY F 417 4.35 13.44 -0.38
N ILE F 418 3.84 13.90 -1.52
CA ILE F 418 2.39 13.89 -1.67
C ILE F 418 1.94 12.59 -2.30
N GLY F 419 1.44 11.71 -1.43
CA GLY F 419 0.97 10.41 -1.86
C GLY F 419 -0.38 10.44 -2.54
N ASP F 420 -0.92 9.26 -2.80
CA ASP F 420 -2.22 9.13 -3.45
C ASP F 420 -3.35 9.27 -2.46
N ARG F 421 -3.08 8.97 -1.20
CA ARG F 421 -4.08 9.09 -0.16
C ARG F 421 -4.43 10.58 -0.08
N THR F 422 -3.42 11.43 -0.29
CA THR F 422 -3.58 12.87 -0.24
C THR F 422 -4.22 13.43 -1.51
N LEU F 423 -3.77 12.92 -2.66
CA LEU F 423 -4.31 13.39 -3.92
C LEU F 423 -5.76 12.95 -4.07
N ASP F 424 -6.09 11.79 -3.52
CA ASP F 424 -7.45 11.30 -3.60
C ASP F 424 -8.36 12.24 -2.83
N VAL F 425 -7.85 12.80 -1.74
CA VAL F 425 -8.65 13.73 -0.95
C VAL F 425 -8.79 15.04 -1.73
N VAL F 426 -7.67 15.48 -2.31
CA VAL F 426 -7.66 16.72 -3.08
C VAL F 426 -8.63 16.58 -4.24
N ARG F 427 -8.38 15.58 -5.08
CA ARG F 427 -9.23 15.30 -6.24
C ARG F 427 -10.71 15.39 -5.92
N GLN F 428 -11.11 14.64 -4.90
CA GLN F 428 -12.50 14.60 -4.47
C GLN F 428 -13.00 15.97 -4.04
N THR F 429 -12.34 16.56 -3.06
CA THR F 429 -12.73 17.87 -2.56
C THR F 429 -12.98 18.80 -3.74
N SER F 430 -12.14 18.66 -4.75
CA SER F 430 -12.23 19.50 -5.92
C SER F 430 -13.56 19.34 -6.64
N ARG F 431 -13.96 18.10 -6.90
CA ARG F 431 -15.20 17.84 -7.62
C ARG F 431 -16.45 18.04 -6.78
N ASP F 432 -16.37 17.77 -5.49
CA ASP F 432 -17.53 17.91 -4.64
C ASP F 432 -17.94 19.34 -4.35
N ARG F 433 -17.00 20.29 -4.47
CA ARG F 433 -17.33 21.70 -4.22
C ARG F 433 -16.92 22.59 -5.40
N GLN F 434 -16.62 21.93 -6.51
CA GLN F 434 -16.25 22.59 -7.76
C GLN F 434 -15.25 23.73 -7.68
N LEU F 435 -14.00 23.34 -7.45
CA LEU F 435 -12.88 24.28 -7.35
C LEU F 435 -11.74 23.59 -8.04
N THR F 436 -10.80 24.36 -8.57
CA THR F 436 -9.63 23.78 -9.23
C THR F 436 -8.85 22.99 -8.19
N LEU F 437 -7.94 22.15 -8.65
CA LEU F 437 -7.12 21.35 -7.74
C LEU F 437 -6.37 22.21 -6.71
N TRP F 438 -5.79 23.31 -7.17
CA TRP F 438 -5.07 24.22 -6.32
C TRP F 438 -5.94 24.84 -5.25
N GLN F 439 -7.15 25.22 -5.63
CA GLN F 439 -8.08 25.83 -4.67
C GLN F 439 -8.50 24.77 -3.67
N ALA F 440 -8.76 23.56 -4.17
CA ALA F 440 -9.16 22.47 -3.31
C ALA F 440 -8.06 22.30 -2.25
N CYS F 441 -6.82 22.58 -2.63
CA CYS F 441 -5.70 22.45 -1.70
C CYS F 441 -5.67 23.44 -0.55
N ARG F 442 -5.82 24.72 -0.87
CA ARG F 442 -5.81 25.77 0.15
C ARG F 442 -6.88 25.51 1.17
N GLU F 443 -8.06 25.10 0.67
CA GLU F 443 -9.22 24.81 1.50
C GLU F 443 -8.92 23.72 2.52
N LEU F 444 -8.54 22.54 2.03
CA LEU F 444 -8.22 21.40 2.88
C LEU F 444 -7.17 21.77 3.91
N LEU F 445 -6.07 22.36 3.44
CA LEU F 445 -5.01 22.75 4.32
C LEU F 445 -5.52 23.66 5.44
N GLN F 446 -6.24 24.70 5.08
CA GLN F 446 -6.77 25.63 6.08
C GLN F 446 -7.72 24.92 7.01
N GLU F 447 -8.50 24.00 6.47
CA GLU F 447 -9.45 23.27 7.30
C GLU F 447 -8.78 22.15 8.07
N LYS F 448 -7.48 22.01 7.88
CA LYS F 448 -6.72 20.98 8.58
C LYS F 448 -7.32 19.60 8.31
N ALA F 449 -7.79 19.39 7.09
CA ALA F 449 -8.38 18.12 6.71
C ALA F 449 -7.24 17.11 6.57
N LEU F 450 -6.18 17.50 5.89
CA LEU F 450 -5.04 16.61 5.71
C LEU F 450 -4.37 16.47 7.06
N ALA F 451 -3.28 15.71 7.12
CA ALA F 451 -2.60 15.53 8.37
C ALA F 451 -1.10 15.78 8.25
N GLY F 452 -0.59 16.59 9.18
CA GLY F 452 0.82 16.95 9.25
C GLY F 452 1.75 16.55 8.14
N ARG F 453 2.51 15.47 8.36
CA ARG F 453 3.46 15.02 7.36
C ARG F 453 2.93 15.31 5.95
N ALA F 454 1.72 14.83 5.66
CA ALA F 454 1.10 15.02 4.33
C ALA F 454 0.75 16.48 4.04
N ALA F 455 0.09 17.11 5.00
CA ALA F 455 -0.28 18.50 4.83
C ALA F 455 0.97 19.32 4.51
N SER F 456 1.93 19.31 5.42
CA SER F 456 3.15 20.07 5.22
C SER F 456 3.85 19.80 3.89
N ALA F 457 3.81 18.56 3.43
CA ALA F 457 4.47 18.22 2.17
C ALA F 457 3.74 18.91 1.03
N LEU F 458 2.41 18.87 1.08
CA LEU F 458 1.57 19.50 0.06
C LEU F 458 1.88 21.00 0.02
N GLN F 459 1.76 21.66 1.17
CA GLN F 459 2.03 23.09 1.29
C GLN F 459 3.44 23.50 0.90
N ARG F 460 4.41 22.67 1.25
CA ARG F 460 5.78 22.95 0.91
C ARG F 460 5.88 23.05 -0.61
N PHE F 461 5.02 22.30 -1.30
CA PHE F 461 4.99 22.33 -2.76
C PHE F 461 4.40 23.66 -3.17
N MET F 462 3.20 23.96 -2.69
CA MET F 462 2.57 25.21 -3.04
C MET F 462 3.54 26.37 -2.82
N GLU F 463 4.26 26.33 -1.70
CA GLU F 463 5.21 27.38 -1.43
C GLU F 463 6.29 27.40 -2.50
N LEU F 464 6.68 26.23 -2.99
CA LEU F 464 7.72 26.17 -4.00
C LEU F 464 7.29 26.96 -5.23
N ILE F 465 6.09 26.69 -5.71
CA ILE F 465 5.62 27.39 -6.87
C ILE F 465 5.45 28.89 -6.65
N ASP F 466 4.83 29.32 -5.56
CA ASP F 466 4.71 30.75 -5.31
C ASP F 466 6.08 31.40 -5.37
N ALA F 467 7.04 30.79 -4.70
CA ALA F 467 8.42 31.25 -4.65
C ALA F 467 8.97 31.38 -6.06
N LEU F 468 8.97 30.28 -6.79
CA LEU F 468 9.46 30.28 -8.16
C LEU F 468 8.84 31.42 -8.95
N ALA F 469 7.54 31.61 -8.76
CA ALA F 469 6.81 32.67 -9.45
C ALA F 469 7.43 34.03 -9.18
N GLN F 470 7.78 34.27 -7.92
CA GLN F 470 8.39 35.54 -7.52
C GLN F 470 9.84 35.67 -7.94
N GLU F 471 10.68 34.81 -7.39
CA GLU F 471 12.09 34.82 -7.65
C GLU F 471 12.47 34.87 -9.13
N THR F 472 11.55 34.52 -10.01
CA THR F 472 11.92 34.50 -11.41
C THR F 472 11.17 35.50 -12.28
N ALA F 473 10.27 36.25 -11.66
CA ALA F 473 9.45 37.27 -12.34
C ALA F 473 10.22 38.14 -13.32
N ASP F 474 11.22 38.85 -12.83
CA ASP F 474 12.01 39.73 -13.68
C ASP F 474 13.16 39.06 -14.41
N MET F 475 13.03 37.78 -14.70
CA MET F 475 14.12 37.12 -15.38
C MET F 475 13.88 36.88 -16.85
N PRO F 476 14.96 36.82 -17.62
CA PRO F 476 14.89 36.57 -19.05
C PRO F 476 14.28 35.17 -19.15
N LEU F 477 13.57 34.91 -20.24
CA LEU F 477 12.92 33.63 -20.42
C LEU F 477 13.85 32.47 -20.11
N HIS F 478 14.93 32.31 -20.87
CA HIS F 478 15.85 31.22 -20.63
C HIS F 478 16.37 31.20 -19.17
N VAL F 479 16.76 32.35 -18.65
CA VAL F 479 17.25 32.42 -17.28
C VAL F 479 16.18 31.80 -16.41
N GLN F 480 14.94 32.20 -16.65
CA GLN F 480 13.83 31.68 -15.88
C GLN F 480 13.67 30.17 -16.04
N THR F 481 13.72 29.69 -17.27
CA THR F 481 13.59 28.26 -17.52
C THR F 481 14.64 27.44 -16.77
N ASP F 482 15.90 27.82 -16.90
CA ASP F 482 16.97 27.10 -16.24
C ASP F 482 16.82 27.09 -14.73
N ARG F 483 16.31 28.18 -14.17
CA ARG F 483 16.14 28.23 -12.73
C ARG F 483 15.04 27.28 -12.30
N VAL F 484 13.90 27.29 -13.00
CA VAL F 484 12.80 26.41 -12.62
C VAL F 484 13.11 24.94 -12.83
N ILE F 485 13.92 24.62 -13.83
CA ILE F 485 14.27 23.23 -14.03
C ILE F 485 15.12 22.77 -12.85
N LYS F 486 16.02 23.62 -12.39
CA LYS F 486 16.87 23.30 -11.25
C LYS F 486 16.06 23.21 -9.95
N ASP F 487 15.50 24.33 -9.51
CA ASP F 487 14.74 24.42 -8.28
C ASP F 487 13.47 23.58 -8.19
N SER F 488 13.22 22.76 -9.19
CA SER F 488 12.02 21.93 -9.23
C SER F 488 12.30 20.52 -8.80
N GLY F 489 13.52 20.08 -9.09
CA GLY F 489 13.93 18.73 -8.76
C GLY F 489 14.16 17.99 -10.06
N LEU F 490 13.54 18.48 -11.12
CA LEU F 490 13.66 17.85 -12.41
C LEU F 490 15.07 17.58 -12.85
N ARG F 491 15.98 18.54 -12.72
CA ARG F 491 17.35 18.31 -13.17
C ARG F 491 17.93 17.16 -12.41
N THR F 492 17.90 17.27 -11.08
CA THR F 492 18.39 16.21 -10.21
C THR F 492 17.74 14.88 -10.58
N MET F 493 16.41 14.87 -10.63
CA MET F 493 15.71 13.66 -10.95
C MET F 493 16.20 12.93 -12.19
N TYR F 494 16.17 13.57 -13.35
CA TYR F 494 16.63 12.89 -14.56
C TYR F 494 18.14 12.69 -14.54
N GLU F 495 18.83 13.55 -13.81
CA GLU F 495 20.27 13.47 -13.72
C GLU F 495 20.68 12.11 -13.17
N GLN F 496 19.73 11.39 -12.58
CA GLN F 496 20.06 10.08 -12.03
C GLN F 496 19.28 8.93 -12.63
N GLU F 497 18.71 9.16 -13.80
CA GLU F 497 18.00 8.09 -14.49
C GLU F 497 19.14 7.40 -15.23
N LYS F 498 19.30 6.10 -15.02
CA LYS F 498 20.39 5.35 -15.63
C LYS F 498 20.10 4.92 -17.05
N GLY F 499 21.16 4.59 -17.79
CA GLY F 499 21.01 4.16 -19.16
C GLY F 499 21.27 5.29 -20.13
N GLU F 500 20.79 5.14 -21.36
CA GLU F 500 20.97 6.18 -22.36
C GLU F 500 19.83 7.16 -22.19
N LYS F 501 18.62 6.62 -22.22
CA LYS F 501 17.40 7.42 -22.07
C LYS F 501 17.60 8.51 -21.03
N GLY F 502 18.32 8.17 -19.95
CA GLY F 502 18.59 9.13 -18.91
C GLY F 502 19.41 10.30 -19.43
N GLN F 503 20.56 10.02 -20.02
CA GLN F 503 21.42 11.08 -20.53
C GLN F 503 20.69 11.92 -21.59
N THR F 504 19.78 11.27 -22.32
CA THR F 504 18.99 11.94 -23.34
C THR F 504 18.14 12.99 -22.66
N ARG F 505 17.27 12.52 -21.78
CA ARG F 505 16.37 13.40 -21.06
C ARG F 505 17.02 14.67 -20.50
N ILE F 506 18.30 14.62 -20.13
CA ILE F 506 18.94 15.83 -19.62
C ILE F 506 19.38 16.73 -20.78
N GLU F 507 19.73 16.12 -21.91
CA GLU F 507 20.15 16.85 -23.09
C GLU F 507 18.95 17.62 -23.63
N ASN F 508 17.78 16.97 -23.66
CA ASN F 508 16.55 17.59 -24.14
C ASN F 508 16.15 18.74 -23.23
N LEU F 509 16.50 18.62 -21.96
CA LEU F 509 16.20 19.65 -20.96
C LEU F 509 17.15 20.80 -21.20
N GLU F 510 18.29 20.50 -21.81
CA GLU F 510 19.29 21.49 -22.12
C GLU F 510 18.88 22.19 -23.40
N GLU F 511 18.44 21.40 -24.38
CA GLU F 511 18.01 21.96 -25.64
C GLU F 511 16.80 22.84 -25.36
N LEU F 512 16.15 22.60 -24.22
CA LEU F 512 14.99 23.38 -23.87
C LEU F 512 15.39 24.76 -23.37
N VAL F 513 16.46 24.86 -22.60
CA VAL F 513 16.86 26.18 -22.13
C VAL F 513 17.27 26.99 -23.35
N THR F 514 18.08 26.36 -24.20
CA THR F 514 18.56 26.99 -25.42
C THR F 514 17.39 27.50 -26.27
N ALA F 515 16.45 26.63 -26.58
CA ALA F 515 15.30 27.01 -27.38
C ALA F 515 14.56 28.18 -26.73
N THR F 516 14.67 28.28 -25.42
CA THR F 516 14.00 29.35 -24.69
C THR F 516 14.79 30.64 -24.88
N ARG F 517 16.10 30.50 -24.96
CA ARG F 517 16.96 31.64 -25.17
C ARG F 517 16.65 32.15 -26.58
N GLN F 518 16.80 31.26 -27.56
CA GLN F 518 16.56 31.58 -28.97
C GLN F 518 15.14 31.98 -29.39
N PHE F 519 14.18 31.90 -28.46
CA PHE F 519 12.79 32.24 -28.78
C PHE F 519 12.59 33.65 -29.30
N SER F 520 12.02 33.74 -30.50
CA SER F 520 11.75 35.01 -31.18
C SER F 520 10.37 35.57 -30.85
N TYR F 521 10.36 36.62 -30.03
CA TYR F 521 9.12 37.29 -29.62
C TYR F 521 9.22 38.79 -29.92
N ASP F 525 2.53 42.18 -28.35
CA ASP F 525 2.37 43.36 -27.51
C ASP F 525 1.18 43.21 -26.56
N GLU F 526 1.38 43.53 -25.28
CA GLU F 526 0.33 43.43 -24.26
C GLU F 526 -0.53 42.17 -24.47
N ASP F 527 0.13 41.01 -24.47
CA ASP F 527 -0.49 39.69 -24.67
C ASP F 527 0.66 38.71 -24.93
N LEU F 528 1.88 39.25 -24.94
CA LEU F 528 3.06 38.44 -25.16
C LEU F 528 3.63 37.96 -23.84
N MET F 529 4.47 38.77 -23.21
CA MET F 529 5.13 38.36 -21.97
C MET F 529 5.66 36.97 -22.30
N PRO F 530 6.84 36.93 -22.92
CA PRO F 530 7.60 35.77 -23.37
C PRO F 530 7.24 34.39 -22.82
N LEU F 531 6.77 34.32 -21.58
CA LEU F 531 6.41 33.04 -21.00
C LEU F 531 5.16 32.48 -21.66
N GLN F 532 4.03 33.16 -21.50
CA GLN F 532 2.76 32.71 -22.09
C GLN F 532 2.90 32.57 -23.60
N ALA F 533 3.83 33.35 -24.15
CA ALA F 533 4.09 33.35 -25.57
C ALA F 533 4.75 32.06 -25.98
N PHE F 534 5.76 31.66 -25.21
CA PHE F 534 6.54 30.45 -25.46
C PHE F 534 5.78 29.20 -25.10
N LEU F 535 4.96 29.30 -24.06
CA LEU F 535 4.16 28.17 -23.63
C LEU F 535 3.18 27.75 -24.72
N SER F 536 2.42 28.72 -25.22
CA SER F 536 1.42 28.45 -26.24
C SER F 536 2.11 28.04 -27.53
N HIS F 537 3.28 28.62 -27.79
CA HIS F 537 4.04 28.28 -28.99
C HIS F 537 4.44 26.82 -28.91
N ALA F 538 4.63 26.34 -27.69
CA ALA F 538 5.02 24.97 -27.43
C ALA F 538 3.87 24.03 -27.67
N ALA F 539 2.67 24.44 -27.28
CA ALA F 539 1.49 23.61 -27.49
C ALA F 539 1.16 23.50 -28.96
N LEU F 540 1.59 24.48 -29.75
CA LEU F 540 1.31 24.49 -31.17
C LEU F 540 2.48 24.03 -32.06
N GLU F 541 3.67 23.91 -31.48
CA GLU F 541 4.86 23.47 -32.22
C GLU F 541 5.31 22.09 -31.70
N ALA F 542 6.53 21.68 -32.08
CA ALA F 542 7.14 20.40 -31.68
C ALA F 542 8.19 19.88 -32.68
N GLY F 543 9.45 19.86 -32.28
CA GLY F 543 10.51 19.36 -33.16
C GLY F 543 10.53 17.84 -33.22
N GLU F 544 11.69 17.23 -33.49
CA GLU F 544 11.75 15.76 -33.57
C GLU F 544 13.09 15.22 -33.07
N GLY F 545 13.29 13.92 -33.23
CA GLY F 545 14.52 13.27 -32.79
C GLY F 545 15.80 13.69 -33.49
N GLN F 546 16.39 12.79 -34.27
CA GLN F 546 17.63 13.09 -34.99
C GLN F 546 17.93 11.97 -35.99
N ASP F 552 22.43 12.00 -45.24
CA ASP F 552 22.25 11.03 -46.31
C ASP F 552 21.58 9.77 -45.74
N ALA F 553 20.42 9.94 -45.14
CA ALA F 553 19.68 8.83 -44.56
C ALA F 553 18.74 8.24 -45.59
N VAL F 554 17.71 7.54 -45.12
CA VAL F 554 16.73 6.91 -46.01
C VAL F 554 15.34 6.98 -45.39
N GLN F 555 14.55 7.95 -45.82
CA GLN F 555 13.20 8.12 -45.30
C GLN F 555 12.44 6.82 -45.24
N LEU F 556 11.33 6.84 -44.51
CA LEU F 556 10.46 5.68 -44.31
C LEU F 556 9.29 6.24 -43.52
N MET F 557 8.07 5.96 -43.95
CA MET F 557 6.92 6.52 -43.24
C MET F 557 5.60 5.95 -43.73
N THR F 558 4.52 6.40 -43.09
CA THR F 558 3.20 5.97 -43.44
C THR F 558 2.78 6.71 -44.70
N LEU F 559 1.66 6.32 -45.28
CA LEU F 559 1.18 6.95 -46.51
C LEU F 559 0.95 8.43 -46.25
N HIS F 560 0.01 8.72 -45.36
CA HIS F 560 -0.33 10.09 -45.01
C HIS F 560 0.89 10.93 -44.66
N SER F 561 1.71 10.46 -43.73
CA SER F 561 2.88 11.20 -43.34
C SER F 561 3.82 11.46 -44.52
N ALA F 562 3.33 11.24 -45.73
CA ALA F 562 4.12 11.45 -46.94
C ALA F 562 3.42 12.46 -47.87
N LYS F 563 2.13 12.68 -47.63
CA LYS F 563 1.37 13.62 -48.44
C LYS F 563 2.08 14.97 -48.50
N GLY F 564 2.53 15.33 -49.69
CA GLY F 564 3.19 16.60 -49.85
C GLY F 564 4.65 16.46 -50.17
N LEU F 565 5.14 15.23 -50.30
CA LEU F 565 6.56 15.04 -50.61
C LEU F 565 6.86 14.47 -51.99
N GLU F 566 8.08 13.99 -52.18
CA GLU F 566 8.49 13.44 -53.46
C GLU F 566 9.96 13.10 -53.42
N PHE F 567 10.32 11.96 -54.00
CA PHE F 567 11.71 11.54 -54.03
C PHE F 567 11.89 10.78 -55.34
N PRO F 568 13.10 10.84 -55.93
CA PRO F 568 13.31 10.11 -57.18
C PRO F 568 12.81 8.68 -57.02
N GLN F 569 13.39 7.94 -56.08
CA GLN F 569 12.93 6.57 -55.86
C GLN F 569 11.91 6.57 -54.74
N VAL F 570 10.93 5.69 -54.82
CA VAL F 570 9.92 5.59 -53.76
C VAL F 570 9.28 4.23 -53.87
N PHE F 571 9.68 3.36 -52.95
CA PHE F 571 9.20 1.97 -52.91
C PHE F 571 8.02 1.75 -52.00
N ILE F 572 6.78 1.97 -52.45
CA ILE F 572 5.66 1.68 -51.53
C ILE F 572 5.89 0.23 -51.17
N VAL F 573 5.43 -0.20 -49.99
CA VAL F 573 5.64 -1.59 -49.56
C VAL F 573 4.41 -2.26 -48.92
N GLY F 574 4.43 -3.59 -48.83
CA GLY F 574 3.27 -4.27 -48.28
C GLY F 574 2.20 -4.09 -49.34
N MET F 575 2.64 -4.31 -50.58
CA MET F 575 1.84 -4.19 -51.79
C MET F 575 0.87 -5.36 -51.95
N GLU F 576 -0.30 -5.25 -51.32
CA GLU F 576 -1.30 -6.31 -51.42
C GLU F 576 -2.59 -6.08 -50.67
N GLU F 577 -3.49 -7.07 -50.78
CA GLU F 577 -4.80 -7.05 -50.15
C GLU F 577 -4.66 -7.33 -48.67
N GLY F 578 -5.56 -6.78 -47.87
CA GLY F 578 -5.51 -6.98 -46.43
C GLY F 578 -4.44 -6.10 -45.79
N MET F 579 -3.49 -5.66 -46.61
CA MET F 579 -2.39 -4.80 -46.19
C MET F 579 -2.60 -3.39 -46.75
N PHE F 580 -2.83 -3.31 -48.07
CA PHE F 580 -3.07 -2.03 -48.76
C PHE F 580 -3.77 -2.25 -50.10
N PRO F 581 -5.12 -2.11 -50.14
CA PRO F 581 -6.04 -1.74 -49.05
C PRO F 581 -6.05 -2.78 -47.93
N SER F 582 -5.93 -2.29 -46.71
CA SER F 582 -5.92 -3.14 -45.53
C SER F 582 -7.03 -4.19 -45.56
N GLN F 583 -7.98 -3.98 -46.48
CA GLN F 583 -9.13 -4.85 -46.65
C GLN F 583 -10.15 -4.40 -45.62
N MET F 584 -10.51 -3.12 -45.71
CA MET F 584 -11.47 -2.53 -44.79
C MET F 584 -12.75 -3.38 -44.67
N ARG F 591 -15.94 4.43 -48.55
CA ARG F 591 -14.71 4.52 -47.75
C ARG F 591 -13.62 3.80 -48.52
N LEU F 592 -14.01 3.12 -49.58
CA LEU F 592 -13.07 2.37 -50.40
C LEU F 592 -12.12 3.33 -51.14
N GLU F 593 -12.70 4.37 -51.75
CA GLU F 593 -11.91 5.35 -52.50
C GLU F 593 -10.73 5.89 -51.69
N GLU F 594 -11.01 6.25 -50.43
CA GLU F 594 -10.01 6.81 -49.52
C GLU F 594 -8.71 6.06 -49.59
N GLU F 595 -8.80 4.76 -49.85
CA GLU F 595 -7.60 3.92 -49.94
C GLU F 595 -6.77 4.21 -51.19
N ARG F 596 -7.38 4.11 -52.36
CA ARG F 596 -6.67 4.37 -53.62
C ARG F 596 -6.10 5.78 -53.56
N ARG F 597 -6.89 6.69 -53.01
CA ARG F 597 -6.47 8.06 -52.86
C ARG F 597 -5.03 8.05 -52.35
N LEU F 598 -4.82 7.42 -51.21
CA LEU F 598 -3.49 7.34 -50.63
C LEU F 598 -2.54 6.68 -51.61
N ALA F 599 -3.07 5.83 -52.50
CA ALA F 599 -2.23 5.16 -53.49
C ALA F 599 -1.91 6.22 -54.52
N TYR F 600 -2.89 7.06 -54.80
CA TYR F 600 -2.69 8.15 -55.74
C TYR F 600 -1.60 8.95 -55.05
N VAL F 601 -1.93 9.42 -53.85
CA VAL F 601 -1.00 10.19 -53.02
C VAL F 601 0.31 9.44 -52.89
N GLY F 602 0.21 8.11 -52.90
CA GLY F 602 1.39 7.30 -52.78
C GLY F 602 2.21 7.32 -54.05
N VAL F 603 1.56 7.07 -55.17
CA VAL F 603 2.27 7.05 -56.44
C VAL F 603 2.79 8.42 -56.80
N THR F 604 1.95 9.42 -56.64
CA THR F 604 2.30 10.79 -56.98
C THR F 604 3.50 11.36 -56.25
N ARG F 605 4.12 10.55 -55.41
CA ARG F 605 5.28 11.00 -54.66
C ARG F 605 6.55 10.66 -55.43
N ALA F 606 6.40 9.80 -56.43
CA ALA F 606 7.54 9.37 -57.23
C ALA F 606 7.93 10.38 -58.29
N MET F 607 9.19 10.30 -58.70
CA MET F 607 9.73 11.19 -59.73
C MET F 607 10.46 10.34 -60.78
N GLN F 608 11.75 10.07 -60.56
CA GLN F 608 12.54 9.27 -61.50
C GLN F 608 12.00 7.85 -61.66
N LYS F 609 11.53 7.24 -60.57
CA LYS F 609 11.04 5.88 -60.64
C LYS F 609 10.22 5.41 -59.45
N LEU F 610 9.20 4.62 -59.72
CA LEU F 610 8.38 4.05 -58.66
C LEU F 610 8.81 2.59 -58.69
N THR F 611 8.39 1.81 -57.70
CA THR F 611 8.74 0.38 -57.63
C THR F 611 8.08 -0.31 -56.44
N LEU F 612 6.85 -0.77 -56.65
CA LEU F 612 6.10 -1.43 -55.61
C LEU F 612 6.58 -2.85 -55.38
N THR F 613 6.66 -3.25 -54.11
CA THR F 613 7.06 -4.61 -53.73
C THR F 613 5.99 -5.24 -52.85
N TYR F 614 5.80 -6.54 -53.02
CA TYR F 614 4.84 -7.33 -52.25
C TYR F 614 5.41 -8.74 -52.10
N ALA F 615 4.89 -9.50 -51.14
CA ALA F 615 5.38 -10.85 -50.91
C ALA F 615 4.28 -11.89 -50.99
N GLU F 616 4.66 -13.12 -50.67
CA GLU F 616 3.73 -14.23 -50.64
C GLU F 616 3.76 -14.67 -49.17
N THR F 617 4.46 -13.88 -48.35
CA THR F 617 4.56 -14.15 -46.93
C THR F 617 4.95 -12.93 -46.10
N ARG F 618 4.45 -12.91 -44.86
CA ARG F 618 4.69 -11.86 -43.88
C ARG F 618 4.05 -12.41 -42.58
N ARG F 619 4.08 -11.64 -41.50
CA ARG F 619 3.51 -12.13 -40.24
C ARG F 619 2.62 -11.13 -39.47
N LEU F 620 1.31 -11.31 -39.57
CA LEU F 620 0.35 -10.45 -38.86
C LEU F 620 0.42 -10.83 -37.40
N TYR F 621 1.25 -10.09 -36.65
CA TYR F 621 1.52 -10.32 -35.23
C TYR F 621 1.57 -11.79 -34.82
N GLY F 622 2.64 -12.47 -35.23
CA GLY F 622 2.79 -13.87 -34.92
C GLY F 622 2.18 -14.76 -35.98
N LYS F 623 0.86 -14.66 -36.14
CA LYS F 623 0.13 -15.44 -37.13
C LYS F 623 0.79 -15.29 -38.50
N GLU F 624 1.28 -16.41 -39.04
CA GLU F 624 1.94 -16.46 -40.35
C GLU F 624 0.92 -16.29 -41.47
N VAL F 625 0.92 -15.13 -42.12
CA VAL F 625 -0.05 -14.85 -43.19
C VAL F 625 0.56 -14.85 -44.60
N TYR F 626 -0.19 -15.42 -45.54
CA TYR F 626 0.24 -15.49 -46.93
C TYR F 626 -0.77 -14.69 -47.77
N HIS F 627 -0.56 -13.38 -47.83
CA HIS F 627 -1.45 -12.50 -48.57
C HIS F 627 -1.22 -12.56 -50.08
N ARG F 628 -2.06 -11.86 -50.83
CA ARG F 628 -2.00 -11.79 -52.29
C ARG F 628 -1.91 -10.35 -52.80
N PRO F 629 -1.02 -10.08 -53.77
CA PRO F 629 -0.81 -8.74 -54.35
C PRO F 629 -2.05 -7.87 -54.47
N SER F 630 -1.87 -6.57 -54.19
CA SER F 630 -2.94 -5.57 -54.21
C SER F 630 -3.65 -5.29 -55.54
N ARG F 631 -4.97 -5.20 -55.47
CA ARG F 631 -5.76 -4.93 -56.66
C ARG F 631 -5.22 -3.71 -57.37
N PHE F 632 -4.84 -2.71 -56.58
CA PHE F 632 -4.30 -1.46 -57.12
C PHE F 632 -3.07 -1.72 -57.97
N ILE F 633 -2.22 -2.65 -57.57
CA ILE F 633 -1.03 -2.95 -58.35
C ILE F 633 -1.46 -3.79 -59.56
N GLY F 634 -2.72 -3.58 -59.97
CA GLY F 634 -3.31 -4.26 -61.11
C GLY F 634 -4.10 -3.29 -61.96
N GLU F 635 -4.71 -2.29 -61.32
CA GLU F 635 -5.53 -1.28 -62.01
C GLU F 635 -4.73 -0.37 -62.92
N LEU F 636 -3.42 -0.42 -62.76
CA LEU F 636 -2.52 0.40 -63.55
C LEU F 636 -2.42 -0.08 -65.00
N PRO F 637 -1.84 0.74 -65.88
CA PRO F 637 -1.67 0.39 -67.28
C PRO F 637 -0.51 -0.61 -67.38
N GLU F 638 -0.85 -1.80 -67.86
CA GLU F 638 0.11 -2.89 -68.00
C GLU F 638 1.35 -2.52 -68.83
N GLU F 639 1.29 -1.39 -69.53
CA GLU F 639 2.41 -0.95 -70.36
C GLU F 639 3.38 -0.13 -69.51
N CYS F 640 2.82 0.48 -68.47
CA CYS F 640 3.56 1.34 -67.56
C CYS F 640 4.26 0.57 -66.42
N VAL F 641 3.82 -0.66 -66.16
CA VAL F 641 4.42 -1.51 -65.12
C VAL F 641 5.74 -2.17 -65.63
N GLU F 642 6.25 -3.18 -64.93
CA GLU F 642 7.51 -3.87 -65.31
C GLU F 642 7.94 -4.84 -64.19
N GLU F 643 8.00 -6.13 -64.51
CA GLU F 643 8.36 -7.16 -63.53
C GLU F 643 9.86 -7.46 -63.38
N VAL F 644 10.32 -7.38 -62.13
CA VAL F 644 11.71 -7.64 -61.78
C VAL F 644 11.78 -8.97 -61.03
HG HG G . 11.60 13.36 52.89
HG HG H . 5.88 -4.61 67.78
HG HG I . -8.80 -44.31 50.45
S SO4 J . 3.11 -18.55 52.05
O1 SO4 J . 3.15 -17.08 52.21
O2 SO4 J . 2.93 -18.89 50.63
O3 SO4 J . 4.37 -19.15 52.53
O4 SO4 J . 1.98 -19.09 52.84
S SO4 K . 6.54 -24.66 53.66
O1 SO4 K . 6.78 -23.69 54.76
O2 SO4 K . 6.41 -26.03 54.22
O3 SO4 K . 5.31 -24.27 52.93
O4 SO4 K . 7.69 -24.67 52.74
C1 GOL L . 7.50 -21.69 50.90
O1 GOL L . 8.80 -21.85 50.27
C2 GOL L . 6.38 -22.27 50.00
O2 GOL L . 6.59 -23.67 49.75
C3 GOL L . 5.03 -22.07 50.69
O3 GOL L . 3.98 -22.59 49.87
HG HG M . 7.34 -14.37 -54.95
HG HG N . 3.23 4.02 -69.77
S SO4 O . 1.06 17.96 -54.09
O1 SO4 O . 0.56 16.80 -54.86
O2 SO4 O . 0.40 17.93 -52.77
O3 SO4 O . 2.53 17.90 -53.95
O4 SO4 O . 0.70 19.21 -54.78
C1 GOL P . 6.21 23.21 -56.24
O1 GOL P . 7.26 24.16 -56.04
C2 GOL P . 5.31 23.20 -55.01
O2 GOL P . 4.80 24.51 -54.82
C3 GOL P . 4.16 22.20 -55.19
O3 GOL P . 3.32 22.22 -54.03
#